data_6EXI
#
_entry.id   6EXI
#
_cell.length_a   90.635
_cell.length_b   124.360
_cell.length_c   92.721
_cell.angle_alpha   90.00
_cell.angle_beta   103.71
_cell.angle_gamma   90.00
#
_symmetry.space_group_name_H-M   'P 1 21 1'
#
loop_
_entity.id
_entity.type
_entity.pdbx_description
1 polymer Adenosylhomocysteinase
2 non-polymer 'SODIUM ION'
3 non-polymer ADENOSINE
4 non-polymer DI(HYDROXYETHYL)ETHER
5 water water
#
_entity_poly.entity_id   1
_entity_poly.type   'polypeptide(L)'
_entity_poly.pdbx_seq_one_letter_code
;GIDPFTMNAKPGFTDYIVKDIALADFGRKEISLAETEMPGLMATREEYGPKQPLKGARIAGSLHMTIQTAVLIETLAALG
ADIRWVSCNIYSTQDHAAAAIAAAGIPVFAVKGETLTEYWDYTAKLFDWHGGGTPNMILDDGGDATMLVHAGYRAEQGDT
AFLDKPGSEEEEIFYALVKRLLKEKPKGWFAEIAKNIKGVSEETTTGVHRLYEMANKGTLLFPAINVNDSVTKSKFDNLY
GCRESLVDGIRRGTDVMLSGKVAMVAGFGDVGKGSAASLRQAGCRVMVSEVDPICALQAAMEGYEVVTMEDAAPRADIFV
TATGNKDIITIEHMRAMKDRAIVCNIGHFDNEIQIASLRNLKWTNIKPQVDEIEFPDKHRIIMLSEGRLVNLGNAMGHPS
FVMSASFTNQTLAQIELFANNKDSKYAKKVYVLPKTLDEKVARLHLAKIGVKLTELRKDQADYIGVKQEGPYKSDHYRY
;
_entity_poly.pdbx_strand_id   A,B,C,D
#
# COMPACT_ATOMS: atom_id res chain seq x y z
N GLY A 12 8.30 -40.00 -37.20
CA GLY A 12 9.60 -39.79 -36.56
C GLY A 12 10.17 -38.38 -36.73
N PHE A 13 9.67 -37.44 -35.95
CA PHE A 13 10.14 -36.05 -35.99
C PHE A 13 11.43 -35.93 -35.17
N THR A 14 12.51 -35.46 -35.78
CA THR A 14 13.79 -35.36 -35.08
C THR A 14 14.38 -33.96 -35.07
N ASP A 15 13.72 -33.00 -35.69
CA ASP A 15 14.34 -31.70 -35.96
C ASP A 15 14.12 -30.74 -34.80
N TYR A 16 14.72 -31.09 -33.67
CA TYR A 16 14.55 -30.29 -32.48
C TYR A 16 15.70 -30.60 -31.53
N ILE A 17 15.88 -29.71 -30.55
CA ILE A 17 16.78 -29.96 -29.43
C ILE A 17 16.13 -29.39 -28.18
N VAL A 18 15.83 -30.27 -27.22
CA VAL A 18 15.21 -29.92 -25.93
C VAL A 18 15.85 -30.75 -24.83
N LYS A 19 15.66 -30.33 -23.59
CA LYS A 19 16.33 -31.04 -22.51
C LYS A 19 15.83 -32.48 -22.42
N ASP A 20 14.53 -32.69 -22.59
CA ASP A 20 13.94 -34.01 -22.40
C ASP A 20 12.51 -34.05 -22.90
N ILE A 21 12.31 -34.74 -24.02
CA ILE A 21 11.02 -34.75 -24.69
C ILE A 21 9.94 -35.35 -23.80
N ALA A 22 10.32 -36.15 -22.79
CA ALA A 22 9.34 -36.75 -21.87
C ALA A 22 8.53 -35.71 -21.09
N LEU A 23 8.97 -34.45 -21.05
CA LEU A 23 8.23 -33.42 -20.33
C LEU A 23 7.04 -32.89 -21.11
N ALA A 24 6.83 -33.37 -22.33
CA ALA A 24 5.80 -32.84 -23.21
C ALA A 24 4.42 -32.86 -22.58
N ASP A 25 4.04 -33.97 -21.89
CA ASP A 25 2.70 -34.06 -21.29
C ASP A 25 2.48 -32.97 -20.24
N PHE A 26 3.46 -32.80 -19.36
CA PHE A 26 3.41 -31.74 -18.36
C PHE A 26 3.34 -30.36 -19.06
N GLY A 27 4.15 -30.15 -20.10
CA GLY A 27 4.08 -28.91 -20.85
C GLY A 27 2.69 -28.63 -21.40
N ARG A 28 2.09 -29.63 -22.04
CA ARG A 28 0.75 -29.46 -22.60
C ARG A 28 -0.26 -29.06 -21.54
N LYS A 29 -0.19 -29.64 -20.34
CA LYS A 29 -1.18 -29.30 -19.31
C LYS A 29 -1.06 -27.83 -18.93
N GLU A 30 0.17 -27.34 -18.77
CA GLU A 30 0.30 -25.95 -18.35
C GLU A 30 0.07 -25.00 -19.51
N ILE A 31 0.30 -25.45 -20.74
CA ILE A 31 -0.10 -24.64 -21.88
C ILE A 31 -1.61 -24.49 -21.92
N SER A 32 -2.33 -25.58 -21.63
CA SER A 32 -3.78 -25.50 -21.63
C SER A 32 -4.27 -24.51 -20.57
N LEU A 33 -3.71 -24.58 -19.37
CA LEU A 33 -4.07 -23.62 -18.32
C LEU A 33 -3.76 -22.18 -18.74
N ALA A 34 -2.60 -21.96 -19.32
CA ALA A 34 -2.23 -20.63 -19.81
C ALA A 34 -3.18 -20.09 -20.89
N GLU A 35 -3.67 -20.92 -21.80
CA GLU A 35 -4.66 -20.43 -22.78
C GLU A 35 -5.84 -19.75 -22.11
N THR A 36 -6.34 -20.33 -21.02
CA THR A 36 -7.47 -19.69 -20.33
C THR A 36 -7.08 -18.33 -19.80
N GLU A 37 -5.80 -18.15 -19.48
CA GLU A 37 -5.25 -16.91 -18.95
C GLU A 37 -4.77 -15.96 -20.03
N MET A 38 -4.85 -16.33 -21.30
CA MET A 38 -4.34 -15.52 -22.41
C MET A 38 -5.41 -15.22 -23.43
N PRO A 39 -6.47 -14.51 -23.03
CA PRO A 39 -7.64 -14.36 -23.92
C PRO A 39 -7.36 -13.55 -25.18
N GLY A 40 -6.38 -12.66 -25.15
CA GLY A 40 -6.04 -11.95 -26.36
C GLY A 40 -5.52 -12.87 -27.45
N LEU A 41 -4.64 -13.80 -27.10
CA LEU A 41 -4.18 -14.72 -28.12
C LEU A 41 -5.32 -15.60 -28.62
N MET A 42 -6.15 -16.11 -27.72
CA MET A 42 -7.21 -17.01 -28.18
C MET A 42 -8.27 -16.27 -28.99
N ALA A 43 -8.61 -15.04 -28.63
CA ALA A 43 -9.50 -14.26 -29.48
C ALA A 43 -8.87 -14.01 -30.85
N THR A 44 -7.57 -13.82 -30.89
CA THR A 44 -6.91 -13.62 -32.18
C THR A 44 -7.02 -14.87 -33.06
N ARG A 45 -6.84 -16.06 -32.47
CA ARG A 45 -7.08 -17.30 -33.20
C ARG A 45 -8.51 -17.35 -33.76
N GLU A 46 -9.51 -16.98 -32.96
CA GLU A 46 -10.89 -17.04 -33.44
C GLU A 46 -11.14 -16.05 -34.58
N GLU A 47 -10.66 -14.82 -34.44
CA GLU A 47 -10.90 -13.84 -35.49
C GLU A 47 -10.18 -14.20 -36.80
N TYR A 48 -8.88 -14.51 -36.74
CA TYR A 48 -8.08 -14.63 -37.96
C TYR A 48 -7.92 -16.06 -38.49
N GLY A 49 -8.35 -17.07 -37.73
CA GLY A 49 -8.25 -18.44 -38.18
C GLY A 49 -8.90 -18.71 -39.54
N PRO A 50 -10.14 -18.28 -39.72
CA PRO A 50 -10.78 -18.53 -41.02
C PRO A 50 -9.99 -17.99 -42.21
N LYS A 51 -9.39 -16.80 -42.10
CA LYS A 51 -8.65 -16.23 -43.21
C LYS A 51 -7.25 -16.83 -43.39
N GLN A 52 -6.66 -17.40 -42.35
CA GLN A 52 -5.32 -17.97 -42.42
C GLN A 52 -4.33 -16.94 -42.98
N PRO A 53 -4.25 -15.76 -42.36
CA PRO A 53 -3.40 -14.70 -42.94
C PRO A 53 -1.92 -15.03 -42.92
N LEU A 54 -1.48 -15.97 -42.08
CA LEU A 54 -0.08 -16.37 -42.06
C LEU A 54 0.20 -17.63 -42.87
N LYS A 55 -0.73 -18.05 -43.72
CA LYS A 55 -0.45 -19.13 -44.64
C LYS A 55 0.66 -18.72 -45.61
N GLY A 56 1.71 -19.53 -45.64
CA GLY A 56 2.89 -19.18 -46.40
C GLY A 56 3.96 -18.44 -45.63
N ALA A 57 3.68 -18.03 -44.39
CA ALA A 57 4.73 -17.43 -43.57
C ALA A 57 5.66 -18.52 -43.06
N ARG A 58 6.93 -18.20 -42.99
CA ARG A 58 7.96 -19.07 -42.45
CA ARG A 58 7.99 -19.06 -42.47
C ARG A 58 8.66 -18.25 -41.37
N ILE A 59 8.16 -18.41 -40.14
CA ILE A 59 8.56 -17.54 -39.06
C ILE A 59 9.72 -18.16 -38.29
N ALA A 60 10.85 -17.46 -38.27
CA ALA A 60 11.94 -17.76 -37.36
C ALA A 60 11.76 -16.94 -36.07
N GLY A 61 11.56 -17.61 -34.95
CA GLY A 61 11.31 -16.95 -33.67
C GLY A 61 12.47 -17.11 -32.73
N SER A 62 12.87 -16.01 -32.09
CA SER A 62 13.90 -16.01 -31.05
C SER A 62 13.33 -15.29 -29.83
N LEU A 63 12.78 -16.05 -28.89
CA LEU A 63 12.09 -15.43 -27.78
C LEU A 63 11.96 -16.51 -26.71
N HIS A 64 12.34 -16.15 -25.49
CA HIS A 64 12.18 -16.96 -24.26
C HIS A 64 11.20 -18.12 -24.42
N MET A 65 11.68 -19.37 -24.41
CA MET A 65 10.86 -20.55 -24.73
C MET A 65 10.09 -20.98 -23.47
N THR A 66 9.08 -20.19 -23.14
CA THR A 66 8.28 -20.38 -21.95
C THR A 66 6.92 -20.97 -22.32
N ILE A 67 6.14 -21.34 -21.29
CA ILE A 67 4.74 -21.72 -21.52
C ILE A 67 3.99 -20.60 -22.27
N GLN A 68 4.20 -19.35 -21.86
CA GLN A 68 3.53 -18.23 -22.54
C GLN A 68 3.91 -18.17 -24.01
N THR A 69 5.20 -18.35 -24.30
CA THR A 69 5.63 -18.29 -25.69
C THR A 69 5.04 -19.45 -26.48
N ALA A 70 4.88 -20.62 -25.84
CA ALA A 70 4.23 -21.73 -26.51
C ALA A 70 2.85 -21.37 -27.03
N VAL A 71 2.09 -20.57 -26.26
CA VAL A 71 0.75 -20.17 -26.71
C VAL A 71 0.86 -19.20 -27.90
N LEU A 72 1.83 -18.29 -27.87
CA LEU A 72 2.12 -17.45 -29.03
C LEU A 72 2.46 -18.31 -30.27
N ILE A 73 3.42 -19.22 -30.12
CA ILE A 73 3.80 -20.15 -31.20
C ILE A 73 2.57 -20.85 -31.78
N GLU A 74 1.74 -21.42 -30.92
CA GLU A 74 0.59 -22.14 -31.44
C GLU A 74 -0.48 -21.21 -31.99
N THR A 75 -0.57 -19.96 -31.52
CA THR A 75 -1.42 -18.97 -32.17
C THR A 75 -0.93 -18.70 -33.61
N LEU A 76 0.35 -18.40 -33.78
CA LEU A 76 0.89 -18.21 -35.13
C LEU A 76 0.57 -19.42 -36.02
N ALA A 77 0.72 -20.63 -35.49
CA ALA A 77 0.48 -21.83 -36.28
C ALA A 77 -0.99 -21.96 -36.62
N ALA A 78 -1.87 -21.58 -35.69
CA ALA A 78 -3.29 -21.64 -35.97
C ALA A 78 -3.68 -20.67 -37.06
N LEU A 79 -2.85 -19.66 -37.33
CA LEU A 79 -3.12 -18.70 -38.39
C LEU A 79 -2.45 -19.07 -39.72
N GLY A 80 -1.77 -20.21 -39.76
CA GLY A 80 -1.22 -20.81 -40.96
C GLY A 80 0.29 -20.81 -41.03
N ALA A 81 0.98 -20.26 -40.04
CA ALA A 81 2.43 -20.14 -40.08
C ALA A 81 3.16 -21.48 -39.96
N ASP A 82 4.24 -21.59 -40.73
CA ASP A 82 5.33 -22.54 -40.54
C ASP A 82 6.39 -21.86 -39.67
N ILE A 83 7.02 -22.63 -38.76
CA ILE A 83 7.74 -22.02 -37.64
C ILE A 83 9.00 -22.78 -37.30
N ARG A 84 10.05 -22.06 -36.96
CA ARG A 84 11.16 -22.63 -36.20
C ARG A 84 11.45 -21.68 -35.06
N TRP A 85 11.93 -22.21 -33.91
CA TRP A 85 11.99 -21.39 -32.72
C TRP A 85 13.21 -21.70 -31.85
N VAL A 86 13.70 -20.67 -31.17
CA VAL A 86 14.80 -20.77 -30.22
C VAL A 86 14.48 -19.84 -29.05
N SER A 87 15.14 -20.06 -27.93
CA SER A 87 15.05 -19.09 -26.85
C SER A 87 15.97 -17.90 -27.11
N CYS A 88 15.67 -16.76 -26.50
CA CYS A 88 16.57 -15.60 -26.61
C CYS A 88 17.40 -15.41 -25.35
N ASN A 89 17.44 -16.40 -24.47
CA ASN A 89 18.24 -16.33 -23.25
C ASN A 89 18.53 -17.77 -22.82
N ILE A 90 19.71 -17.96 -22.23
CA ILE A 90 20.18 -19.33 -21.99
C ILE A 90 19.57 -19.95 -20.74
N TYR A 91 18.91 -19.15 -19.89
CA TYR A 91 18.26 -19.71 -18.70
C TYR A 91 16.75 -19.55 -18.71
N SER A 92 16.18 -18.94 -19.73
CA SER A 92 14.78 -18.61 -19.67
C SER A 92 13.86 -19.70 -20.20
N THR A 93 14.40 -20.71 -20.91
CA THR A 93 13.54 -21.77 -21.41
C THR A 93 12.89 -22.49 -20.24
N GLN A 94 11.61 -22.81 -20.39
CA GLN A 94 10.92 -23.78 -19.54
C GLN A 94 10.91 -25.10 -20.32
N ASP A 95 11.69 -26.08 -19.84
CA ASP A 95 11.94 -27.31 -20.60
C ASP A 95 10.64 -28.02 -20.97
N HIS A 96 9.61 -27.96 -20.11
CA HIS A 96 8.38 -28.65 -20.48
C HIS A 96 7.64 -27.92 -21.61
N ALA A 97 7.69 -26.57 -21.63
CA ALA A 97 7.15 -25.84 -22.77
C ALA A 97 7.89 -26.20 -24.07
N ALA A 98 9.22 -26.21 -24.02
CA ALA A 98 10.01 -26.60 -25.19
C ALA A 98 9.63 -28.00 -25.66
N ALA A 99 9.50 -28.95 -24.74
CA ALA A 99 9.13 -30.31 -25.08
C ALA A 99 7.78 -30.37 -25.77
N ALA A 100 6.77 -29.69 -25.21
CA ALA A 100 5.46 -29.66 -25.85
C ALA A 100 5.54 -29.12 -27.28
N ILE A 101 6.31 -28.05 -27.50
CA ILE A 101 6.43 -27.52 -28.84
C ILE A 101 7.05 -28.57 -29.78
N ALA A 102 8.16 -29.18 -29.36
CA ALA A 102 8.77 -30.22 -30.17
C ALA A 102 7.82 -31.38 -30.39
N ALA A 103 7.10 -31.80 -29.35
CA ALA A 103 6.12 -32.88 -29.48
C ALA A 103 5.02 -32.56 -30.48
N ALA A 104 4.75 -31.29 -30.73
CA ALA A 104 3.77 -30.88 -31.72
C ALA A 104 4.35 -30.79 -33.13
N GLY A 105 5.59 -31.22 -33.33
CA GLY A 105 6.18 -31.22 -34.65
C GLY A 105 6.73 -29.89 -35.13
N ILE A 106 7.06 -28.99 -34.22
CA ILE A 106 7.57 -27.65 -34.51
C ILE A 106 9.05 -27.62 -34.12
N PRO A 107 9.97 -27.38 -35.07
CA PRO A 107 11.40 -27.33 -34.74
C PRO A 107 11.68 -26.26 -33.69
N VAL A 108 12.32 -26.68 -32.61
CA VAL A 108 12.65 -25.82 -31.49
C VAL A 108 14.00 -26.27 -30.94
N PHE A 109 14.84 -25.31 -30.61
CA PHE A 109 16.19 -25.54 -30.10
C PHE A 109 16.35 -24.66 -28.89
N ALA A 110 16.08 -25.22 -27.72
CA ALA A 110 15.94 -24.42 -26.51
C ALA A 110 16.03 -25.34 -25.32
N VAL A 111 17.07 -25.14 -24.51
CA VAL A 111 17.35 -25.92 -23.32
C VAL A 111 17.62 -24.94 -22.19
N LYS A 112 16.94 -25.11 -21.07
CA LYS A 112 17.25 -24.26 -19.92
C LYS A 112 18.67 -24.60 -19.45
N GLY A 113 19.55 -23.61 -19.42
CA GLY A 113 20.92 -23.91 -19.08
C GLY A 113 21.84 -24.29 -20.23
N GLU A 114 21.40 -24.14 -21.47
CA GLU A 114 22.32 -24.27 -22.60
C GLU A 114 23.51 -23.31 -22.40
N THR A 115 24.62 -23.63 -23.05
CA THR A 115 25.77 -22.76 -22.98
C THR A 115 25.62 -21.64 -24.00
N LEU A 116 26.48 -20.62 -23.90
CA LEU A 116 26.41 -19.50 -24.83
C LEU A 116 26.75 -19.95 -26.24
N THR A 117 27.71 -20.87 -26.36
CA THR A 117 28.06 -21.38 -27.70
C THR A 117 26.88 -22.12 -28.30
N GLU A 118 26.22 -22.97 -27.49
CA GLU A 118 25.04 -23.69 -27.95
C GLU A 118 23.94 -22.73 -28.37
N TYR A 119 23.69 -21.73 -27.51
CA TYR A 119 22.72 -20.69 -27.80
C TYR A 119 22.85 -20.18 -29.24
N TRP A 120 24.06 -19.76 -29.60
CA TRP A 120 24.27 -19.15 -30.93
C TRP A 120 24.20 -20.19 -32.05
N ASP A 121 24.77 -21.38 -31.83
CA ASP A 121 24.51 -22.49 -32.73
C ASP A 121 23.02 -22.64 -33.01
N TYR A 122 22.18 -22.56 -31.94
CA TYR A 122 20.75 -22.75 -32.13
C TYR A 122 20.14 -21.60 -32.93
N THR A 123 20.53 -20.36 -32.64
CA THR A 123 20.02 -19.24 -33.44
C THR A 123 20.25 -19.51 -34.95
N ALA A 124 21.44 -19.98 -35.32
CA ALA A 124 21.73 -20.25 -36.73
C ALA A 124 20.76 -21.29 -37.33
N LYS A 125 20.37 -22.29 -36.54
CA LYS A 125 19.45 -23.31 -37.02
C LYS A 125 18.09 -22.76 -37.41
N LEU A 126 17.68 -21.62 -36.88
CA LEU A 126 16.48 -20.94 -37.36
C LEU A 126 16.44 -20.83 -38.90
N PHE A 127 17.59 -20.61 -39.52
CA PHE A 127 17.60 -20.17 -40.90
C PHE A 127 17.75 -21.31 -41.91
N ASP A 128 18.00 -22.53 -41.41
CA ASP A 128 18.01 -23.81 -42.14
C ASP A 128 16.58 -24.32 -42.23
N TRP A 129 15.80 -23.79 -43.17
CA TRP A 129 14.39 -24.16 -43.13
C TRP A 129 14.19 -25.62 -43.50
N HIS A 130 13.33 -26.30 -42.74
CA HIS A 130 13.04 -27.70 -43.02
C HIS A 130 12.36 -27.83 -44.38
N GLY A 131 12.88 -28.75 -45.21
CA GLY A 131 12.41 -28.88 -46.57
C GLY A 131 13.06 -27.95 -47.56
N GLY A 132 13.97 -27.09 -47.12
CA GLY A 132 14.75 -26.26 -48.01
C GLY A 132 14.39 -24.78 -47.88
N GLY A 133 15.37 -23.94 -48.14
CA GLY A 133 15.14 -22.52 -48.11
C GLY A 133 15.47 -21.89 -46.77
N THR A 134 14.95 -20.69 -46.62
CA THR A 134 15.20 -19.82 -45.47
C THR A 134 13.84 -19.42 -44.90
N PRO A 135 13.82 -18.74 -43.75
CA PRO A 135 12.56 -18.12 -43.28
C PRO A 135 12.13 -17.00 -44.21
N ASN A 136 10.93 -16.47 -43.99
CA ASN A 136 10.55 -15.20 -44.62
C ASN A 136 9.98 -14.20 -43.61
N MET A 137 10.11 -14.48 -42.32
CA MET A 137 9.67 -13.60 -41.26
C MET A 137 10.55 -13.86 -40.05
N ILE A 138 10.83 -12.82 -39.28
CA ILE A 138 11.51 -12.99 -38.01
C ILE A 138 10.64 -12.38 -36.93
N LEU A 139 10.49 -13.09 -35.81
CA LEU A 139 9.87 -12.59 -34.59
C LEU A 139 10.97 -12.63 -33.55
N ASP A 140 11.45 -11.46 -33.13
CA ASP A 140 12.72 -11.33 -32.43
C ASP A 140 12.51 -10.69 -31.07
N ASP A 141 13.29 -11.13 -30.08
CA ASP A 141 13.28 -10.52 -28.75
C ASP A 141 14.73 -10.26 -28.36
N GLY A 142 15.17 -9.00 -28.46
CA GLY A 142 16.56 -8.70 -28.22
C GLY A 142 17.37 -8.54 -29.49
N GLY A 143 16.81 -8.84 -30.65
CA GLY A 143 17.49 -8.58 -31.90
C GLY A 143 18.57 -9.58 -32.29
N ASP A 144 18.68 -10.71 -31.60
CA ASP A 144 19.78 -11.63 -31.87
C ASP A 144 19.67 -12.27 -33.25
N ALA A 145 18.46 -12.71 -33.64
CA ALA A 145 18.33 -13.30 -34.97
C ALA A 145 18.51 -12.24 -36.04
N THR A 146 17.95 -11.06 -35.83
CA THR A 146 18.15 -9.95 -36.76
C THR A 146 19.63 -9.64 -36.90
N MET A 147 20.36 -9.62 -35.80
CA MET A 147 21.77 -9.29 -35.80
C MET A 147 22.57 -10.33 -36.57
N LEU A 148 22.22 -11.61 -36.40
CA LEU A 148 22.91 -12.67 -37.13
C LEU A 148 22.82 -12.40 -38.63
N VAL A 149 21.61 -12.09 -39.12
CA VAL A 149 21.46 -11.82 -40.56
C VAL A 149 22.28 -10.61 -40.99
N HIS A 150 22.21 -9.54 -40.22
CA HIS A 150 22.89 -8.33 -40.68
C HIS A 150 24.41 -8.44 -40.56
N ALA A 151 24.91 -9.03 -39.48
CA ALA A 151 26.36 -9.17 -39.36
C ALA A 151 26.91 -10.07 -40.47
N GLY A 152 26.22 -11.18 -40.75
CA GLY A 152 26.64 -12.06 -41.83
C GLY A 152 26.61 -11.36 -43.18
N TYR A 153 25.52 -10.65 -43.47
CA TYR A 153 25.44 -9.92 -44.73
C TYR A 153 26.59 -8.95 -44.84
N ARG A 154 26.84 -8.22 -43.77
CA ARG A 154 27.90 -7.21 -43.75
C ARG A 154 29.25 -7.82 -44.13
N ALA A 155 29.58 -8.94 -43.49
CA ALA A 155 30.85 -9.62 -43.73
C ALA A 155 30.90 -10.21 -45.14
N GLU A 156 29.78 -10.80 -45.59
CA GLU A 156 29.72 -11.42 -46.91
C GLU A 156 29.96 -10.39 -48.01
N GLN A 157 29.50 -9.15 -47.79
CA GLN A 157 29.66 -8.04 -48.75
C GLN A 157 31.05 -7.43 -48.71
N GLY A 158 31.91 -7.92 -47.83
CA GLY A 158 33.31 -7.62 -47.83
C GLY A 158 33.81 -6.87 -46.63
N ASP A 159 32.93 -6.48 -45.69
CA ASP A 159 33.33 -5.69 -44.53
C ASP A 159 33.53 -6.64 -43.34
N THR A 160 34.71 -7.26 -43.31
CA THR A 160 34.96 -8.35 -42.35
C THR A 160 35.76 -7.94 -41.11
N ALA A 161 36.35 -6.76 -41.07
CA ALA A 161 37.28 -6.45 -39.99
C ALA A 161 36.65 -6.62 -38.59
N PHE A 162 35.38 -6.23 -38.44
CA PHE A 162 34.77 -6.25 -37.11
C PHE A 162 34.75 -7.66 -36.50
N LEU A 163 34.84 -8.70 -37.32
CA LEU A 163 34.75 -10.06 -36.82
C LEU A 163 35.95 -10.44 -35.97
N ASP A 164 37.02 -9.66 -36.00
CA ASP A 164 38.20 -9.94 -35.19
C ASP A 164 38.36 -8.95 -34.07
N LYS A 165 37.33 -8.18 -33.76
CA LYS A 165 37.44 -7.17 -32.72
C LYS A 165 36.42 -7.40 -31.62
N PRO A 166 36.45 -8.56 -30.95
CA PRO A 166 35.43 -8.81 -29.92
C PRO A 166 35.80 -8.13 -28.61
N GLY A 167 34.77 -7.69 -27.90
CA GLY A 167 35.00 -7.05 -26.62
C GLY A 167 34.40 -7.79 -25.45
N SER A 168 33.76 -8.93 -25.72
CA SER A 168 33.25 -9.78 -24.64
C SER A 168 33.25 -11.24 -25.09
N GLU A 169 33.13 -12.12 -24.10
CA GLU A 169 33.04 -13.54 -24.42
C GLU A 169 31.89 -13.81 -25.37
N GLU A 170 30.75 -13.13 -25.20
CA GLU A 170 29.63 -13.44 -26.08
C GLU A 170 29.89 -12.95 -27.49
N GLU A 171 30.49 -11.76 -27.65
CA GLU A 171 30.83 -11.24 -28.97
C GLU A 171 31.79 -12.19 -29.68
N GLU A 172 32.82 -12.64 -28.95
CA GLU A 172 33.75 -13.62 -29.46
C GLU A 172 33.02 -14.85 -30.02
N ILE A 173 32.04 -15.36 -29.31
CA ILE A 173 31.30 -16.53 -29.75
C ILE A 173 30.42 -16.19 -30.96
N PHE A 174 29.76 -15.05 -30.91
CA PHE A 174 28.94 -14.63 -32.04
C PHE A 174 29.76 -14.48 -33.30
N TYR A 175 30.92 -13.81 -33.20
CA TYR A 175 31.77 -13.62 -34.37
C TYR A 175 32.32 -14.96 -34.88
N ALA A 176 32.68 -15.86 -33.96
CA ALA A 176 33.04 -17.23 -34.35
C ALA A 176 31.91 -17.88 -35.14
N LEU A 177 30.68 -17.67 -34.71
CA LEU A 177 29.56 -18.28 -35.43
C LEU A 177 29.47 -17.71 -36.83
N VAL A 178 29.53 -16.38 -36.96
CA VAL A 178 29.50 -15.77 -38.28
C VAL A 178 30.61 -16.33 -39.18
N LYS A 179 31.85 -16.40 -38.67
CA LYS A 179 32.95 -16.96 -39.48
C LYS A 179 32.66 -18.40 -39.92
N ARG A 180 32.11 -19.22 -39.02
CA ARG A 180 31.81 -20.61 -39.39
C ARG A 180 30.76 -20.67 -40.48
N LEU A 181 29.65 -19.95 -40.30
CA LEU A 181 28.60 -19.99 -41.29
C LEU A 181 29.10 -19.52 -42.65
N LEU A 182 29.97 -18.53 -42.66
CA LEU A 182 30.48 -18.06 -43.95
C LEU A 182 31.34 -19.15 -44.60
N LYS A 183 32.08 -19.88 -43.78
CA LYS A 183 32.87 -20.99 -44.32
C LYS A 183 31.99 -22.14 -44.78
N GLU A 184 30.93 -22.44 -44.04
CA GLU A 184 30.15 -23.64 -44.26
C GLU A 184 28.96 -23.44 -45.20
N LYS A 185 28.34 -22.30 -45.23
CA LYS A 185 27.13 -22.21 -46.04
C LYS A 185 27.46 -21.86 -47.49
N PRO A 186 26.53 -22.06 -48.43
CA PRO A 186 26.79 -21.60 -49.81
C PRO A 186 27.11 -20.11 -49.85
N LYS A 187 28.03 -19.73 -50.75
CA LYS A 187 28.37 -18.31 -50.86
C LYS A 187 27.11 -17.50 -51.16
N GLY A 188 26.95 -16.39 -50.46
CA GLY A 188 25.77 -15.56 -50.64
C GLY A 188 24.57 -15.95 -49.81
N TRP A 189 24.74 -16.89 -48.87
CA TRP A 189 23.65 -17.33 -48.01
C TRP A 189 22.99 -16.15 -47.30
N PHE A 190 23.80 -15.27 -46.71
CA PHE A 190 23.22 -14.15 -45.97
C PHE A 190 22.40 -13.24 -46.88
N ALA A 191 22.90 -12.97 -48.09
CA ALA A 191 22.12 -12.18 -49.04
C ALA A 191 20.81 -12.89 -49.38
N GLU A 192 20.86 -14.21 -49.52
CA GLU A 192 19.65 -14.97 -49.81
C GLU A 192 18.62 -14.84 -48.68
N ILE A 193 19.06 -15.00 -47.43
CA ILE A 193 18.20 -14.76 -46.26
C ILE A 193 17.61 -13.36 -46.31
N ALA A 194 18.48 -12.34 -46.40
CA ALA A 194 18.04 -10.96 -46.35
C ALA A 194 16.98 -10.67 -47.40
N LYS A 195 17.18 -11.18 -48.62
CA LYS A 195 16.21 -11.01 -49.70
C LYS A 195 14.84 -11.61 -49.36
N ASN A 196 14.81 -12.70 -48.56
CA ASN A 196 13.57 -13.44 -48.32
C ASN A 196 12.81 -12.99 -47.08
N ILE A 197 13.45 -12.28 -46.15
CA ILE A 197 12.79 -11.84 -44.93
C ILE A 197 11.85 -10.68 -45.28
N LYS A 198 10.56 -10.91 -45.13
CA LYS A 198 9.59 -9.86 -45.40
C LYS A 198 9.51 -8.81 -44.29
N GLY A 199 9.95 -9.15 -43.07
CA GLY A 199 9.86 -8.20 -41.98
C GLY A 199 10.31 -8.89 -40.70
N VAL A 200 10.61 -8.06 -39.71
CA VAL A 200 10.86 -8.50 -38.35
C VAL A 200 9.96 -7.72 -37.39
N SER A 201 9.46 -8.37 -36.35
CA SER A 201 8.80 -7.65 -35.26
C SER A 201 9.63 -7.85 -34.00
N GLU A 202 9.95 -6.77 -33.33
CA GLU A 202 10.94 -6.78 -32.27
C GLU A 202 10.29 -6.35 -30.95
N GLU A 203 10.60 -7.08 -29.88
CA GLU A 203 9.88 -7.01 -28.61
C GLU A 203 10.49 -6.06 -27.58
N THR A 204 11.77 -5.76 -27.68
CA THR A 204 12.53 -5.37 -26.50
C THR A 204 13.33 -4.10 -26.76
N THR A 205 13.51 -3.29 -25.71
CA THR A 205 14.24 -2.04 -25.88
C THR A 205 15.61 -2.23 -26.53
N THR A 206 16.36 -3.24 -26.09
CA THR A 206 17.68 -3.51 -26.65
C THR A 206 17.62 -3.79 -28.14
N GLY A 207 16.63 -4.54 -28.59
CA GLY A 207 16.55 -4.85 -30.00
C GLY A 207 16.08 -3.67 -30.82
N VAL A 208 15.15 -2.89 -30.27
CA VAL A 208 14.63 -1.70 -30.94
C VAL A 208 15.74 -0.68 -31.14
N HIS A 209 16.63 -0.54 -30.17
CA HIS A 209 17.78 0.35 -30.33
C HIS A 209 18.71 -0.13 -31.44
N ARG A 210 18.99 -1.44 -31.51
CA ARG A 210 19.73 -1.99 -32.64
C ARG A 210 19.02 -1.67 -33.96
N LEU A 211 17.69 -1.74 -33.98
CA LEU A 211 16.97 -1.45 -35.21
C LEU A 211 17.13 0.01 -35.64
N TYR A 212 17.03 0.95 -34.71
CA TYR A 212 17.15 2.34 -35.13
C TYR A 212 18.55 2.67 -35.63
N GLU A 213 19.59 2.17 -34.96
CA GLU A 213 20.97 2.27 -35.44
C GLU A 213 21.08 1.92 -36.92
N MET A 214 20.51 0.77 -37.28
CA MET A 214 20.61 0.28 -38.65
C MET A 214 19.72 1.07 -39.60
N ALA A 215 18.52 1.45 -39.17
CA ALA A 215 17.66 2.25 -40.05
C ALA A 215 18.25 3.63 -40.26
N ASN A 216 18.77 4.24 -39.19
CA ASN A 216 19.49 5.49 -39.29
C ASN A 216 20.60 5.43 -40.33
N LYS A 217 21.35 4.33 -40.34
CA LYS A 217 22.52 4.18 -41.19
C LYS A 217 22.19 3.68 -42.59
N GLY A 218 20.96 3.30 -42.85
CA GLY A 218 20.62 2.72 -44.13
C GLY A 218 21.06 1.28 -44.30
N THR A 219 21.40 0.60 -43.22
CA THR A 219 21.84 -0.77 -43.35
C THR A 219 20.74 -1.78 -42.98
N LEU A 220 19.63 -1.32 -42.38
CA LEU A 220 18.53 -2.24 -42.08
C LEU A 220 18.07 -2.93 -43.36
N LEU A 221 17.99 -4.28 -43.34
CA LEU A 221 17.76 -5.01 -44.57
C LEU A 221 16.29 -5.27 -44.89
N PHE A 222 15.36 -5.05 -43.96
CA PHE A 222 13.95 -5.34 -44.19
C PHE A 222 13.10 -4.52 -43.21
N PRO A 223 11.80 -4.40 -43.47
CA PRO A 223 10.94 -3.56 -42.61
C PRO A 223 10.89 -4.12 -41.19
N ALA A 224 10.63 -3.25 -40.22
CA ALA A 224 10.59 -3.69 -38.83
C ALA A 224 9.40 -3.04 -38.16
N ILE A 225 8.73 -3.77 -37.28
CA ILE A 225 7.72 -3.20 -36.41
C ILE A 225 8.22 -3.27 -34.97
N ASN A 226 8.28 -2.12 -34.32
CA ASN A 226 8.68 -1.98 -32.93
C ASN A 226 7.45 -2.26 -32.07
N VAL A 227 7.38 -3.46 -31.51
CA VAL A 227 6.29 -3.86 -30.62
C VAL A 227 6.54 -3.35 -29.22
N ASN A 228 7.80 -3.20 -28.82
CA ASN A 228 8.15 -2.62 -27.52
C ASN A 228 7.30 -1.41 -27.17
N ASP A 229 7.15 -0.47 -28.10
CA ASP A 229 6.50 0.79 -27.80
C ASP A 229 4.99 0.81 -28.08
N SER A 230 4.36 -0.35 -28.25
CA SER A 230 2.93 -0.41 -28.04
C SER A 230 2.64 0.02 -26.62
N VAL A 231 1.56 0.76 -26.44
CA VAL A 231 1.16 1.09 -25.07
C VAL A 231 0.95 -0.20 -24.29
N THR A 232 0.21 -1.14 -24.90
CA THR A 232 -0.20 -2.38 -24.23
C THR A 232 0.92 -3.36 -24.13
N LYS A 233 2.13 -2.95 -24.45
CA LYS A 233 3.33 -3.68 -24.09
C LYS A 233 4.01 -2.89 -22.99
N SER A 234 4.65 -1.78 -23.34
CA SER A 234 5.49 -1.03 -22.42
C SER A 234 4.79 -0.41 -21.22
N LYS A 235 3.46 -0.28 -21.17
CA LYS A 235 2.80 0.20 -19.94
C LYS A 235 2.23 -0.94 -19.08
N PHE A 236 2.53 -2.18 -19.45
CA PHE A 236 1.93 -3.34 -18.80
C PHE A 236 2.99 -4.43 -18.62
N ASP A 237 3.66 -4.83 -19.71
CA ASP A 237 4.59 -5.95 -19.69
C ASP A 237 5.59 -5.84 -18.55
N ASN A 238 6.40 -4.79 -18.56
N ASN A 238 6.41 -4.81 -18.51
CA ASN A 238 7.44 -4.64 -17.54
CA ASN A 238 7.38 -4.86 -17.41
C ASN A 238 6.85 -4.18 -16.21
C ASN A 238 6.95 -4.08 -16.16
N LEU A 239 5.99 -3.17 -16.27
CA LEU A 239 5.42 -2.57 -15.07
C LEU A 239 4.71 -3.61 -14.19
N TYR A 240 3.71 -4.29 -14.73
CA TYR A 240 3.02 -5.30 -13.93
C TYR A 240 3.69 -6.66 -13.96
N GLY A 241 4.37 -7.01 -15.05
CA GLY A 241 5.06 -8.28 -15.10
C GLY A 241 6.18 -8.38 -14.08
N CYS A 242 7.08 -7.40 -14.06
CA CYS A 242 8.13 -7.40 -13.05
C CYS A 242 7.56 -7.27 -11.64
N ARG A 243 6.46 -6.54 -11.50
CA ARG A 243 5.89 -6.40 -10.15
C ARG A 243 5.57 -7.77 -9.56
N GLU A 244 5.13 -8.69 -10.40
CA GLU A 244 4.82 -10.05 -9.99
C GLU A 244 6.03 -10.99 -10.05
N SER A 245 6.84 -10.94 -11.11
CA SER A 245 7.88 -11.97 -11.34
C SER A 245 9.23 -11.65 -10.71
N LEU A 246 9.52 -10.40 -10.35
CA LEU A 246 10.85 -10.16 -9.81
C LEU A 246 11.01 -10.81 -8.43
N VAL A 247 10.09 -10.55 -7.52
CA VAL A 247 10.16 -11.18 -6.20
C VAL A 247 9.98 -12.69 -6.31
N ASP A 248 9.11 -13.16 -7.22
CA ASP A 248 9.00 -14.60 -7.49
C ASP A 248 10.37 -15.24 -7.74
N GLY A 249 11.16 -14.64 -8.62
CA GLY A 249 12.52 -15.13 -8.84
C GLY A 249 13.38 -15.11 -7.59
N ILE A 250 13.29 -14.04 -6.81
CA ILE A 250 14.13 -13.96 -5.61
C ILE A 250 13.68 -15.02 -4.59
N ARG A 251 12.37 -15.21 -4.46
CA ARG A 251 11.86 -16.18 -3.47
C ARG A 251 12.28 -17.62 -3.86
N ARG A 252 12.12 -17.98 -5.13
CA ARG A 252 12.47 -19.35 -5.53
C ARG A 252 13.96 -19.60 -5.37
N GLY A 253 14.79 -18.59 -5.67
CA GLY A 253 16.22 -18.77 -5.57
C GLY A 253 16.75 -18.85 -4.15
N THR A 254 16.11 -18.15 -3.22
CA THR A 254 16.71 -17.96 -1.92
C THR A 254 15.78 -18.19 -0.72
N ASP A 255 14.47 -18.11 -0.89
CA ASP A 255 13.50 -18.31 0.20
C ASP A 255 13.76 -17.40 1.40
N VAL A 256 14.25 -16.18 1.13
CA VAL A 256 14.55 -15.26 2.21
C VAL A 256 13.30 -14.49 2.62
N MET A 257 13.24 -14.09 3.88
CA MET A 257 12.19 -13.19 4.36
C MET A 257 12.45 -11.80 3.77
N LEU A 258 11.47 -11.26 3.06
CA LEU A 258 11.62 -9.94 2.46
C LEU A 258 11.21 -8.81 3.41
N SER A 259 10.21 -9.03 4.27
CA SER A 259 9.91 -8.09 5.34
C SER A 259 11.09 -7.95 6.26
N GLY A 260 11.44 -6.71 6.58
CA GLY A 260 12.61 -6.42 7.36
C GLY A 260 13.85 -6.11 6.56
N LYS A 261 13.88 -6.48 5.27
CA LYS A 261 15.07 -6.26 4.46
C LYS A 261 15.03 -4.94 3.69
N VAL A 262 16.23 -4.47 3.34
CA VAL A 262 16.44 -3.31 2.49
C VAL A 262 16.89 -3.79 1.11
N ALA A 263 16.26 -3.26 0.06
CA ALA A 263 16.60 -3.60 -1.32
C ALA A 263 17.01 -2.36 -2.10
N MET A 264 17.91 -2.56 -3.04
CA MET A 264 18.39 -1.50 -3.93
CA MET A 264 18.40 -1.50 -3.92
C MET A 264 18.08 -1.88 -5.36
N VAL A 265 17.43 -0.98 -6.09
CA VAL A 265 17.08 -1.20 -7.49
C VAL A 265 17.80 -0.12 -8.28
N ALA A 266 18.70 -0.52 -9.19
CA ALA A 266 19.35 0.44 -10.08
C ALA A 266 18.49 0.65 -11.31
N GLY A 267 18.00 1.84 -11.48
CA GLY A 267 17.18 2.12 -12.64
C GLY A 267 15.71 2.26 -12.29
N PHE A 268 15.06 3.27 -12.88
CA PHE A 268 13.65 3.53 -12.62
C PHE A 268 12.90 3.84 -13.91
N GLY A 269 13.26 3.13 -14.99
CA GLY A 269 12.42 2.94 -16.15
C GLY A 269 11.31 1.97 -15.80
N ASP A 270 10.65 1.45 -16.82
CA ASP A 270 9.49 0.62 -16.52
C ASP A 270 9.89 -0.69 -15.83
N VAL A 271 11.06 -1.24 -16.15
CA VAL A 271 11.52 -2.43 -15.43
C VAL A 271 11.85 -2.08 -13.97
N GLY A 272 12.56 -0.97 -13.76
CA GLY A 272 12.87 -0.54 -12.41
C GLY A 272 11.63 -0.17 -11.60
N LYS A 273 10.66 0.49 -12.25
CA LYS A 273 9.38 0.79 -11.62
C LYS A 273 8.69 -0.49 -11.16
N GLY A 274 8.56 -1.46 -12.07
CA GLY A 274 7.89 -2.69 -11.69
C GLY A 274 8.67 -3.44 -10.64
N SER A 275 10.01 -3.35 -10.71
CA SER A 275 10.85 -4.13 -9.80
C SER A 275 10.83 -3.57 -8.39
N ALA A 276 10.98 -2.25 -8.27
CA ALA A 276 10.83 -1.61 -6.97
C ALA A 276 9.45 -1.89 -6.37
N ALA A 277 8.39 -1.83 -7.18
CA ALA A 277 7.06 -2.16 -6.71
C ALA A 277 6.99 -3.59 -6.17
N SER A 278 7.56 -4.53 -6.90
CA SER A 278 7.55 -5.92 -6.46
C SER A 278 8.17 -6.05 -5.07
N LEU A 279 9.32 -5.46 -4.88
CA LEU A 279 10.03 -5.57 -3.62
C LEU A 279 9.27 -4.86 -2.50
N ARG A 280 8.79 -3.63 -2.77
CA ARG A 280 8.06 -2.92 -1.74
C ARG A 280 6.80 -3.69 -1.31
N GLN A 281 6.04 -4.19 -2.28
CA GLN A 281 4.83 -4.92 -1.94
C GLN A 281 5.15 -6.15 -1.11
N ALA A 282 6.31 -6.75 -1.33
CA ALA A 282 6.75 -7.92 -0.60
C ALA A 282 7.25 -7.61 0.79
N GLY A 283 7.34 -6.32 1.17
CA GLY A 283 7.72 -5.85 2.50
C GLY A 283 9.12 -5.24 2.63
N CYS A 284 9.90 -5.19 1.55
CA CYS A 284 11.20 -4.52 1.60
C CYS A 284 11.03 -3.01 1.71
N ARG A 285 11.98 -2.39 2.39
CA ARG A 285 12.24 -0.97 2.22
C ARG A 285 13.14 -0.79 1.00
N VAL A 286 12.67 -0.07 -0.01
CA VAL A 286 13.33 -0.01 -1.32
C VAL A 286 14.04 1.33 -1.55
N MET A 287 15.26 1.25 -2.05
CA MET A 287 16.04 2.39 -2.50
C MET A 287 16.31 2.24 -4.00
N VAL A 288 16.61 3.35 -4.66
CA VAL A 288 16.66 3.39 -6.11
C VAL A 288 17.84 4.26 -6.51
N SER A 289 18.55 3.87 -7.58
CA SER A 289 19.49 4.79 -8.23
C SER A 289 18.94 5.21 -9.60
N GLU A 290 19.33 6.40 -10.04
CA GLU A 290 18.92 6.84 -11.36
C GLU A 290 19.90 7.90 -11.84
N VAL A 291 20.01 8.00 -13.16
CA VAL A 291 20.75 9.08 -13.80
C VAL A 291 19.83 10.10 -14.42
N ASP A 292 18.57 9.76 -14.65
CA ASP A 292 17.60 10.63 -15.30
C ASP A 292 16.84 11.38 -14.20
N PRO A 293 16.93 12.72 -14.16
CA PRO A 293 16.27 13.48 -13.07
C PRO A 293 14.75 13.38 -13.07
N ILE A 294 14.11 13.19 -14.24
CA ILE A 294 12.67 12.97 -14.22
C ILE A 294 12.32 11.63 -13.55
N CYS A 295 13.03 10.56 -13.90
CA CYS A 295 12.76 9.26 -13.27
C CYS A 295 13.17 9.26 -11.81
N ALA A 296 14.28 9.93 -11.49
CA ALA A 296 14.69 10.03 -10.08
C ALA A 296 13.62 10.74 -9.26
N LEU A 297 13.02 11.80 -9.83
CA LEU A 297 11.96 12.54 -9.12
C LEU A 297 10.72 11.69 -8.96
N GLN A 298 10.37 10.88 -9.97
CA GLN A 298 9.27 9.91 -9.82
C GLN A 298 9.53 8.96 -8.66
N ALA A 299 10.71 8.36 -8.63
CA ALA A 299 11.06 7.47 -7.55
C ALA A 299 10.94 8.14 -6.19
N ALA A 300 11.42 9.38 -6.09
CA ALA A 300 11.35 10.09 -4.82
C ALA A 300 9.92 10.39 -4.42
N MET A 301 9.09 10.77 -5.38
CA MET A 301 7.68 11.00 -5.14
CA MET A 301 7.68 11.00 -5.14
C MET A 301 6.94 9.73 -4.77
N GLU A 302 7.43 8.56 -5.19
CA GLU A 302 6.83 7.30 -4.72
C GLU A 302 7.35 6.86 -3.35
N GLY A 303 8.19 7.66 -2.72
CA GLY A 303 8.63 7.34 -1.38
C GLY A 303 9.89 6.51 -1.30
N TYR A 304 10.53 6.22 -2.42
CA TYR A 304 11.81 5.54 -2.42
C TYR A 304 12.94 6.53 -2.15
N GLU A 305 13.90 6.13 -1.32
CA GLU A 305 15.13 6.87 -1.14
C GLU A 305 16.03 6.71 -2.37
N VAL A 306 16.36 7.80 -3.04
CA VAL A 306 17.21 7.73 -4.23
C VAL A 306 18.64 8.04 -3.83
N VAL A 307 19.52 7.05 -3.98
CA VAL A 307 20.90 7.07 -3.52
C VAL A 307 21.79 6.50 -4.62
N THR A 308 23.11 6.64 -4.44
CA THR A 308 24.09 6.00 -5.32
C THR A 308 24.36 4.54 -4.91
N MET A 309 24.91 3.76 -5.85
CA MET A 309 25.32 2.40 -5.52
C MET A 309 26.46 2.39 -4.49
N GLU A 310 27.29 3.43 -4.46
CA GLU A 310 28.30 3.50 -3.41
C GLU A 310 27.65 3.64 -2.03
N ASP A 311 26.61 4.44 -1.94
CA ASP A 311 25.85 4.54 -0.70
C ASP A 311 25.15 3.22 -0.38
N ALA A 312 24.53 2.60 -1.39
CA ALA A 312 23.77 1.38 -1.16
C ALA A 312 24.63 0.18 -0.82
N ALA A 313 25.85 0.12 -1.36
CA ALA A 313 26.58 -1.14 -1.38
C ALA A 313 26.75 -1.77 0.00
N PRO A 314 27.12 -1.02 1.07
CA PRO A 314 27.28 -1.66 2.38
C PRO A 314 26.00 -1.84 3.17
N ARG A 315 24.82 -1.47 2.67
CA ARG A 315 23.67 -1.58 3.53
C ARG A 315 22.43 -2.24 2.95
N ALA A 316 22.32 -2.45 1.64
CA ALA A 316 21.17 -3.21 1.18
C ALA A 316 21.38 -4.72 1.38
N ASP A 317 20.27 -5.41 1.67
CA ASP A 317 20.27 -6.87 1.73
C ASP A 317 20.11 -7.52 0.37
N ILE A 318 19.56 -6.78 -0.59
CA ILE A 318 19.18 -7.27 -1.90
C ILE A 318 19.47 -6.17 -2.92
N PHE A 319 20.08 -6.55 -4.05
CA PHE A 319 20.47 -5.63 -5.12
C PHE A 319 19.87 -6.16 -6.40
N VAL A 320 19.16 -5.31 -7.13
CA VAL A 320 18.55 -5.65 -8.41
C VAL A 320 18.97 -4.58 -9.41
N THR A 321 19.66 -4.99 -10.47
CA THR A 321 20.00 -4.05 -11.53
C THR A 321 18.92 -4.06 -12.60
N ALA A 322 18.52 -2.87 -13.05
CA ALA A 322 17.43 -2.74 -14.00
C ALA A 322 17.66 -1.56 -14.95
N THR A 323 18.89 -1.37 -15.41
CA THR A 323 19.27 -0.13 -16.13
C THR A 323 19.38 -0.26 -17.64
N GLY A 324 19.64 -1.44 -18.18
CA GLY A 324 20.03 -1.49 -19.59
C GLY A 324 21.41 -0.95 -19.91
N ASN A 325 22.19 -0.63 -18.89
CA ASN A 325 23.52 -0.05 -18.96
C ASN A 325 24.52 -1.06 -18.42
N LYS A 326 25.79 -0.71 -18.41
CA LYS A 326 26.83 -1.65 -18.01
C LYS A 326 27.57 -1.14 -16.79
N ASP A 327 28.20 -2.07 -16.09
CA ASP A 327 29.07 -1.76 -14.96
C ASP A 327 28.29 -0.95 -13.88
N ILE A 328 27.10 -1.44 -13.55
CA ILE A 328 26.27 -0.84 -12.52
C ILE A 328 26.69 -1.29 -11.13
N ILE A 329 26.88 -2.60 -10.95
CA ILE A 329 27.38 -3.14 -9.70
C ILE A 329 28.75 -3.73 -9.98
N THR A 330 29.78 -3.14 -9.38
CA THR A 330 31.16 -3.46 -9.67
C THR A 330 31.75 -4.41 -8.63
N ILE A 331 32.94 -4.90 -8.94
CA ILE A 331 33.63 -5.73 -7.96
C ILE A 331 33.85 -4.96 -6.66
N GLU A 332 34.15 -3.66 -6.76
CA GLU A 332 34.31 -2.85 -5.55
C GLU A 332 33.02 -2.79 -4.74
N HIS A 333 31.89 -2.59 -5.40
CA HIS A 333 30.61 -2.64 -4.70
C HIS A 333 30.44 -3.96 -3.97
N MET A 334 30.71 -5.06 -4.65
CA MET A 334 30.44 -6.39 -4.08
C MET A 334 31.39 -6.70 -2.93
N ARG A 335 32.65 -6.24 -2.98
CA ARG A 335 33.53 -6.40 -1.82
C ARG A 335 33.01 -5.64 -0.61
N ALA A 336 32.29 -4.54 -0.82
CA ALA A 336 31.76 -3.74 0.28
C ALA A 336 30.43 -4.27 0.83
N MET A 337 29.78 -5.18 0.12
CA MET A 337 28.46 -5.66 0.53
C MET A 337 28.55 -6.47 1.82
N LYS A 338 27.43 -6.51 2.54
CA LYS A 338 27.35 -7.36 3.72
C LYS A 338 27.38 -8.85 3.34
N ASP A 339 27.80 -9.69 4.30
CA ASP A 339 27.87 -11.14 4.11
C ASP A 339 26.52 -11.67 3.67
N ARG A 340 26.53 -12.35 2.54
CA ARG A 340 25.39 -13.05 1.95
C ARG A 340 24.31 -12.12 1.44
N ALA A 341 24.66 -10.88 1.10
CA ALA A 341 23.76 -10.06 0.31
C ALA A 341 23.38 -10.79 -0.97
N ILE A 342 22.16 -10.58 -1.45
CA ILE A 342 21.66 -11.18 -2.67
C ILE A 342 21.83 -10.18 -3.83
N VAL A 343 22.35 -10.65 -4.97
CA VAL A 343 22.58 -9.80 -6.13
C VAL A 343 21.96 -10.48 -7.36
N CYS A 344 21.24 -9.70 -8.17
CA CYS A 344 20.61 -10.25 -9.36
C CYS A 344 20.35 -9.12 -10.35
N ASN A 345 19.96 -9.50 -11.56
CA ASN A 345 19.81 -8.59 -12.69
C ASN A 345 18.51 -8.90 -13.41
N ILE A 346 17.73 -7.87 -13.71
CA ILE A 346 16.57 -8.05 -14.57
C ILE A 346 16.62 -7.14 -15.80
N GLY A 347 17.78 -6.51 -16.06
CA GLY A 347 18.10 -6.02 -17.37
C GLY A 347 18.60 -7.16 -18.26
N HIS A 348 18.78 -6.90 -19.55
CA HIS A 348 18.77 -8.05 -20.45
C HIS A 348 20.13 -8.66 -20.75
N PHE A 349 21.22 -8.00 -20.42
CA PHE A 349 22.49 -8.65 -20.72
C PHE A 349 23.02 -9.39 -19.49
N ASP A 350 24.30 -9.27 -19.21
CA ASP A 350 24.86 -9.83 -17.99
C ASP A 350 26.08 -9.01 -17.59
N ASN A 351 26.21 -7.80 -18.13
CA ASN A 351 27.27 -6.90 -17.76
C ASN A 351 26.77 -5.74 -16.91
N GLU A 352 25.49 -5.76 -16.47
CA GLU A 352 25.03 -4.76 -15.51
C GLU A 352 25.80 -4.93 -14.21
N ILE A 353 25.92 -6.19 -13.74
CA ILE A 353 26.82 -6.63 -12.69
C ILE A 353 28.09 -7.10 -13.36
N GLN A 354 29.23 -6.84 -12.71
CA GLN A 354 30.53 -7.27 -13.21
C GLN A 354 30.80 -8.76 -12.93
N ILE A 355 30.03 -9.61 -13.61
CA ILE A 355 30.13 -11.06 -13.38
C ILE A 355 31.49 -11.58 -13.79
N ALA A 356 32.01 -11.09 -14.91
CA ALA A 356 33.29 -11.57 -15.41
C ALA A 356 34.38 -11.36 -14.38
N SER A 357 34.32 -10.25 -13.64
CA SER A 357 35.33 -9.96 -12.66
C SER A 357 35.25 -10.89 -11.46
N LEU A 358 34.14 -11.62 -11.31
CA LEU A 358 33.93 -12.52 -10.19
C LEU A 358 34.49 -13.91 -10.45
N ARG A 359 34.96 -14.17 -11.67
CA ARG A 359 35.29 -15.53 -12.09
C ARG A 359 36.60 -16.04 -11.51
N ASN A 360 37.42 -15.19 -10.91
CA ASN A 360 38.59 -15.68 -10.20
C ASN A 360 38.27 -16.05 -8.75
N LEU A 361 37.05 -15.80 -8.31
CA LEU A 361 36.65 -16.11 -6.94
C LEU A 361 36.09 -17.52 -6.84
N LYS A 362 36.01 -18.02 -5.62
CA LYS A 362 35.44 -19.34 -5.38
C LYS A 362 33.92 -19.26 -5.52
N TRP A 363 33.37 -20.00 -6.48
CA TRP A 363 31.92 -20.11 -6.65
C TRP A 363 31.49 -21.47 -6.13
N THR A 364 30.43 -21.49 -5.32
CA THR A 364 29.85 -22.74 -4.82
C THR A 364 28.41 -22.81 -5.27
N ASN A 365 28.05 -23.83 -6.05
CA ASN A 365 26.68 -23.90 -6.51
C ASN A 365 25.76 -24.36 -5.38
N ILE A 366 24.66 -23.65 -5.19
CA ILE A 366 23.64 -24.09 -4.22
C ILE A 366 22.63 -24.99 -4.89
N LYS A 367 22.06 -24.52 -5.99
CA LYS A 367 21.11 -25.23 -6.82
C LYS A 367 21.13 -24.56 -8.18
N PRO A 368 20.37 -25.02 -9.17
CA PRO A 368 20.42 -24.36 -10.49
C PRO A 368 20.10 -22.88 -10.39
N GLN A 369 20.96 -22.06 -11.02
CA GLN A 369 20.82 -20.62 -11.05
C GLN A 369 20.96 -19.95 -9.68
N VAL A 370 21.64 -20.60 -8.74
CA VAL A 370 21.93 -19.98 -7.45
C VAL A 370 23.33 -20.37 -7.05
N ASP A 371 24.19 -19.38 -6.86
CA ASP A 371 25.57 -19.64 -6.50
C ASP A 371 25.99 -18.73 -5.36
N GLU A 372 26.89 -19.23 -4.54
CA GLU A 372 27.49 -18.44 -3.48
C GLU A 372 28.92 -18.16 -3.88
N ILE A 373 29.30 -16.90 -3.85
CA ILE A 373 30.63 -16.44 -4.26
C ILE A 373 31.35 -15.91 -3.05
N GLU A 374 32.52 -16.45 -2.77
CA GLU A 374 33.29 -16.11 -1.57
C GLU A 374 34.52 -15.27 -1.92
N PHE A 375 34.66 -14.17 -1.21
CA PHE A 375 35.77 -13.26 -1.43
C PHE A 375 36.94 -13.68 -0.57
N PRO A 376 38.12 -13.08 -0.77
CA PRO A 376 39.27 -13.47 0.05
C PRO A 376 39.11 -13.21 1.53
N ASP A 377 38.27 -12.27 1.94
CA ASP A 377 38.05 -12.00 3.36
C ASP A 377 36.96 -12.90 3.96
N LYS A 378 36.46 -13.84 3.17
CA LYS A 378 35.46 -14.84 3.49
C LYS A 378 34.05 -14.30 3.43
N HIS A 379 33.83 -13.01 3.21
CA HIS A 379 32.45 -12.60 3.05
C HIS A 379 31.95 -13.12 1.71
N ARG A 380 30.66 -13.33 1.64
CA ARG A 380 30.03 -14.03 0.55
C ARG A 380 28.91 -13.18 -0.02
N ILE A 381 28.58 -13.43 -1.28
CA ILE A 381 27.37 -12.91 -1.87
C ILE A 381 26.66 -14.08 -2.55
N ILE A 382 25.34 -13.95 -2.65
CA ILE A 382 24.46 -14.94 -3.26
C ILE A 382 24.09 -14.39 -4.63
N MET A 383 24.56 -15.03 -5.69
CA MET A 383 24.32 -14.58 -7.05
C MET A 383 23.26 -15.44 -7.71
N LEU A 384 22.24 -14.79 -8.27
CA LEU A 384 21.14 -15.47 -8.92
C LEU A 384 21.31 -15.47 -10.44
N SER A 385 21.09 -16.63 -11.05
CA SER A 385 21.16 -16.80 -12.53
C SER A 385 22.42 -16.19 -13.16
N GLU A 386 23.54 -16.22 -12.46
CA GLU A 386 24.82 -15.75 -13.01
C GLU A 386 24.72 -14.34 -13.61
N GLY A 387 23.86 -13.50 -13.03
CA GLY A 387 23.71 -12.14 -13.50
C GLY A 387 22.78 -11.94 -14.68
N ARG A 388 22.08 -12.98 -15.11
CA ARG A 388 21.13 -12.88 -16.19
CA ARG A 388 21.12 -12.91 -16.19
C ARG A 388 19.71 -12.82 -15.63
N LEU A 389 18.76 -12.46 -16.51
CA LEU A 389 17.35 -12.23 -16.18
C LEU A 389 16.86 -13.14 -15.05
N VAL A 390 16.60 -12.56 -13.87
CA VAL A 390 16.34 -13.34 -12.66
C VAL A 390 14.90 -13.89 -12.62
N ASN A 391 13.93 -13.19 -13.18
CA ASN A 391 12.56 -13.69 -13.17
C ASN A 391 12.44 -14.95 -14.02
N LEU A 392 13.06 -14.95 -15.21
CA LEU A 392 13.02 -16.12 -16.08
C LEU A 392 14.00 -17.19 -15.67
N GLY A 393 15.12 -16.81 -15.07
CA GLY A 393 16.15 -17.75 -14.68
C GLY A 393 15.81 -18.52 -13.41
N ASN A 394 15.32 -17.85 -12.37
CA ASN A 394 15.03 -18.51 -11.10
C ASN A 394 13.56 -18.83 -10.90
N ALA A 395 12.68 -18.27 -11.71
CA ALA A 395 11.27 -18.58 -11.58
C ALA A 395 10.68 -18.86 -12.96
N MET A 396 9.49 -18.34 -13.26
CA MET A 396 8.79 -18.69 -14.49
C MET A 396 8.51 -17.45 -15.35
N GLY A 397 9.25 -16.36 -15.12
CA GLY A 397 9.00 -15.16 -15.88
C GLY A 397 7.67 -14.52 -15.50
N HIS A 398 7.28 -13.52 -16.28
CA HIS A 398 5.97 -12.89 -16.10
C HIS A 398 4.86 -13.93 -16.23
N PRO A 399 3.75 -13.74 -15.50
CA PRO A 399 2.59 -14.63 -15.63
C PRO A 399 1.88 -14.43 -16.96
N SER A 400 1.14 -15.48 -17.37
CA SER A 400 0.53 -15.58 -18.69
C SER A 400 -0.26 -14.32 -19.07
N PHE A 401 -1.12 -13.85 -18.15
CA PHE A 401 -2.09 -12.83 -18.54
C PHE A 401 -1.39 -11.59 -19.10
N VAL A 402 -0.36 -11.13 -18.42
CA VAL A 402 0.26 -9.92 -18.95
C VAL A 402 1.01 -10.24 -20.25
N MET A 403 1.52 -11.46 -20.42
CA MET A 403 2.20 -11.78 -21.67
C MET A 403 1.22 -11.86 -22.83
N SER A 404 -0.05 -12.16 -22.57
CA SER A 404 -1.05 -12.20 -23.63
C SER A 404 -1.14 -10.86 -24.38
N ALA A 405 -1.06 -9.75 -23.65
CA ALA A 405 -1.12 -8.47 -24.33
C ALA A 405 0.10 -8.27 -25.23
N SER A 406 1.29 -8.53 -24.69
CA SER A 406 2.51 -8.38 -25.47
C SER A 406 2.45 -9.23 -26.74
N PHE A 407 2.06 -10.50 -26.58
CA PHE A 407 2.09 -11.46 -27.67
C PHE A 407 0.91 -11.31 -28.62
N THR A 408 -0.21 -10.69 -28.19
CA THR A 408 -1.21 -10.31 -29.18
C THR A 408 -0.64 -9.22 -30.11
N ASN A 409 0.09 -8.28 -29.54
CA ASN A 409 0.82 -7.28 -30.34
C ASN A 409 1.72 -7.97 -31.36
N GLN A 410 2.52 -8.94 -30.92
CA GLN A 410 3.42 -9.66 -31.82
C GLN A 410 2.65 -10.31 -32.97
N THR A 411 1.55 -10.99 -32.66
CA THR A 411 0.79 -11.66 -33.70
C THR A 411 0.26 -10.66 -34.71
N LEU A 412 -0.26 -9.55 -34.21
CA LEU A 412 -0.76 -8.53 -35.10
C LEU A 412 0.37 -7.93 -35.94
N ALA A 413 1.56 -7.80 -35.36
CA ALA A 413 2.67 -7.21 -36.10
C ALA A 413 3.15 -8.16 -37.20
N GLN A 414 3.13 -9.47 -36.90
CA GLN A 414 3.46 -10.46 -37.93
C GLN A 414 2.45 -10.42 -39.06
N ILE A 415 1.16 -10.25 -38.75
CA ILE A 415 0.14 -10.15 -39.78
C ILE A 415 0.36 -8.91 -40.62
N GLU A 416 0.65 -7.78 -39.97
CA GLU A 416 0.91 -6.55 -40.71
C GLU A 416 2.02 -6.75 -41.73
N LEU A 417 3.17 -7.24 -41.28
CA LEU A 417 4.33 -7.33 -42.17
C LEU A 417 4.14 -8.40 -43.21
N PHE A 418 3.57 -9.53 -42.81
CA PHE A 418 3.45 -10.65 -43.73
C PHE A 418 2.30 -10.47 -44.70
N ALA A 419 1.14 -10.06 -44.21
CA ALA A 419 -0.05 -10.02 -45.05
C ALA A 419 -0.48 -8.61 -45.48
N ASN A 420 -0.02 -7.57 -44.84
CA ASN A 420 -0.54 -6.23 -45.12
C ASN A 420 0.55 -5.29 -45.60
N ASN A 421 1.44 -5.77 -46.48
CA ASN A 421 2.45 -4.93 -47.10
C ASN A 421 2.44 -5.08 -48.62
N LYS A 422 1.30 -5.45 -49.20
CA LYS A 422 1.25 -5.57 -50.66
C LYS A 422 1.52 -4.23 -51.35
N ASP A 423 1.28 -3.12 -50.66
CA ASP A 423 1.48 -1.80 -51.22
C ASP A 423 2.77 -1.16 -50.78
N SER A 424 3.61 -1.88 -50.03
CA SER A 424 4.92 -1.38 -49.59
C SER A 424 4.78 -0.18 -48.65
N LYS A 425 3.67 -0.10 -47.91
CA LYS A 425 3.55 0.88 -46.83
C LYS A 425 4.63 0.75 -45.77
N TYR A 426 5.26 -0.41 -45.65
CA TYR A 426 6.36 -0.61 -44.71
C TYR A 426 7.64 -0.77 -45.54
N ALA A 427 8.52 0.23 -45.51
CA ALA A 427 9.79 0.16 -46.21
C ALA A 427 10.84 -0.26 -45.20
N LYS A 428 12.12 -0.13 -45.54
CA LYS A 428 13.19 -0.58 -44.65
C LYS A 428 13.43 0.43 -43.50
N LYS A 429 12.40 0.59 -42.67
CA LYS A 429 12.37 1.49 -41.53
C LYS A 429 11.65 0.81 -40.36
N VAL A 430 11.57 1.50 -39.22
CA VAL A 430 10.94 0.99 -38.00
C VAL A 430 9.58 1.66 -37.80
N TYR A 431 8.53 0.85 -37.71
CA TYR A 431 7.17 1.33 -37.57
C TYR A 431 6.59 0.91 -36.23
N VAL A 432 5.47 1.52 -35.86
CA VAL A 432 4.75 1.12 -34.66
C VAL A 432 3.33 0.78 -35.08
N LEU A 433 2.68 -0.10 -34.32
CA LEU A 433 1.28 -0.39 -34.58
C LEU A 433 0.42 0.84 -34.27
N PRO A 434 -0.64 1.07 -35.02
CA PRO A 434 -1.49 2.24 -34.76
C PRO A 434 -2.26 2.06 -33.46
N LYS A 435 -2.67 3.20 -32.89
CA LYS A 435 -3.35 3.17 -31.59
C LYS A 435 -4.67 2.40 -31.66
N THR A 436 -5.32 2.36 -32.82
CA THR A 436 -6.53 1.55 -32.89
C THR A 436 -6.24 0.09 -32.56
N LEU A 437 -5.11 -0.45 -33.07
CA LEU A 437 -4.76 -1.83 -32.71
C LEU A 437 -4.37 -1.94 -31.24
N ASP A 438 -3.65 -0.95 -30.73
CA ASP A 438 -3.29 -0.92 -29.33
C ASP A 438 -4.53 -0.98 -28.45
N GLU A 439 -5.52 -0.12 -28.72
CA GLU A 439 -6.76 -0.16 -27.94
C GLU A 439 -7.47 -1.52 -28.09
N LYS A 440 -7.44 -2.11 -29.29
CA LYS A 440 -8.05 -3.43 -29.48
C LYS A 440 -7.36 -4.49 -28.65
N VAL A 441 -6.04 -4.45 -28.55
CA VAL A 441 -5.37 -5.42 -27.70
C VAL A 441 -5.90 -5.30 -26.26
N ALA A 442 -6.00 -4.05 -25.76
CA ALA A 442 -6.59 -3.82 -24.43
C ALA A 442 -7.99 -4.41 -24.34
N ARG A 443 -8.88 -4.04 -25.25
CA ARG A 443 -10.24 -4.55 -25.23
C ARG A 443 -10.32 -6.07 -25.10
N LEU A 444 -9.44 -6.81 -25.79
CA LEU A 444 -9.58 -8.27 -25.79
C LEU A 444 -9.35 -8.87 -24.41
N HIS A 445 -8.76 -8.14 -23.47
CA HIS A 445 -8.43 -8.67 -22.16
C HIS A 445 -9.40 -8.23 -21.05
N LEU A 446 -10.40 -7.41 -21.37
CA LEU A 446 -11.24 -6.81 -20.33
C LEU A 446 -12.25 -7.81 -19.72
N ALA A 447 -12.91 -8.60 -20.56
CA ALA A 447 -13.96 -9.49 -20.05
C ALA A 447 -13.40 -10.52 -19.09
N LYS A 448 -12.22 -11.05 -19.38
CA LYS A 448 -11.66 -12.10 -18.54
CA LYS A 448 -11.66 -12.10 -18.54
C LYS A 448 -11.46 -11.64 -17.11
N ILE A 449 -11.12 -10.37 -16.91
CA ILE A 449 -10.96 -9.86 -15.56
C ILE A 449 -12.19 -9.09 -15.08
N GLY A 450 -13.31 -9.21 -15.78
CA GLY A 450 -14.55 -8.60 -15.32
C GLY A 450 -14.66 -7.09 -15.41
N VAL A 451 -13.84 -6.43 -16.22
CA VAL A 451 -14.00 -4.99 -16.44
C VAL A 451 -15.30 -4.72 -17.19
N LYS A 452 -16.05 -3.71 -16.75
CA LYS A 452 -17.17 -3.24 -17.55
C LYS A 452 -16.86 -1.84 -18.07
N LEU A 453 -16.65 -1.74 -19.38
CA LEU A 453 -16.27 -0.47 -19.99
C LEU A 453 -17.49 0.41 -20.19
N THR A 454 -17.35 1.72 -19.94
CA THR A 454 -18.42 2.66 -20.25
C THR A 454 -18.40 3.02 -21.73
N GLU A 455 -19.58 3.17 -22.32
CA GLU A 455 -19.71 3.58 -23.72
C GLU A 455 -20.07 5.07 -23.76
N LEU A 456 -19.26 5.85 -24.46
CA LEU A 456 -19.59 7.25 -24.70
C LEU A 456 -20.88 7.37 -25.49
N ARG A 457 -21.77 8.25 -25.04
CA ARG A 457 -22.83 8.74 -25.89
C ARG A 457 -22.24 9.66 -26.95
N LYS A 458 -23.02 9.90 -28.01
CA LYS A 458 -22.46 10.65 -29.13
C LYS A 458 -22.13 12.09 -28.72
N ASP A 459 -23.01 12.73 -27.94
CA ASP A 459 -22.69 14.09 -27.48
C ASP A 459 -21.46 14.11 -26.59
N GLN A 460 -21.26 13.07 -25.77
CA GLN A 460 -20.06 12.98 -24.93
C GLN A 460 -18.81 12.74 -25.77
N ALA A 461 -18.93 11.95 -26.81
CA ALA A 461 -17.77 11.74 -27.68
C ALA A 461 -17.42 13.02 -28.43
N ASP A 462 -18.43 13.73 -28.92
CA ASP A 462 -18.18 15.02 -29.56
C ASP A 462 -17.56 16.00 -28.59
N TYR A 463 -18.08 16.04 -27.35
CA TYR A 463 -17.59 16.96 -26.33
C TYR A 463 -16.08 16.84 -26.12
N ILE A 464 -15.54 15.63 -26.09
CA ILE A 464 -14.10 15.52 -25.91
C ILE A 464 -13.34 15.31 -27.22
N GLY A 465 -14.03 15.35 -28.37
CA GLY A 465 -13.37 15.31 -29.67
C GLY A 465 -12.92 13.94 -30.12
N VAL A 466 -13.65 12.89 -29.77
CA VAL A 466 -13.26 11.54 -30.16
C VAL A 466 -14.48 10.86 -30.78
N LYS A 467 -14.20 9.87 -31.62
CA LYS A 467 -15.21 8.95 -32.09
C LYS A 467 -15.61 8.04 -30.93
N GLN A 468 -16.87 7.62 -30.93
CA GLN A 468 -17.31 6.71 -29.88
C GLN A 468 -16.49 5.45 -29.83
N GLU A 469 -16.01 4.97 -30.97
CA GLU A 469 -15.27 3.72 -31.02
C GLU A 469 -13.76 3.92 -30.88
N GLY A 470 -13.33 5.13 -30.54
CA GLY A 470 -11.91 5.40 -30.46
C GLY A 470 -11.31 5.73 -31.81
N PRO A 471 -9.99 6.04 -31.84
CA PRO A 471 -9.10 6.10 -30.66
C PRO A 471 -9.40 7.24 -29.69
N TYR A 472 -9.10 7.00 -28.41
CA TYR A 472 -9.51 7.91 -27.34
C TYR A 472 -8.45 8.95 -26.96
N LYS A 473 -7.19 8.75 -27.34
CA LYS A 473 -6.09 9.62 -26.94
C LYS A 473 -5.26 10.06 -28.16
N SER A 474 -4.55 11.17 -28.02
CA SER A 474 -3.63 11.58 -29.08
C SER A 474 -2.43 10.64 -29.13
N ASP A 475 -1.67 10.73 -30.23
CA ASP A 475 -0.57 9.78 -30.40
C ASP A 475 0.56 10.01 -29.42
N HIS A 476 0.68 11.17 -28.84
CA HIS A 476 1.74 11.39 -27.87
C HIS A 476 1.26 11.28 -26.42
N TYR A 477 0.01 10.85 -26.21
CA TYR A 477 -0.47 10.67 -24.84
C TYR A 477 0.37 9.59 -24.18
N ARG A 478 0.71 9.80 -22.91
CA ARG A 478 1.65 8.96 -22.19
C ARG A 478 1.03 7.90 -21.29
N TYR A 479 -0.28 7.97 -21.03
CA TYR A 479 -0.96 7.05 -20.11
C TYR A 479 -0.28 6.98 -18.73
N LYS B 10 4.01 54.75 -1.35
CA LYS B 10 3.62 56.10 -0.95
C LYS B 10 2.10 56.29 -1.18
N PRO B 11 1.61 56.51 -2.41
CA PRO B 11 0.18 56.76 -2.57
C PRO B 11 -0.65 55.51 -2.29
N GLY B 12 -1.92 55.74 -1.98
CA GLY B 12 -2.82 54.63 -1.66
C GLY B 12 -3.15 53.82 -2.89
N PHE B 13 -3.08 52.51 -2.77
CA PHE B 13 -3.32 51.62 -3.90
C PHE B 13 -4.74 51.07 -3.79
N THR B 14 -5.52 51.22 -4.85
CA THR B 14 -6.91 50.76 -4.84
C THR B 14 -7.28 49.78 -5.94
N ASP B 15 -6.34 49.39 -6.81
CA ASP B 15 -6.71 48.76 -8.09
C ASP B 15 -6.77 47.25 -7.87
N TYR B 16 -7.72 46.84 -7.03
CA TYR B 16 -7.87 45.43 -6.72
C TYR B 16 -9.28 45.15 -6.24
N ILE B 17 -9.60 43.85 -6.18
CA ILE B 17 -10.81 43.40 -5.49
C ILE B 17 -10.45 42.12 -4.77
N VAL B 18 -10.49 42.12 -3.44
CA VAL B 18 -10.25 40.92 -2.64
C VAL B 18 -11.27 40.85 -1.52
N LYS B 19 -11.32 39.70 -0.85
CA LYS B 19 -12.27 39.55 0.24
C LYS B 19 -11.94 40.50 1.38
N ASP B 20 -10.69 40.50 1.82
CA ASP B 20 -10.35 41.29 2.98
C ASP B 20 -8.85 41.53 2.96
N ILE B 21 -8.48 42.79 2.70
CA ILE B 21 -7.09 43.18 2.64
C ILE B 21 -6.35 42.90 3.94
N ALA B 22 -7.06 42.82 5.08
CA ALA B 22 -6.39 42.61 6.35
C ALA B 22 -5.81 41.21 6.48
N LEU B 23 -6.15 40.29 5.58
CA LEU B 23 -5.54 38.97 5.54
C LEU B 23 -4.14 38.97 4.94
N ALA B 24 -3.60 40.14 4.58
CA ALA B 24 -2.34 40.18 3.86
C ALA B 24 -1.17 39.67 4.70
N ASP B 25 -1.13 39.98 6.00
CA ASP B 25 -0.01 39.51 6.82
C ASP B 25 0.00 37.99 6.91
N PHE B 26 -1.17 37.39 7.02
CA PHE B 26 -1.30 35.94 7.05
C PHE B 26 -0.87 35.34 5.72
N GLY B 27 -1.40 35.88 4.62
CA GLY B 27 -0.91 35.46 3.31
C GLY B 27 0.60 35.52 3.18
N ARG B 28 1.19 36.64 3.56
CA ARG B 28 2.64 36.76 3.46
C ARG B 28 3.35 35.66 4.25
N LYS B 29 2.84 35.34 5.44
CA LYS B 29 3.47 34.28 6.23
C LYS B 29 3.44 32.93 5.50
N GLU B 30 2.30 32.56 4.91
CA GLU B 30 2.25 31.28 4.23
C GLU B 30 2.95 31.33 2.88
N ILE B 31 3.08 32.51 2.28
CA ILE B 31 3.87 32.62 1.07
C ILE B 31 5.32 32.35 1.38
N SER B 32 5.82 32.94 2.45
CA SER B 32 7.20 32.68 2.84
C SER B 32 7.44 31.18 3.05
N LEU B 33 6.54 30.50 3.78
CA LEU B 33 6.69 29.05 3.99
C LEU B 33 6.69 28.29 2.66
N ALA B 34 5.81 28.69 1.75
CA ALA B 34 5.71 28.07 0.44
C ALA B 34 6.99 28.27 -0.36
N GLU B 35 7.67 29.41 -0.24
CA GLU B 35 8.91 29.61 -0.99
C GLU B 35 9.92 28.50 -0.70
N THR B 36 10.06 28.13 0.57
CA THR B 36 10.98 27.05 0.93
C THR B 36 10.59 25.72 0.25
N GLU B 37 9.30 25.52 0.01
CA GLU B 37 8.77 24.32 -0.62
C GLU B 37 8.72 24.38 -2.15
N MET B 38 9.14 25.48 -2.77
CA MET B 38 9.07 25.65 -4.23
C MET B 38 10.45 25.97 -4.78
N PRO B 39 11.41 25.06 -4.63
CA PRO B 39 12.78 25.37 -5.03
C PRO B 39 12.90 25.63 -6.51
N GLY B 40 12.02 25.05 -7.32
CA GLY B 40 12.06 25.33 -8.74
C GLY B 40 11.81 26.80 -9.04
N LEU B 41 10.77 27.37 -8.43
CA LEU B 41 10.51 28.79 -8.66
C LEU B 41 11.62 29.66 -8.11
N MET B 42 12.12 29.33 -6.91
CA MET B 42 13.11 30.20 -6.29
C MET B 42 14.43 30.14 -7.05
N ALA B 43 14.79 28.98 -7.58
CA ALA B 43 15.98 28.90 -8.43
C ALA B 43 15.81 29.70 -9.72
N THR B 44 14.64 29.62 -10.33
CA THR B 44 14.36 30.44 -11.52
C THR B 44 14.52 31.92 -11.23
N ARG B 45 14.01 32.41 -10.09
CA ARG B 45 14.29 33.79 -9.65
C ARG B 45 15.78 34.09 -9.63
N GLU B 46 16.57 33.21 -9.01
CA GLU B 46 18.00 33.41 -8.91
C GLU B 46 18.67 33.43 -10.28
N GLU B 47 18.29 32.51 -11.15
CA GLU B 47 18.99 32.40 -12.41
C GLU B 47 18.70 33.59 -13.31
N TYR B 48 17.43 33.97 -13.45
CA TYR B 48 17.01 34.97 -14.42
C TYR B 48 16.89 36.38 -13.85
N GLY B 49 16.92 36.53 -12.53
CA GLY B 49 16.91 37.83 -11.89
C GLY B 49 17.88 38.82 -12.51
N PRO B 50 19.18 38.46 -12.60
CA PRO B 50 20.15 39.39 -13.19
C PRO B 50 19.78 39.87 -14.59
N LYS B 51 19.19 39.04 -15.44
CA LYS B 51 18.96 39.49 -16.80
C LYS B 51 17.60 40.14 -17.03
N GLN B 52 16.68 40.06 -16.06
CA GLN B 52 15.40 40.73 -16.16
C GLN B 52 14.71 40.42 -17.48
N PRO B 53 14.52 39.14 -17.83
CA PRO B 53 13.95 38.79 -19.13
C PRO B 53 12.52 39.23 -19.31
N LEU B 54 11.77 39.49 -18.24
CA LEU B 54 10.40 39.94 -18.41
C LEU B 54 10.24 41.47 -18.25
N LYS B 55 11.33 42.21 -18.20
CA LYS B 55 11.27 43.66 -18.19
C LYS B 55 10.55 44.12 -19.45
N GLY B 56 9.45 44.85 -19.29
CA GLY B 56 8.59 45.25 -20.39
C GLY B 56 7.40 44.35 -20.63
N ALA B 57 7.36 43.20 -19.98
CA ALA B 57 6.23 42.30 -20.07
C ALA B 57 5.08 42.84 -19.23
N ARG B 58 3.89 42.75 -19.81
CA ARG B 58 2.63 43.17 -19.17
C ARG B 58 1.73 41.94 -19.20
N ILE B 59 1.81 41.13 -18.15
CA ILE B 59 1.23 39.81 -18.12
C ILE B 59 -0.16 39.84 -17.48
N ALA B 60 -1.19 39.43 -18.23
CA ALA B 60 -2.51 39.19 -17.68
C ALA B 60 -2.60 37.70 -17.32
N GLY B 61 -2.76 37.42 -16.03
CA GLY B 61 -2.81 36.05 -15.54
C GLY B 61 -4.22 35.69 -15.14
N SER B 62 -4.61 34.46 -15.46
CA SER B 62 -5.90 33.90 -15.07
C SER B 62 -5.56 32.50 -14.54
N LEU B 63 -5.40 32.38 -13.23
CA LEU B 63 -5.00 31.13 -12.61
C LEU B 63 -5.37 31.21 -11.13
N HIS B 64 -6.06 30.17 -10.61
CA HIS B 64 -6.34 29.97 -9.18
C HIS B 64 -5.47 30.80 -8.27
N MET B 65 -6.08 31.78 -7.57
CA MET B 65 -5.32 32.76 -6.75
C MET B 65 -5.00 32.16 -5.37
N THR B 66 -4.13 31.15 -5.38
CA THR B 66 -3.65 30.43 -4.20
C THR B 66 -2.32 31.02 -3.71
N ILE B 67 -1.92 30.55 -2.53
CA ILE B 67 -0.56 30.78 -2.04
C ILE B 67 0.48 30.37 -3.07
N GLN B 68 0.26 29.24 -3.72
CA GLN B 68 1.25 28.78 -4.68
C GLN B 68 1.31 29.72 -5.88
N THR B 69 0.16 30.15 -6.37
CA THR B 69 0.17 31.13 -7.43
C THR B 69 0.80 32.45 -7.01
N ALA B 70 0.65 32.85 -5.74
CA ALA B 70 1.36 34.03 -5.24
C ALA B 70 2.86 33.93 -5.44
N VAL B 71 3.44 32.75 -5.21
CA VAL B 71 4.89 32.64 -5.43
C VAL B 71 5.20 32.77 -6.93
N LEU B 72 4.35 32.21 -7.78
CA LEU B 72 4.54 32.37 -9.22
C LEU B 72 4.45 33.84 -9.62
N ILE B 73 3.42 34.54 -9.13
CA ILE B 73 3.25 35.96 -9.44
C ILE B 73 4.51 36.73 -9.06
N GLU B 74 5.01 36.48 -7.86
CA GLU B 74 6.14 37.26 -7.40
C GLU B 74 7.41 36.85 -8.10
N THR B 75 7.45 35.62 -8.64
CA THR B 75 8.56 35.23 -9.49
C THR B 75 8.56 36.02 -10.79
N LEU B 76 7.40 36.08 -11.46
CA LEU B 76 7.24 36.86 -12.67
C LEU B 76 7.66 38.32 -12.45
N ALA B 77 7.23 38.89 -11.33
CA ALA B 77 7.57 40.26 -11.01
C ALA B 77 9.08 40.42 -10.77
N ALA B 78 9.69 39.50 -10.00
CA ALA B 78 11.13 39.48 -9.77
C ALA B 78 11.94 39.42 -11.06
N LEU B 79 11.35 38.94 -12.15
CA LEU B 79 12.03 38.88 -13.44
C LEU B 79 11.71 40.10 -14.29
N GLY B 80 10.95 41.05 -13.76
CA GLY B 80 10.70 42.33 -14.38
C GLY B 80 9.29 42.59 -14.84
N ALA B 81 8.39 41.60 -14.76
CA ALA B 81 7.06 41.73 -15.31
C ALA B 81 6.18 42.74 -14.55
N ASP B 82 5.34 43.43 -15.31
CA ASP B 82 4.17 44.14 -14.82
C ASP B 82 3.01 43.17 -14.98
N ILE B 83 2.07 43.18 -14.03
CA ILE B 83 1.13 42.07 -13.84
C ILE B 83 -0.25 42.58 -13.42
N ARG B 84 -1.30 41.94 -13.95
CA ARG B 84 -2.67 42.00 -13.42
C ARG B 84 -3.13 40.55 -13.31
N TRP B 85 -3.90 40.22 -12.28
CA TRP B 85 -4.23 38.80 -12.05
C TRP B 85 -5.68 38.62 -11.65
N VAL B 86 -6.25 37.47 -12.06
CA VAL B 86 -7.54 36.99 -11.59
C VAL B 86 -7.44 35.47 -11.33
N SER B 87 -8.37 34.94 -10.56
CA SER B 87 -8.51 33.50 -10.45
C SER B 87 -9.21 32.93 -11.67
N CYS B 88 -8.93 31.66 -11.97
CA CYS B 88 -9.66 30.99 -13.03
C CYS B 88 -10.76 30.07 -12.52
N ASN B 89 -11.16 30.19 -11.24
CA ASN B 89 -12.26 29.41 -10.69
C ASN B 89 -12.87 30.22 -9.55
N ILE B 90 -14.20 30.17 -9.41
CA ILE B 90 -14.86 31.05 -8.45
C ILE B 90 -14.65 30.64 -7.00
N TYR B 91 -14.26 29.38 -6.73
CA TYR B 91 -14.00 28.95 -5.36
C TYR B 91 -12.55 28.65 -5.03
N SER B 92 -11.62 28.77 -5.99
CA SER B 92 -10.25 28.33 -5.75
C SER B 92 -9.38 29.37 -5.07
N THR B 93 -9.79 30.65 -5.07
CA THR B 93 -8.99 31.68 -4.43
C THR B 93 -8.75 31.33 -2.96
N GLN B 94 -7.55 31.65 -2.49
CA GLN B 94 -7.19 31.65 -1.08
C GLN B 94 -7.06 33.11 -0.69
N ASP B 95 -8.02 33.57 0.14
CA ASP B 95 -8.23 35.01 0.31
C ASP B 95 -7.02 35.68 0.93
N HIS B 96 -6.26 34.97 1.80
CA HIS B 96 -5.03 35.57 2.31
C HIS B 96 -3.98 35.72 1.21
N ALA B 97 -3.91 34.78 0.27
CA ALA B 97 -2.96 34.92 -0.83
C ALA B 97 -3.32 36.11 -1.71
N ALA B 98 -4.61 36.23 -2.06
CA ALA B 98 -5.04 37.37 -2.86
C ALA B 98 -4.75 38.68 -2.13
N ALA B 99 -5.02 38.72 -0.81
CA ALA B 99 -4.77 39.92 -0.03
C ALA B 99 -3.29 40.29 -0.05
N ALA B 100 -2.40 39.30 0.10
CA ALA B 100 -0.96 39.56 0.07
C ALA B 100 -0.55 40.15 -1.27
N ILE B 101 -1.07 39.61 -2.37
CA ILE B 101 -0.75 40.14 -3.71
C ILE B 101 -1.23 41.58 -3.83
N ALA B 102 -2.47 41.88 -3.42
CA ALA B 102 -2.92 43.28 -3.47
C ALA B 102 -2.04 44.17 -2.63
N ALA B 103 -1.69 43.73 -1.42
CA ALA B 103 -0.86 44.56 -0.56
C ALA B 103 0.51 44.83 -1.16
N ALA B 104 0.97 43.96 -2.03
CA ALA B 104 2.22 44.19 -2.75
C ALA B 104 2.07 45.17 -3.91
N GLY B 105 0.86 45.70 -4.13
CA GLY B 105 0.61 46.69 -5.16
C GLY B 105 0.44 46.12 -6.55
N ILE B 106 0.03 44.86 -6.65
CA ILE B 106 -0.23 44.17 -7.91
C ILE B 106 -1.75 44.03 -8.06
N PRO B 107 -2.34 44.54 -9.15
CA PRO B 107 -3.80 44.45 -9.32
C PRO B 107 -4.24 43.00 -9.40
N VAL B 108 -5.20 42.65 -8.54
CA VAL B 108 -5.74 41.29 -8.49
C VAL B 108 -7.23 41.38 -8.18
N PHE B 109 -8.02 40.59 -8.88
CA PHE B 109 -9.48 40.60 -8.73
C PHE B 109 -9.90 39.16 -8.51
N ALA B 110 -10.02 38.79 -7.23
CA ALA B 110 -10.21 37.39 -6.90
C ALA B 110 -10.69 37.22 -5.47
N VAL B 111 -11.84 36.57 -5.32
CA VAL B 111 -12.51 36.34 -4.05
C VAL B 111 -12.97 34.90 -4.01
N LYS B 112 -12.70 34.20 -2.92
CA LYS B 112 -13.21 32.84 -2.80
C LYS B 112 -14.71 32.95 -2.67
N GLY B 113 -15.44 32.37 -3.61
CA GLY B 113 -16.87 32.48 -3.57
C GLY B 113 -17.47 33.66 -4.29
N GLU B 114 -16.71 34.31 -5.18
CA GLU B 114 -17.27 35.25 -6.11
C GLU B 114 -18.31 34.55 -6.98
N THR B 115 -19.22 35.31 -7.54
CA THR B 115 -20.20 34.72 -8.43
C THR B 115 -19.60 34.55 -9.82
N LEU B 116 -20.31 33.78 -10.65
CA LEU B 116 -19.90 33.63 -12.04
C LEU B 116 -19.93 34.97 -12.77
N THR B 117 -20.94 35.81 -12.49
CA THR B 117 -20.98 37.12 -13.16
C THR B 117 -19.79 37.96 -12.74
N GLU B 118 -19.54 38.06 -11.43
CA GLU B 118 -18.31 38.69 -10.93
C GLU B 118 -17.05 38.13 -11.62
N TYR B 119 -16.93 36.79 -11.65
CA TYR B 119 -15.77 36.14 -12.27
C TYR B 119 -15.46 36.73 -13.66
N TRP B 120 -16.47 36.77 -14.53
CA TRP B 120 -16.24 37.24 -15.89
C TRP B 120 -15.98 38.77 -15.94
N ASP B 121 -16.66 39.56 -15.08
CA ASP B 121 -16.29 40.97 -14.97
C ASP B 121 -14.81 41.10 -14.63
N TYR B 122 -14.35 40.27 -13.70
CA TYR B 122 -12.96 40.40 -13.29
C TYR B 122 -12.02 40.01 -14.43
N THR B 123 -12.38 38.99 -15.20
CA THR B 123 -11.53 38.62 -16.34
C THR B 123 -11.34 39.81 -17.27
N ALA B 124 -12.44 40.49 -17.59
CA ALA B 124 -12.37 41.68 -18.41
C ALA B 124 -11.40 42.71 -17.83
N LYS B 125 -11.35 42.86 -16.50
CA LYS B 125 -10.43 43.84 -15.89
C LYS B 125 -8.96 43.59 -16.19
N LEU B 126 -8.57 42.37 -16.52
CA LEU B 126 -7.19 42.08 -16.93
C LEU B 126 -6.70 43.00 -18.05
N PHE B 127 -7.57 43.36 -18.97
CA PHE B 127 -7.21 43.99 -20.22
C PHE B 127 -7.19 45.52 -20.15
N ASP B 128 -7.64 46.08 -19.03
CA ASP B 128 -7.61 47.53 -18.81
CA ASP B 128 -7.62 47.52 -18.79
C ASP B 128 -6.31 47.85 -18.06
N TRP B 129 -5.23 48.02 -18.81
CA TRP B 129 -3.96 48.05 -18.11
C TRP B 129 -3.79 49.33 -17.30
N HIS B 130 -3.22 49.19 -16.11
CA HIS B 130 -3.06 50.33 -15.23
C HIS B 130 -2.07 51.30 -15.86
N GLY B 131 -2.44 52.56 -15.93
CA GLY B 131 -1.61 53.52 -16.63
C GLY B 131 -1.90 53.64 -18.13
N GLY B 132 -2.75 52.80 -18.69
CA GLY B 132 -3.09 52.88 -20.09
C GLY B 132 -2.62 51.68 -20.91
N GLY B 133 -3.36 51.37 -21.96
CA GLY B 133 -2.95 50.29 -22.82
C GLY B 133 -3.59 48.97 -22.44
N THR B 134 -2.99 47.91 -22.99
CA THR B 134 -3.47 46.55 -22.93
C THR B 134 -2.36 45.66 -22.38
N PRO B 135 -2.64 44.41 -22.01
CA PRO B 135 -1.53 43.50 -21.71
C PRO B 135 -0.69 43.29 -22.96
N ASN B 136 0.50 42.71 -22.81
CA ASN B 136 1.17 42.14 -23.98
C ASN B 136 1.53 40.66 -23.82
N MET B 137 1.02 39.99 -22.77
CA MET B 137 1.21 38.56 -22.56
C MET B 137 -0.01 38.02 -21.80
N ILE B 138 -0.34 36.76 -22.03
CA ILE B 138 -1.38 36.07 -21.27
C ILE B 138 -0.80 34.79 -20.70
N LEU B 139 -1.01 34.58 -19.40
CA LEU B 139 -0.71 33.35 -18.70
C LEU B 139 -2.07 32.78 -18.30
N ASP B 140 -2.52 31.75 -19.00
CA ASP B 140 -3.90 31.28 -18.93
C ASP B 140 -3.99 29.87 -18.33
N ASP B 141 -5.08 29.61 -17.60
CA ASP B 141 -5.33 28.30 -17.03
C ASP B 141 -6.80 27.98 -17.28
N GLY B 142 -7.06 27.24 -18.36
CA GLY B 142 -8.41 26.97 -18.79
C GLY B 142 -8.86 27.83 -19.95
N GLY B 143 -8.03 28.74 -20.44
CA GLY B 143 -8.33 29.45 -21.66
C GLY B 143 -9.38 30.57 -21.56
N ASP B 144 -9.82 30.95 -20.37
CA ASP B 144 -10.87 31.97 -20.27
C ASP B 144 -10.38 33.35 -20.74
N ALA B 145 -9.21 33.78 -20.32
CA ALA B 145 -8.70 35.06 -20.82
C ALA B 145 -8.49 35.01 -22.32
N THR B 146 -7.95 33.88 -22.81
CA THR B 146 -7.72 33.71 -24.25
C THR B 146 -9.04 33.77 -25.00
N MET B 147 -10.07 33.11 -24.46
CA MET B 147 -11.37 33.06 -25.12
C MET B 147 -12.02 34.44 -25.17
N LEU B 148 -11.89 35.21 -24.10
CA LEU B 148 -12.45 36.55 -24.13
C LEU B 148 -11.88 37.33 -25.30
N VAL B 149 -10.56 37.32 -25.47
CA VAL B 149 -9.96 38.06 -26.61
C VAL B 149 -10.49 37.55 -27.95
N HIS B 150 -10.51 36.23 -28.13
CA HIS B 150 -10.88 35.68 -29.45
C HIS B 150 -12.37 35.83 -29.75
N ALA B 151 -13.22 35.58 -28.77
CA ALA B 151 -14.65 35.78 -28.95
C ALA B 151 -14.98 37.25 -29.18
N GLY B 152 -14.37 38.16 -28.42
CA GLY B 152 -14.60 39.58 -28.68
C GLY B 152 -14.09 40.02 -30.04
N TYR B 153 -12.91 39.56 -30.43
CA TYR B 153 -12.38 39.85 -31.76
C TYR B 153 -13.31 39.34 -32.85
N ARG B 154 -13.72 38.08 -32.75
CA ARG B 154 -14.65 37.50 -33.69
C ARG B 154 -15.92 38.35 -33.83
N ALA B 155 -16.51 38.77 -32.70
CA ALA B 155 -17.74 39.56 -32.79
C ALA B 155 -17.47 40.96 -33.30
N GLU B 156 -16.38 41.59 -32.84
CA GLU B 156 -15.99 42.92 -33.29
C GLU B 156 -15.81 42.95 -34.81
N GLN B 157 -15.29 41.90 -35.37
CA GLN B 157 -15.20 41.79 -36.80
C GLN B 157 -16.55 41.50 -37.45
N GLY B 158 -17.72 41.48 -36.81
CA GLY B 158 -18.96 41.36 -37.54
C GLY B 158 -19.69 40.05 -37.36
N ASP B 159 -19.06 39.02 -36.81
CA ASP B 159 -19.67 37.69 -36.69
C ASP B 159 -20.25 37.59 -35.28
N THR B 160 -21.51 38.01 -35.13
CA THR B 160 -22.12 38.18 -33.81
C THR B 160 -23.18 37.12 -33.48
N ALA B 161 -23.61 36.31 -34.46
CA ALA B 161 -24.69 35.34 -34.22
C ALA B 161 -24.41 34.42 -33.02
N PHE B 162 -23.15 34.04 -32.80
CA PHE B 162 -22.88 33.06 -31.75
C PHE B 162 -23.24 33.59 -30.36
N LEU B 163 -23.22 34.90 -30.18
CA LEU B 163 -23.46 35.51 -28.87
C LEU B 163 -24.90 35.33 -28.38
N ASP B 164 -25.84 35.04 -29.28
CA ASP B 164 -27.21 34.72 -28.94
C ASP B 164 -27.48 33.21 -28.89
N LYS B 165 -26.45 32.37 -28.83
CA LYS B 165 -26.65 30.92 -28.84
C LYS B 165 -25.93 30.29 -27.67
N PRO B 166 -26.33 30.60 -26.45
CA PRO B 166 -25.63 30.05 -25.29
C PRO B 166 -26.05 28.63 -24.96
N GLY B 167 -25.06 27.79 -24.68
CA GLY B 167 -25.33 26.42 -24.32
C GLY B 167 -25.29 26.12 -22.84
N SER B 168 -24.96 27.10 -22.00
CA SER B 168 -24.95 26.95 -20.56
C SER B 168 -25.16 28.32 -19.93
N GLU B 169 -25.49 28.35 -18.63
CA GLU B 169 -25.53 29.61 -17.89
C GLU B 169 -24.23 30.38 -18.04
N GLU B 170 -23.10 29.68 -17.94
CA GLU B 170 -21.84 30.39 -18.03
C GLU B 170 -21.66 31.05 -19.39
N GLU B 171 -22.10 30.39 -20.47
CA GLU B 171 -21.99 31.02 -21.78
C GLU B 171 -22.91 32.22 -21.89
N GLU B 172 -24.12 32.13 -21.32
CA GLU B 172 -24.99 33.30 -21.22
C GLU B 172 -24.26 34.48 -20.61
N ILE B 173 -23.62 34.24 -19.46
CA ILE B 173 -22.93 35.31 -18.75
C ILE B 173 -21.73 35.80 -19.57
N PHE B 174 -20.99 34.87 -20.15
CA PHE B 174 -19.85 35.27 -20.96
C PHE B 174 -20.29 36.08 -22.18
N TYR B 175 -21.32 35.61 -22.89
CA TYR B 175 -21.74 36.31 -24.10
C TYR B 175 -22.27 37.70 -23.76
N ALA B 176 -22.97 37.82 -22.63
CA ALA B 176 -23.42 39.12 -22.16
C ALA B 176 -22.25 40.05 -21.92
N LEU B 177 -21.17 39.52 -21.37
CA LEU B 177 -19.98 40.32 -21.11
C LEU B 177 -19.40 40.88 -22.40
N VAL B 178 -19.19 40.00 -23.39
CA VAL B 178 -18.69 40.44 -24.69
C VAL B 178 -19.57 41.55 -25.26
N LYS B 179 -20.90 41.34 -25.27
CA LYS B 179 -21.82 42.38 -25.73
C LYS B 179 -21.61 43.71 -24.98
N ARG B 180 -21.45 43.64 -23.68
CA ARG B 180 -21.28 44.87 -22.92
C ARG B 180 -19.96 45.53 -23.25
N LEU B 181 -18.90 44.74 -23.38
CA LEU B 181 -17.60 45.30 -23.72
C LEU B 181 -17.61 45.92 -25.10
N LEU B 182 -18.29 45.29 -26.06
CA LEU B 182 -18.42 45.90 -27.38
C LEU B 182 -19.14 47.25 -27.30
N LYS B 183 -20.15 47.39 -26.42
CA LYS B 183 -20.86 48.66 -26.29
C LYS B 183 -20.05 49.71 -25.55
N GLU B 184 -19.23 49.32 -24.56
CA GLU B 184 -18.58 50.29 -23.68
C GLU B 184 -17.15 50.66 -24.08
N LYS B 185 -16.40 49.77 -24.75
CA LYS B 185 -15.00 50.02 -25.06
C LYS B 185 -14.86 50.72 -26.42
N PRO B 186 -13.75 51.40 -26.67
CA PRO B 186 -13.58 52.05 -27.96
C PRO B 186 -13.68 51.02 -29.08
N LYS B 187 -14.21 51.45 -30.22
CA LYS B 187 -14.25 50.56 -31.36
C LYS B 187 -12.84 50.07 -31.70
N GLY B 188 -12.75 48.80 -32.04
CA GLY B 188 -11.45 48.20 -32.33
C GLY B 188 -10.70 47.72 -31.10
N TRP B 189 -11.32 47.79 -29.92
CA TRP B 189 -10.64 47.38 -28.69
C TRP B 189 -10.10 45.96 -28.77
N PHE B 190 -10.92 45.02 -29.22
CA PHE B 190 -10.42 43.65 -29.23
C PHE B 190 -9.32 43.47 -30.27
N ALA B 191 -9.43 44.16 -31.42
CA ALA B 191 -8.33 44.12 -32.40
C ALA B 191 -7.05 44.65 -31.79
N GLU B 192 -7.16 45.69 -30.98
CA GLU B 192 -5.97 46.32 -30.40
C GLU B 192 -5.30 45.38 -29.40
N ILE B 193 -6.11 44.78 -28.52
CA ILE B 193 -5.59 43.77 -27.61
C ILE B 193 -4.89 42.68 -28.40
N ALA B 194 -5.58 42.13 -29.39
CA ALA B 194 -5.00 41.04 -30.19
C ALA B 194 -3.67 41.44 -30.80
N LYS B 195 -3.55 42.66 -31.32
CA LYS B 195 -2.30 43.08 -31.91
C LYS B 195 -1.16 43.10 -30.88
N ASN B 196 -1.46 43.49 -29.65
CA ASN B 196 -0.44 43.70 -28.62
C ASN B 196 -0.06 42.43 -27.85
N ILE B 197 -0.86 41.37 -27.87
CA ILE B 197 -0.50 40.14 -27.12
C ILE B 197 0.60 39.39 -27.86
N LYS B 198 1.75 39.27 -27.23
CA LYS B 198 2.88 38.60 -27.86
C LYS B 198 2.78 37.07 -27.76
N GLY B 199 2.08 36.53 -26.78
CA GLY B 199 1.93 35.09 -26.68
C GLY B 199 1.03 34.73 -25.52
N VAL B 200 0.59 33.49 -25.50
CA VAL B 200 -0.14 32.92 -24.37
C VAL B 200 0.48 31.58 -23.99
N SER B 201 0.63 31.33 -22.69
CA SER B 201 0.91 29.97 -22.24
C SER B 201 -0.32 29.42 -21.55
N GLU B 202 -0.56 28.12 -21.72
CA GLU B 202 -1.80 27.50 -21.28
C GLU B 202 -1.49 26.12 -20.72
N GLU B 203 -2.12 25.80 -19.59
CA GLU B 203 -1.77 24.64 -18.81
C GLU B 203 -2.79 23.50 -18.87
N THR B 204 -4.02 23.74 -19.31
CA THR B 204 -5.07 22.73 -19.13
C THR B 204 -5.39 22.02 -20.42
N THR B 205 -6.01 20.85 -20.28
CA THR B 205 -6.41 20.05 -21.42
C THR B 205 -7.46 20.76 -22.25
N THR B 206 -8.48 21.35 -21.64
CA THR B 206 -9.45 22.04 -22.47
C THR B 206 -8.88 23.31 -23.08
N GLY B 207 -8.16 24.10 -22.29
CA GLY B 207 -7.50 25.28 -22.85
C GLY B 207 -6.62 24.93 -24.04
N VAL B 208 -5.81 23.89 -23.90
CA VAL B 208 -4.94 23.46 -24.99
C VAL B 208 -5.74 22.98 -26.18
N HIS B 209 -6.79 22.19 -25.93
CA HIS B 209 -7.63 21.70 -27.02
C HIS B 209 -8.09 22.84 -27.90
N ARG B 210 -8.59 23.90 -27.29
CA ARG B 210 -9.15 24.99 -28.06
C ARG B 210 -8.07 25.79 -28.77
N LEU B 211 -6.88 25.90 -28.17
CA LEU B 211 -5.77 26.52 -28.89
C LEU B 211 -5.46 25.78 -30.18
N TYR B 212 -5.32 24.46 -30.11
CA TYR B 212 -5.04 23.67 -31.31
C TYR B 212 -6.13 23.83 -32.35
N GLU B 213 -7.39 23.83 -31.90
CA GLU B 213 -8.50 23.98 -32.83
C GLU B 213 -8.48 25.34 -33.52
N MET B 214 -8.22 26.41 -32.77
CA MET B 214 -8.11 27.72 -33.41
C MET B 214 -6.91 27.77 -34.36
N ALA B 215 -5.78 27.20 -33.93
CA ALA B 215 -4.61 27.12 -34.80
C ALA B 215 -4.94 26.45 -36.12
N ASN B 216 -5.58 25.29 -36.08
CA ASN B 216 -5.92 24.58 -37.32
C ASN B 216 -6.88 25.40 -38.17
N LYS B 217 -7.87 26.05 -37.55
CA LYS B 217 -8.77 26.94 -38.26
C LYS B 217 -8.12 28.24 -38.71
N GLY B 218 -6.89 28.52 -38.30
CA GLY B 218 -6.29 29.80 -38.62
C GLY B 218 -6.90 30.99 -37.92
N THR B 219 -7.58 30.77 -36.81
CA THR B 219 -8.16 31.89 -36.08
C THR B 219 -7.37 32.24 -34.83
N LEU B 220 -6.36 31.44 -34.46
CA LEU B 220 -5.49 31.80 -33.33
C LEU B 220 -4.81 33.13 -33.63
N LEU B 221 -4.87 34.06 -32.67
CA LEU B 221 -4.43 35.43 -32.90
C LEU B 221 -2.99 35.70 -32.46
N PHE B 222 -2.38 34.84 -31.66
CA PHE B 222 -1.00 35.06 -31.22
C PHE B 222 -0.36 33.71 -30.92
N PRO B 223 0.97 33.66 -30.81
CA PRO B 223 1.63 32.39 -30.53
C PRO B 223 1.18 31.84 -29.18
N ALA B 224 1.19 30.50 -29.07
CA ALA B 224 0.83 29.82 -27.83
C ALA B 224 1.84 28.75 -27.50
N ILE B 225 2.09 28.57 -26.19
CA ILE B 225 2.85 27.43 -25.69
C ILE B 225 1.95 26.57 -24.81
N ASN B 226 1.89 25.28 -25.16
CA ASN B 226 1.13 24.25 -24.45
C ASN B 226 2.03 23.67 -23.37
N VAL B 227 1.85 24.09 -22.11
CA VAL B 227 2.61 23.46 -21.04
C VAL B 227 1.88 22.26 -20.47
N ASN B 228 0.75 21.89 -21.05
CA ASN B 228 0.01 20.76 -20.53
C ASN B 228 0.67 19.45 -20.91
N ASP B 229 1.35 19.40 -22.05
CA ASP B 229 2.03 18.18 -22.44
C ASP B 229 3.45 18.10 -21.89
N SER B 230 3.90 19.05 -21.08
CA SER B 230 5.13 18.83 -20.31
CA SER B 230 5.12 18.82 -20.32
C SER B 230 4.97 17.54 -19.51
N VAL B 231 6.06 16.79 -19.36
CA VAL B 231 5.96 15.59 -18.52
C VAL B 231 5.51 15.96 -17.11
N THR B 232 5.72 17.22 -16.72
CA THR B 232 5.33 17.70 -15.40
C THR B 232 3.82 17.59 -15.16
N LYS B 233 3.00 17.90 -16.16
CA LYS B 233 1.57 17.93 -15.89
C LYS B 233 1.00 16.53 -15.70
N SER B 234 1.32 15.61 -16.61
CA SER B 234 0.76 14.27 -16.50
C SER B 234 1.44 13.49 -15.39
N LYS B 235 2.77 13.54 -15.30
CA LYS B 235 3.46 12.63 -14.40
C LYS B 235 3.63 13.18 -12.99
N PHE B 236 3.33 14.45 -12.75
CA PHE B 236 3.55 14.97 -11.41
C PHE B 236 2.36 15.72 -10.85
N ASP B 237 2.01 16.83 -11.53
CA ASP B 237 0.94 17.72 -11.08
C ASP B 237 -0.36 16.96 -10.96
N ASN B 238 -0.80 16.33 -12.04
CA ASN B 238 -2.10 15.66 -12.00
C ASN B 238 -2.04 14.43 -11.08
N LEU B 239 -1.01 13.62 -11.23
CA LEU B 239 -0.90 12.37 -10.49
C LEU B 239 -0.70 12.60 -9.00
N TYR B 240 0.44 13.19 -8.62
CA TYR B 240 0.75 13.32 -7.21
C TYR B 240 -0.01 14.46 -6.52
N GLY B 241 -0.34 15.52 -7.26
CA GLY B 241 -1.14 16.58 -6.65
C GLY B 241 -2.50 16.08 -6.20
N CYS B 242 -3.22 15.39 -7.08
CA CYS B 242 -4.54 14.87 -6.74
C CYS B 242 -4.44 13.77 -5.68
N ARG B 243 -3.40 12.96 -5.74
CA ARG B 243 -3.20 11.96 -4.69
C ARG B 243 -3.15 12.63 -3.32
N GLU B 244 -2.53 13.80 -3.25
CA GLU B 244 -2.43 14.47 -1.97
C GLU B 244 -3.64 15.34 -1.66
N SER B 245 -4.26 15.99 -2.63
CA SER B 245 -5.23 17.04 -2.32
C SER B 245 -6.68 16.60 -2.47
N LEU B 246 -6.95 15.49 -3.18
CA LEU B 246 -8.35 15.06 -3.30
C LEU B 246 -8.93 14.68 -1.95
N VAL B 247 -8.27 13.75 -1.24
CA VAL B 247 -8.80 13.37 0.08
C VAL B 247 -8.78 14.55 1.02
N ASP B 248 -7.77 15.42 0.92
CA ASP B 248 -7.74 16.64 1.70
C ASP B 248 -9.06 17.39 1.56
N GLY B 249 -9.48 17.65 0.33
CA GLY B 249 -10.74 18.34 0.11
C GLY B 249 -11.91 17.63 0.77
N ILE B 250 -11.97 16.31 0.59
CA ILE B 250 -13.11 15.53 1.08
C ILE B 250 -13.11 15.50 2.60
N ARG B 251 -11.94 15.36 3.20
CA ARG B 251 -11.84 15.39 4.65
C ARG B 251 -12.30 16.72 5.21
N ARG B 252 -11.81 17.83 4.64
CA ARG B 252 -12.18 19.12 5.23
C ARG B 252 -13.65 19.40 5.06
N GLY B 253 -14.22 18.93 3.95
CA GLY B 253 -15.63 19.20 3.72
C GLY B 253 -16.54 18.39 4.62
N THR B 254 -16.15 17.16 4.93
CA THR B 254 -17.09 16.22 5.52
C THR B 254 -16.59 15.54 6.80
N ASP B 255 -15.29 15.49 7.06
CA ASP B 255 -14.74 14.82 8.24
C ASP B 255 -15.20 13.36 8.36
N VAL B 256 -15.50 12.75 7.27
CA VAL B 256 -15.99 11.39 7.25
C VAL B 256 -14.83 10.41 7.39
N MET B 257 -15.10 9.24 7.97
CA MET B 257 -14.08 8.21 8.02
C MET B 257 -13.93 7.53 6.66
N LEU B 258 -12.73 7.46 6.13
CA LEU B 258 -12.59 6.87 4.81
C LEU B 258 -12.42 5.37 4.87
N SER B 259 -11.74 4.86 5.89
CA SER B 259 -11.64 3.41 6.06
C SER B 259 -13.02 2.82 6.22
N GLY B 260 -13.30 1.78 5.48
CA GLY B 260 -14.62 1.19 5.50
C GLY B 260 -15.56 1.68 4.42
N LYS B 261 -15.23 2.76 3.74
CA LYS B 261 -16.10 3.29 2.69
C LYS B 261 -15.68 2.78 1.30
N VAL B 262 -16.64 2.84 0.38
CA VAL B 262 -16.47 2.50 -1.01
C VAL B 262 -16.54 3.79 -1.79
N ALA B 263 -15.62 4.00 -2.71
CA ALA B 263 -15.57 5.23 -3.49
C ALA B 263 -15.57 4.90 -4.97
N MET B 264 -16.11 5.83 -5.76
CA MET B 264 -16.19 5.66 -7.20
C MET B 264 -15.52 6.86 -7.85
N VAL B 265 -14.55 6.58 -8.74
CA VAL B 265 -13.84 7.61 -9.48
C VAL B 265 -14.15 7.40 -10.95
N ALA B 266 -14.71 8.42 -11.59
CA ALA B 266 -15.01 8.35 -13.01
C ALA B 266 -13.84 8.96 -13.78
N GLY B 267 -13.23 8.14 -14.63
CA GLY B 267 -12.02 8.49 -15.33
C GLY B 267 -10.74 7.97 -14.71
N PHE B 268 -9.82 7.53 -15.55
CA PHE B 268 -8.54 7.01 -15.08
C PHE B 268 -7.43 7.47 -16.02
N GLY B 269 -7.52 8.73 -16.47
CA GLY B 269 -6.36 9.45 -16.94
C GLY B 269 -5.53 9.88 -15.75
N ASP B 270 -4.68 10.90 -15.94
CA ASP B 270 -3.75 11.17 -14.84
C ASP B 270 -4.46 11.71 -13.60
N VAL B 271 -5.51 12.50 -13.75
CA VAL B 271 -6.23 13.02 -12.58
C VAL B 271 -6.95 11.88 -11.83
N GLY B 272 -7.62 10.99 -12.57
CA GLY B 272 -8.33 9.88 -11.93
C GLY B 272 -7.38 8.86 -11.31
N LYS B 273 -6.22 8.65 -11.95
CA LYS B 273 -5.14 7.89 -11.34
C LYS B 273 -4.78 8.46 -9.98
N GLY B 274 -4.52 9.76 -9.93
CA GLY B 274 -4.15 10.37 -8.65
C GLY B 274 -5.30 10.34 -7.66
N SER B 275 -6.51 10.60 -8.15
CA SER B 275 -7.70 10.60 -7.29
C SER B 275 -7.95 9.22 -6.69
N ALA B 276 -7.92 8.19 -7.51
CA ALA B 276 -8.14 6.84 -7.02
C ALA B 276 -7.08 6.47 -6.01
N ALA B 277 -5.81 6.77 -6.32
CA ALA B 277 -4.76 6.56 -5.34
C ALA B 277 -5.02 7.33 -4.05
N SER B 278 -5.49 8.57 -4.16
CA SER B 278 -5.77 9.35 -2.95
C SER B 278 -6.73 8.58 -2.04
N LEU B 279 -7.83 8.13 -2.63
CA LEU B 279 -8.87 7.45 -1.87
C LEU B 279 -8.37 6.10 -1.36
N ARG B 280 -7.60 5.37 -2.18
CA ARG B 280 -7.17 4.06 -1.71
C ARG B 280 -6.17 4.20 -0.57
N GLN B 281 -5.23 5.12 -0.69
CA GLN B 281 -4.26 5.31 0.39
C GLN B 281 -4.94 5.72 1.70
N ALA B 282 -6.08 6.37 1.63
CA ALA B 282 -6.75 6.80 2.84
C ALA B 282 -7.67 5.74 3.41
N GLY B 283 -7.79 4.62 2.71
CA GLY B 283 -8.46 3.42 3.17
C GLY B 283 -9.77 3.07 2.48
N CYS B 284 -10.21 3.81 1.45
CA CYS B 284 -11.42 3.39 0.76
C CYS B 284 -11.15 2.19 -0.13
N ARG B 285 -12.22 1.49 -0.45
CA ARG B 285 -12.23 0.53 -1.54
C ARG B 285 -12.73 1.29 -2.76
N VAL B 286 -11.94 1.30 -3.82
CA VAL B 286 -12.12 2.24 -4.92
C VAL B 286 -12.55 1.49 -6.16
N MET B 287 -13.64 1.94 -6.77
CA MET B 287 -14.07 1.51 -8.09
C MET B 287 -13.85 2.65 -9.09
N VAL B 288 -13.77 2.30 -10.36
CA VAL B 288 -13.40 3.25 -11.40
C VAL B 288 -14.28 3.02 -12.61
N SER B 289 -14.62 4.09 -13.35
CA SER B 289 -15.21 3.94 -14.67
C SER B 289 -14.26 4.50 -15.74
N GLU B 290 -14.37 3.99 -16.96
CA GLU B 290 -13.52 4.44 -18.05
C GLU B 290 -14.22 4.09 -19.34
N VAL B 291 -13.96 4.91 -20.37
CA VAL B 291 -14.36 4.63 -21.74
C VAL B 291 -13.17 4.19 -22.59
N ASP B 292 -11.94 4.42 -22.14
CA ASP B 292 -10.75 4.02 -22.86
C ASP B 292 -10.33 2.63 -22.41
N PRO B 293 -10.27 1.62 -23.28
CA PRO B 293 -9.95 0.25 -22.79
C PRO B 293 -8.54 0.13 -22.26
N ILE B 294 -7.60 0.94 -22.76
CA ILE B 294 -6.25 0.92 -22.19
C ILE B 294 -6.28 1.46 -20.77
N CYS B 295 -6.89 2.62 -20.56
CA CYS B 295 -6.99 3.15 -19.22
C CYS B 295 -7.75 2.20 -18.30
N ALA B 296 -8.82 1.58 -18.81
CA ALA B 296 -9.57 0.63 -17.99
C ALA B 296 -8.69 -0.54 -17.58
N LEU B 297 -7.92 -1.08 -18.54
CA LEU B 297 -7.02 -2.17 -18.23
C LEU B 297 -5.97 -1.76 -17.19
N GLN B 298 -5.49 -0.50 -17.25
CA GLN B 298 -4.60 -0.01 -16.19
C GLN B 298 -5.28 -0.07 -14.82
N ALA B 299 -6.50 0.48 -14.73
CA ALA B 299 -7.24 0.47 -13.47
C ALA B 299 -7.36 -0.95 -12.94
N ALA B 300 -7.82 -1.87 -13.79
CA ALA B 300 -7.98 -3.24 -13.33
C ALA B 300 -6.66 -3.79 -12.83
N MET B 301 -5.57 -3.52 -13.56
CA MET B 301 -4.29 -4.06 -13.13
C MET B 301 -3.80 -3.43 -11.84
N GLU B 302 -4.22 -2.20 -11.54
CA GLU B 302 -3.91 -1.58 -10.25
C GLU B 302 -4.82 -2.05 -9.13
N GLY B 303 -5.74 -2.97 -9.41
CA GLY B 303 -6.55 -3.55 -8.36
C GLY B 303 -7.89 -2.89 -8.14
N TYR B 304 -8.30 -1.98 -9.02
CA TYR B 304 -9.58 -1.31 -8.89
C TYR B 304 -10.63 -2.07 -9.68
N GLU B 305 -11.82 -2.23 -9.10
CA GLU B 305 -12.94 -2.78 -9.84
C GLU B 305 -13.46 -1.73 -10.82
N VAL B 306 -13.62 -2.09 -12.08
CA VAL B 306 -14.01 -1.13 -13.12
C VAL B 306 -15.45 -1.42 -13.49
N VAL B 307 -16.33 -0.45 -13.21
CA VAL B 307 -17.77 -0.61 -13.30
C VAL B 307 -18.36 0.63 -13.96
N THR B 308 -19.64 0.54 -14.35
CA THR B 308 -20.32 1.73 -14.83
C THR B 308 -20.86 2.59 -13.69
N MET B 309 -21.24 3.82 -14.02
CA MET B 309 -21.85 4.66 -13.01
C MET B 309 -23.21 4.13 -12.57
N GLU B 310 -23.96 3.49 -13.48
CA GLU B 310 -25.20 2.84 -13.08
C GLU B 310 -24.94 1.76 -12.03
N ASP B 311 -23.86 1.01 -12.20
CA ASP B 311 -23.45 -0.01 -11.24
C ASP B 311 -23.05 0.62 -9.92
N ALA B 312 -22.33 1.74 -9.97
CA ALA B 312 -21.78 2.35 -8.76
C ALA B 312 -22.82 3.13 -7.98
N ALA B 313 -23.80 3.67 -8.68
CA ALA B 313 -24.72 4.66 -8.11
C ALA B 313 -25.35 4.22 -6.80
N PRO B 314 -25.96 3.04 -6.69
CA PRO B 314 -26.58 2.68 -5.42
C PRO B 314 -25.60 2.24 -4.34
N ARG B 315 -24.32 2.05 -4.65
CA ARG B 315 -23.49 1.46 -3.63
C ARG B 315 -22.28 2.26 -3.17
N ALA B 316 -21.75 3.22 -3.94
CA ALA B 316 -20.62 3.94 -3.38
C ALA B 316 -21.07 4.93 -2.29
N ASP B 317 -20.17 5.15 -1.35
CA ASP B 317 -20.31 6.16 -0.31
C ASP B 317 -19.82 7.51 -0.77
N ILE B 318 -18.89 7.52 -1.72
CA ILE B 318 -18.25 8.73 -2.19
C ILE B 318 -18.12 8.65 -3.71
N PHE B 319 -18.47 9.73 -4.42
CA PHE B 319 -18.36 9.79 -5.88
C PHE B 319 -17.45 10.97 -6.28
N VAL B 320 -16.51 10.71 -7.21
CA VAL B 320 -15.56 11.75 -7.65
C VAL B 320 -15.50 11.69 -9.18
N THR B 321 -15.80 12.81 -9.84
CA THR B 321 -15.69 12.83 -11.30
C THR B 321 -14.34 13.38 -11.72
N ALA B 322 -13.70 12.69 -12.67
CA ALA B 322 -12.34 13.03 -13.10
C ALA B 322 -12.16 12.84 -14.60
N THR B 323 -13.17 13.14 -15.39
CA THR B 323 -13.17 12.75 -16.81
C THR B 323 -12.88 13.88 -17.78
N GLY B 324 -13.09 15.12 -17.38
CA GLY B 324 -13.10 16.18 -18.38
C GLY B 324 -14.25 16.10 -19.35
N ASN B 325 -15.22 15.23 -19.11
CA ASN B 325 -16.37 15.11 -20.02
C ASN B 325 -17.61 15.67 -19.33
N LYS B 326 -18.76 15.59 -19.98
CA LYS B 326 -19.97 16.10 -19.35
C LYS B 326 -20.98 14.97 -19.08
N ASP B 327 -21.87 15.25 -18.12
CA ASP B 327 -23.02 14.39 -17.83
C ASP B 327 -22.60 13.01 -17.37
N ILE B 328 -21.64 13.01 -16.44
CA ILE B 328 -21.06 11.79 -15.88
C ILE B 328 -21.92 11.23 -14.76
N ILE B 329 -22.31 12.10 -13.82
CA ILE B 329 -23.23 11.77 -12.73
C ILE B 329 -24.49 12.59 -12.98
N THR B 330 -25.59 11.91 -13.29
CA THR B 330 -26.84 12.52 -13.69
C THR B 330 -27.81 12.62 -12.52
N ILE B 331 -28.94 13.28 -12.77
CA ILE B 331 -30.01 13.34 -11.79
C ILE B 331 -30.53 11.93 -11.47
N GLU B 332 -30.56 11.05 -12.47
CA GLU B 332 -30.97 9.66 -12.25
C GLU B 332 -30.00 8.94 -11.31
N HIS B 333 -28.70 9.11 -11.52
CA HIS B 333 -27.73 8.47 -10.65
C HIS B 333 -27.87 8.99 -9.22
N MET B 334 -28.04 10.28 -9.06
CA MET B 334 -28.10 10.82 -7.72
CA MET B 334 -28.10 10.85 -7.72
C MET B 334 -29.38 10.43 -6.99
N ARG B 335 -30.48 10.22 -7.73
CA ARG B 335 -31.69 9.70 -7.13
C ARG B 335 -31.48 8.32 -6.56
N ALA B 336 -30.58 7.55 -7.17
CA ALA B 336 -30.32 6.17 -6.79
C ALA B 336 -29.28 6.02 -5.69
N MET B 337 -28.51 7.08 -5.38
CA MET B 337 -27.46 6.99 -4.38
C MET B 337 -28.05 6.75 -2.98
N LYS B 338 -27.22 6.18 -2.11
CA LYS B 338 -27.61 6.01 -0.71
C LYS B 338 -27.74 7.37 -0.02
N ASP B 339 -28.54 7.39 1.04
CA ASP B 339 -28.71 8.61 1.81
C ASP B 339 -27.36 9.11 2.30
N ARG B 340 -27.05 10.36 1.97
CA ARG B 340 -25.87 11.09 2.42
C ARG B 340 -24.58 10.60 1.74
N ALA B 341 -24.69 10.00 0.56
CA ALA B 341 -23.51 9.82 -0.26
C ALA B 341 -22.87 11.19 -0.54
N ILE B 342 -21.56 11.20 -0.70
CA ILE B 342 -20.78 12.42 -0.96
C ILE B 342 -20.45 12.44 -2.43
N VAL B 343 -20.63 13.60 -3.09
CA VAL B 343 -20.42 13.75 -4.53
C VAL B 343 -19.55 14.98 -4.76
N CYS B 344 -18.53 14.87 -5.61
CA CYS B 344 -17.63 15.99 -5.86
C CYS B 344 -16.91 15.76 -7.19
N ASN B 345 -16.23 16.81 -7.65
CA ASN B 345 -15.66 16.87 -8.98
C ASN B 345 -14.24 17.39 -8.85
N ILE B 346 -13.31 16.71 -9.50
CA ILE B 346 -11.96 17.22 -9.62
C ILE B 346 -11.54 17.36 -11.07
N GLY B 347 -12.49 17.29 -12.03
CA GLY B 347 -12.29 17.81 -13.36
C GLY B 347 -12.62 19.32 -13.44
N HIS B 348 -12.36 19.95 -14.57
CA HIS B 348 -12.21 21.40 -14.48
C HIS B 348 -13.51 22.20 -14.64
N PHE B 349 -14.59 21.62 -15.14
CA PHE B 349 -15.85 22.34 -15.33
C PHE B 349 -16.92 21.70 -14.46
N ASP B 350 -17.95 22.48 -14.10
CA ASP B 350 -19.02 22.09 -13.15
C ASP B 350 -20.14 21.28 -13.79
N ASN B 351 -19.95 20.76 -14.99
CA ASN B 351 -20.99 19.99 -15.66
C ASN B 351 -20.65 18.49 -15.72
N GLU B 352 -19.61 18.01 -15.05
CA GLU B 352 -19.43 16.55 -14.98
C GLU B 352 -20.56 15.92 -14.17
N ILE B 353 -20.92 16.56 -13.05
CA ILE B 353 -22.13 16.32 -12.29
C ILE B 353 -23.21 17.26 -12.84
N GLN B 354 -24.46 16.79 -12.88
CA GLN B 354 -25.57 17.61 -13.37
C GLN B 354 -26.05 18.54 -12.25
N ILE B 355 -25.18 19.49 -11.87
CA ILE B 355 -25.51 20.39 -10.77
C ILE B 355 -26.75 21.22 -11.09
N ALA B 356 -26.86 21.67 -12.35
CA ALA B 356 -27.98 22.53 -12.69
C ALA B 356 -29.30 21.82 -12.50
N SER B 357 -29.34 20.51 -12.70
CA SER B 357 -30.60 19.78 -12.53
C SER B 357 -30.99 19.62 -11.06
N LEU B 358 -30.12 19.99 -10.13
CA LEU B 358 -30.37 19.89 -8.70
C LEU B 358 -30.92 21.17 -8.11
N ARG B 359 -30.97 22.27 -8.89
CA ARG B 359 -31.25 23.57 -8.30
C ARG B 359 -32.72 23.73 -7.90
N ASN B 360 -33.61 22.89 -8.40
CA ASN B 360 -35.01 23.00 -7.97
C ASN B 360 -35.27 22.25 -6.67
N LEU B 361 -34.26 21.57 -6.16
CA LEU B 361 -34.35 20.79 -4.94
C LEU B 361 -33.96 21.65 -3.77
N LYS B 362 -34.13 21.12 -2.56
CA LYS B 362 -33.84 21.87 -1.35
C LYS B 362 -32.35 21.76 -1.03
N TRP B 363 -31.68 22.90 -0.98
CA TRP B 363 -30.28 22.96 -0.57
C TRP B 363 -30.19 23.50 0.84
N THR B 364 -29.50 22.78 1.71
CA THR B 364 -29.18 23.27 3.04
C THR B 364 -27.68 23.47 3.13
N ASN B 365 -27.24 24.70 3.34
CA ASN B 365 -25.80 24.94 3.40
C ASN B 365 -25.26 24.49 4.75
N ILE B 366 -24.19 23.71 4.72
CA ILE B 366 -23.58 23.25 5.97
C ILE B 366 -22.51 24.22 6.44
N LYS B 367 -21.64 24.61 5.51
CA LYS B 367 -20.54 25.53 5.68
C LYS B 367 -20.05 25.95 4.29
N PRO B 368 -19.07 26.83 4.15
CA PRO B 368 -18.62 27.20 2.79
C PRO B 368 -18.22 25.97 1.97
N GLN B 369 -18.77 25.88 0.76
CA GLN B 369 -18.50 24.81 -0.21
C GLN B 369 -18.99 23.44 0.25
N VAL B 370 -19.97 23.39 1.15
CA VAL B 370 -20.55 22.12 1.58
C VAL B 370 -22.05 22.33 1.71
N ASP B 371 -22.82 21.57 0.95
CA ASP B 371 -24.26 21.71 0.95
C ASP B 371 -24.90 20.34 0.96
N GLU B 372 -25.99 20.22 1.71
CA GLU B 372 -26.78 19.01 1.70
C GLU B 372 -28.01 19.24 0.85
N ILE B 373 -28.24 18.35 -0.10
CA ILE B 373 -29.28 18.49 -1.10
C ILE B 373 -30.30 17.39 -0.85
N GLU B 374 -31.57 17.77 -0.73
CA GLU B 374 -32.62 16.85 -0.31
C GLU B 374 -33.61 16.61 -1.44
N PHE B 375 -33.89 15.37 -1.70
CA PHE B 375 -34.85 14.95 -2.72
C PHE B 375 -36.22 14.76 -2.08
N PRO B 376 -37.27 14.77 -2.91
CA PRO B 376 -38.63 14.57 -2.37
C PRO B 376 -38.82 13.30 -1.55
N ASP B 377 -38.11 12.19 -1.83
CA ASP B 377 -38.24 11.01 -0.98
C ASP B 377 -37.38 11.11 0.31
N LYS B 378 -36.98 12.34 0.66
CA LYS B 378 -36.17 12.74 1.81
C LYS B 378 -34.76 12.15 1.81
N HIS B 379 -34.35 11.45 0.77
CA HIS B 379 -32.96 11.03 0.76
C HIS B 379 -32.10 12.20 0.32
N ARG B 380 -30.86 12.23 0.81
CA ARG B 380 -30.00 13.40 0.74
C ARG B 380 -28.67 13.06 0.07
N ILE B 381 -28.00 14.07 -0.49
CA ILE B 381 -26.61 13.92 -0.86
C ILE B 381 -25.81 15.12 -0.36
N ILE B 382 -24.53 14.90 -0.19
CA ILE B 382 -23.61 15.93 0.28
C ILE B 382 -22.80 16.35 -0.94
N MET B 383 -23.01 17.59 -1.36
CA MET B 383 -22.37 18.14 -2.54
C MET B 383 -21.24 19.03 -2.09
N LEU B 384 -20.05 18.81 -2.63
CA LEU B 384 -18.89 19.63 -2.30
C LEU B 384 -18.61 20.66 -3.41
N SER B 385 -18.34 21.91 -3.00
CA SER B 385 -17.95 23.02 -3.91
C SER B 385 -18.91 23.18 -5.09
N GLU B 386 -20.18 22.88 -4.86
CA GLU B 386 -21.22 22.97 -5.88
C GLU B 386 -20.77 22.31 -7.18
N GLY B 387 -20.02 21.21 -7.06
CA GLY B 387 -19.64 20.50 -8.27
C GLY B 387 -18.40 21.01 -8.95
N ARG B 388 -17.69 21.95 -8.35
CA ARG B 388 -16.44 22.49 -8.90
C ARG B 388 -15.25 21.89 -8.17
N LEU B 389 -14.05 22.09 -8.77
CA LEU B 389 -12.80 21.51 -8.29
C LEU B 389 -12.72 21.39 -6.78
N VAL B 390 -12.81 20.15 -6.28
CA VAL B 390 -13.04 19.96 -4.85
C VAL B 390 -11.77 20.21 -4.06
N ASN B 391 -10.61 19.88 -4.62
CA ASN B 391 -9.38 20.09 -3.87
C ASN B 391 -9.17 21.58 -3.57
N LEU B 392 -9.35 22.43 -4.57
CA LEU B 392 -9.18 23.88 -4.40
C LEU B 392 -10.34 24.53 -3.66
N GLY B 393 -11.57 24.02 -3.83
CA GLY B 393 -12.74 24.62 -3.18
C GLY B 393 -12.87 24.27 -1.71
N ASN B 394 -12.66 23.01 -1.35
CA ASN B 394 -12.86 22.56 0.03
C ASN B 394 -11.58 22.50 0.84
N ALA B 395 -10.41 22.58 0.19
CA ALA B 395 -9.16 22.55 0.91
C ALA B 395 -8.24 23.62 0.33
N MET B 396 -6.95 23.33 0.12
CA MET B 396 -5.99 24.32 -0.32
C MET B 396 -5.36 23.96 -1.67
N GLY B 397 -6.06 23.13 -2.47
CA GLY B 397 -5.45 22.63 -3.74
C GLY B 397 -4.21 21.75 -3.53
N HIS B 398 -3.47 21.54 -4.62
CA HIS B 398 -2.21 20.81 -4.56
C HIS B 398 -1.23 21.52 -3.63
N PRO B 399 -0.38 20.77 -2.91
CA PRO B 399 0.64 21.39 -2.06
C PRO B 399 1.71 22.08 -2.90
N SER B 400 2.45 22.97 -2.22
CA SER B 400 3.38 23.86 -2.91
C SER B 400 4.44 23.09 -3.70
N PHE B 401 5.00 22.01 -3.11
CA PHE B 401 6.14 21.40 -3.79
C PHE B 401 5.77 20.96 -5.21
N VAL B 402 4.61 20.35 -5.39
CA VAL B 402 4.34 19.87 -6.76
C VAL B 402 3.94 21.03 -7.69
N MET B 403 3.35 22.10 -7.18
CA MET B 403 3.07 23.25 -8.05
C MET B 403 4.34 23.98 -8.49
N SER B 404 5.42 23.86 -7.72
CA SER B 404 6.69 24.46 -8.12
C SER B 404 7.10 24.05 -9.54
N ALA B 405 6.91 22.78 -9.89
CA ALA B 405 7.37 22.34 -11.21
C ALA B 405 6.47 22.90 -12.30
N SER B 406 5.16 22.84 -12.11
CA SER B 406 4.25 23.38 -13.11
C SER B 406 4.48 24.89 -13.29
N PHE B 407 4.73 25.59 -12.20
CA PHE B 407 4.82 27.04 -12.28
C PHE B 407 6.18 27.48 -12.81
N THR B 408 7.20 26.66 -12.60
CA THR B 408 8.47 26.89 -13.27
C THR B 408 8.29 26.77 -14.77
N ASN B 409 7.52 25.77 -15.21
CA ASN B 409 7.23 25.63 -16.62
C ASN B 409 6.51 26.83 -17.16
N GLN B 410 5.52 27.33 -16.40
CA GLN B 410 4.80 28.55 -16.80
C GLN B 410 5.75 29.72 -16.93
N THR B 411 6.67 29.87 -15.99
CA THR B 411 7.59 30.99 -16.06
C THR B 411 8.49 30.88 -17.27
N LEU B 412 8.95 29.65 -17.56
CA LEU B 412 9.85 29.42 -18.70
C LEU B 412 9.13 29.70 -20.01
N ALA B 413 7.85 29.33 -20.10
CA ALA B 413 7.05 29.62 -21.26
C ALA B 413 6.85 31.12 -21.45
N GLN B 414 6.56 31.85 -20.37
CA GLN B 414 6.46 33.31 -20.47
C GLN B 414 7.78 33.89 -21.00
N ILE B 415 8.92 33.43 -20.49
CA ILE B 415 10.20 33.93 -20.99
C ILE B 415 10.35 33.63 -22.49
N GLU B 416 10.03 32.41 -22.91
CA GLU B 416 10.22 31.99 -24.30
C GLU B 416 9.43 32.87 -25.25
N LEU B 417 8.12 33.01 -25.01
CA LEU B 417 7.26 33.82 -25.87
C LEU B 417 7.62 35.28 -25.79
N PHE B 418 8.01 35.76 -24.62
CA PHE B 418 8.16 37.21 -24.50
C PHE B 418 9.55 37.66 -24.91
N ALA B 419 10.56 36.89 -24.52
CA ALA B 419 11.95 37.29 -24.70
C ALA B 419 12.69 36.51 -25.78
N ASN B 420 12.18 35.37 -26.21
CA ASN B 420 12.93 34.52 -27.13
C ASN B 420 12.18 34.32 -28.43
N ASN B 421 11.52 35.35 -28.95
CA ASN B 421 10.84 35.24 -30.22
C ASN B 421 11.35 36.26 -31.23
N LYS B 422 12.60 36.72 -31.08
CA LYS B 422 13.13 37.75 -31.97
C LYS B 422 13.21 37.27 -33.42
N ASP B 423 13.35 35.96 -33.62
CA ASP B 423 13.47 35.36 -34.92
C ASP B 423 12.14 34.85 -35.45
N SER B 424 11.07 35.05 -34.68
CA SER B 424 9.73 34.56 -35.03
C SER B 424 9.69 33.03 -35.11
N LYS B 425 10.53 32.35 -34.33
CA LYS B 425 10.42 30.90 -34.22
C LYS B 425 9.05 30.46 -33.75
N TYR B 426 8.24 31.35 -33.19
CA TYR B 426 6.91 31.03 -32.70
C TYR B 426 5.93 31.84 -33.54
N ALA B 427 5.30 31.18 -34.52
CA ALA B 427 4.23 31.75 -35.31
C ALA B 427 2.91 31.72 -34.54
N LYS B 428 1.81 32.06 -35.21
CA LYS B 428 0.46 31.95 -34.62
C LYS B 428 0.03 30.48 -34.64
N LYS B 429 0.70 29.69 -33.81
CA LYS B 429 0.58 28.25 -33.78
C LYS B 429 0.87 27.80 -32.35
N VAL B 430 0.65 26.53 -32.03
CA VAL B 430 0.85 25.99 -30.68
C VAL B 430 2.16 25.20 -30.62
N TYR B 431 3.00 25.51 -29.63
CA TYR B 431 4.30 24.89 -29.46
C TYR B 431 4.37 24.24 -28.06
N VAL B 432 5.36 23.36 -27.86
CA VAL B 432 5.63 22.73 -26.57
C VAL B 432 7.11 22.93 -26.20
N LEU B 433 7.39 23.08 -24.91
CA LEU B 433 8.78 23.18 -24.45
C LEU B 433 9.54 21.85 -24.70
N PRO B 434 10.86 21.93 -24.92
CA PRO B 434 11.66 20.72 -25.20
C PRO B 434 11.95 19.86 -23.96
N LYS B 435 12.42 18.64 -24.23
CA LYS B 435 12.73 17.72 -23.15
C LYS B 435 13.87 18.23 -22.30
N THR B 436 14.77 19.02 -22.87
CA THR B 436 15.84 19.57 -22.05
C THR B 436 15.25 20.42 -20.94
N LEU B 437 14.14 21.09 -21.21
CA LEU B 437 13.52 21.87 -20.14
C LEU B 437 12.85 20.97 -19.12
N ASP B 438 12.16 19.91 -19.57
CA ASP B 438 11.59 18.94 -18.63
C ASP B 438 12.65 18.35 -17.71
N GLU B 439 13.81 17.97 -18.23
CA GLU B 439 14.86 17.45 -17.36
C GLU B 439 15.40 18.52 -16.40
N LYS B 440 15.64 19.74 -16.90
CA LYS B 440 16.14 20.81 -16.03
C LYS B 440 15.15 21.14 -14.93
N VAL B 441 13.87 21.16 -15.25
CA VAL B 441 12.89 21.51 -14.24
C VAL B 441 12.87 20.45 -13.14
N ALA B 442 12.83 19.16 -13.52
CA ALA B 442 12.91 18.08 -12.54
C ALA B 442 14.17 18.18 -11.70
N ARG B 443 15.30 18.45 -12.33
CA ARG B 443 16.57 18.53 -11.63
C ARG B 443 16.55 19.59 -10.52
N LEU B 444 15.89 20.73 -10.77
CA LEU B 444 15.82 21.79 -9.76
C LEU B 444 15.14 21.34 -8.47
N HIS B 445 14.42 20.22 -8.49
CA HIS B 445 13.67 19.82 -7.31
C HIS B 445 14.33 18.70 -6.52
N LEU B 446 15.45 18.17 -6.99
CA LEU B 446 15.98 16.95 -6.39
C LEU B 446 16.61 17.20 -5.03
N ALA B 447 17.32 18.32 -4.90
CA ALA B 447 18.08 18.54 -3.68
C ALA B 447 17.16 18.75 -2.47
N LYS B 448 16.01 19.40 -2.67
CA LYS B 448 15.10 19.68 -1.56
CA LYS B 448 15.14 19.67 -1.53
C LYS B 448 14.62 18.40 -0.89
N ILE B 449 14.35 17.38 -1.69
CA ILE B 449 13.83 16.15 -1.14
C ILE B 449 14.92 15.09 -1.03
N GLY B 450 16.18 15.50 -1.12
CA GLY B 450 17.29 14.65 -0.75
C GLY B 450 17.62 13.56 -1.75
N VAL B 451 17.29 13.76 -3.01
CA VAL B 451 17.64 12.81 -4.06
C VAL B 451 19.12 12.95 -4.37
N LYS B 452 19.84 11.81 -4.45
CA LYS B 452 21.24 11.81 -4.87
C LYS B 452 21.29 11.20 -6.26
N LEU B 453 21.49 12.03 -7.27
CA LEU B 453 21.51 11.54 -8.64
C LEU B 453 22.84 10.88 -8.97
N THR B 454 22.80 9.75 -9.68
CA THR B 454 24.01 9.13 -10.19
C THR B 454 24.48 9.84 -11.47
N GLU B 455 25.79 9.97 -11.61
CA GLU B 455 26.39 10.56 -12.80
C GLU B 455 26.91 9.45 -13.71
N LEU B 456 26.41 9.40 -14.93
CA LEU B 456 26.97 8.51 -15.93
C LEU B 456 28.43 8.81 -16.18
N ARG B 457 29.27 7.78 -16.15
CA ARG B 457 30.59 7.90 -16.76
C ARG B 457 30.48 7.99 -18.29
N LYS B 458 31.54 8.50 -18.92
CA LYS B 458 31.43 8.71 -20.36
C LYS B 458 31.20 7.39 -21.09
N ASP B 459 31.86 6.31 -20.66
CA ASP B 459 31.65 5.04 -21.34
C ASP B 459 30.23 4.52 -21.14
N GLN B 460 29.65 4.70 -19.94
CA GLN B 460 28.24 4.32 -19.77
C GLN B 460 27.32 5.18 -20.61
N ALA B 461 27.63 6.48 -20.72
CA ALA B 461 26.81 7.37 -21.55
C ALA B 461 26.82 6.91 -23.00
N ASP B 462 28.02 6.66 -23.53
CA ASP B 462 28.17 6.15 -24.90
C ASP B 462 27.46 4.82 -25.07
N TYR B 463 27.53 3.96 -24.04
CA TYR B 463 26.99 2.60 -24.15
C TYR B 463 25.48 2.61 -24.39
N ILE B 464 24.74 3.51 -23.73
CA ILE B 464 23.30 3.68 -23.93
C ILE B 464 22.97 4.78 -24.91
N GLY B 465 23.97 5.45 -25.45
CA GLY B 465 23.78 6.35 -26.55
C GLY B 465 23.23 7.72 -26.19
N VAL B 466 23.71 8.30 -25.09
CA VAL B 466 23.22 9.60 -24.63
C VAL B 466 24.43 10.38 -24.14
N LYS B 467 24.29 11.70 -24.12
CA LYS B 467 25.30 12.56 -23.51
C LYS B 467 25.17 12.51 -21.99
N GLN B 468 26.31 12.64 -21.30
CA GLN B 468 26.28 12.59 -19.84
C GLN B 468 25.28 13.58 -19.24
N GLU B 469 25.07 14.72 -19.89
CA GLU B 469 24.22 15.77 -19.40
C GLU B 469 22.77 15.67 -19.90
N GLY B 470 22.44 14.61 -20.62
CA GLY B 470 21.09 14.45 -21.17
C GLY B 470 20.91 15.09 -22.54
N PRO B 471 19.72 14.95 -23.15
CA PRO B 471 18.53 14.26 -22.67
C PRO B 471 18.75 12.78 -22.62
N TYR B 472 18.06 12.12 -21.68
CA TYR B 472 18.30 10.70 -21.44
C TYR B 472 17.31 9.79 -22.16
N LYS B 473 16.21 10.32 -22.67
CA LYS B 473 15.17 9.50 -23.28
C LYS B 473 14.80 10.08 -24.64
N SER B 474 14.26 9.26 -25.52
CA SER B 474 13.76 9.79 -26.77
C SER B 474 12.55 10.68 -26.52
N ASP B 475 12.13 11.41 -27.54
CA ASP B 475 11.03 12.34 -27.32
C ASP B 475 9.68 11.64 -27.19
N HIS B 476 9.58 10.39 -27.60
CA HIS B 476 8.32 9.69 -27.46
C HIS B 476 8.23 8.86 -26.17
N TYR B 477 9.24 8.92 -25.31
CA TYR B 477 9.23 8.15 -24.07
C TYR B 477 8.08 8.61 -23.18
N ARG B 478 7.40 7.64 -22.57
CA ARG B 478 6.19 7.90 -21.80
C ARG B 478 6.43 8.02 -20.30
N TYR B 479 7.61 7.65 -19.79
CA TYR B 479 7.88 7.72 -18.34
C TYR B 479 6.86 6.90 -17.53
N GLY C 12 27.55 -46.85 9.55
CA GLY C 12 27.57 -45.71 10.44
C GLY C 12 26.27 -45.40 11.18
N PHE C 13 25.39 -44.62 10.55
CA PHE C 13 24.08 -44.29 11.14
C PHE C 13 22.97 -44.71 10.19
N THR C 14 22.02 -45.51 10.68
CA THR C 14 21.05 -46.15 9.81
C THR C 14 19.59 -45.82 10.12
N ASP C 15 19.30 -45.15 11.22
CA ASP C 15 17.93 -45.15 11.76
C ASP C 15 17.11 -43.93 11.31
N TYR C 16 16.59 -43.99 10.08
CA TYR C 16 15.84 -42.88 9.50
C TYR C 16 14.99 -43.41 8.35
N ILE C 17 14.04 -42.59 7.91
CA ILE C 17 13.26 -42.82 6.70
C ILE C 17 13.13 -41.45 6.04
N VAL C 18 13.79 -41.28 4.88
CA VAL C 18 13.71 -40.06 4.08
C VAL C 18 13.61 -40.45 2.62
N LYS C 19 13.25 -39.46 1.78
CA LYS C 19 13.04 -39.72 0.37
C LYS C 19 14.33 -40.16 -0.30
N ASP C 20 15.41 -39.40 -0.08
CA ASP C 20 16.67 -39.69 -0.75
C ASP C 20 17.81 -39.05 0.03
N ILE C 21 18.63 -39.90 0.68
CA ILE C 21 19.75 -39.42 1.48
C ILE C 21 20.77 -38.64 0.63
N ALA C 22 20.73 -38.82 -0.69
CA ALA C 22 21.68 -38.10 -1.55
C ALA C 22 21.42 -36.59 -1.56
N LEU C 23 20.22 -36.17 -1.15
CA LEU C 23 19.86 -34.77 -1.07
C LEU C 23 20.49 -34.06 0.13
N ALA C 24 21.25 -34.77 0.97
CA ALA C 24 21.81 -34.18 2.18
C ALA C 24 22.71 -32.98 1.90
N ASP C 25 23.58 -33.07 0.87
CA ASP C 25 24.51 -31.99 0.61
C ASP C 25 23.77 -30.69 0.28
N PHE C 26 22.75 -30.80 -0.58
CA PHE C 26 21.88 -29.67 -0.89
C PHE C 26 21.21 -29.15 0.36
N GLY C 27 20.69 -30.08 1.18
CA GLY C 27 20.10 -29.69 2.46
C GLY C 27 21.07 -28.91 3.31
N ARG C 28 22.31 -29.38 3.38
CA ARG C 28 23.27 -28.72 4.26
C ARG C 28 23.54 -27.31 3.77
N LYS C 29 23.59 -27.11 2.47
CA LYS C 29 23.85 -25.77 1.95
C LYS C 29 22.73 -24.80 2.34
N GLU C 30 21.49 -25.21 2.17
CA GLU C 30 20.39 -24.31 2.50
C GLU C 30 20.22 -24.17 4.02
N ILE C 31 20.58 -25.18 4.79
CA ILE C 31 20.63 -24.97 6.25
C ILE C 31 21.63 -23.89 6.61
N SER C 32 22.85 -24.01 6.11
CA SER C 32 23.87 -22.97 6.31
C SER C 32 23.34 -21.58 5.98
N LEU C 33 22.67 -21.46 4.84
CA LEU C 33 22.09 -20.18 4.43
C LEU C 33 21.01 -19.73 5.43
N ALA C 34 20.16 -20.66 5.87
CA ALA C 34 19.14 -20.31 6.85
C ALA C 34 19.76 -19.85 8.18
N GLU C 35 20.86 -20.45 8.60
CA GLU C 35 21.48 -20.06 9.86
C GLU C 35 21.75 -18.56 9.92
N THR C 36 22.29 -18.02 8.83
CA THR C 36 22.48 -16.57 8.76
C THR C 36 21.16 -15.83 8.93
N GLU C 37 20.06 -16.40 8.45
CA GLU C 37 18.75 -15.77 8.49
C GLU C 37 17.98 -16.05 9.78
N MET C 38 18.58 -16.76 10.74
CA MET C 38 17.92 -17.16 11.98
C MET C 38 18.79 -16.79 13.18
N PRO C 39 18.97 -15.51 13.45
CA PRO C 39 19.94 -15.11 14.47
C PRO C 39 19.49 -15.46 15.87
N GLY C 40 18.18 -15.50 16.13
CA GLY C 40 17.71 -15.87 17.44
C GLY C 40 18.15 -17.28 17.81
N LEU C 41 18.01 -18.21 16.87
CA LEU C 41 18.45 -19.58 17.12
C LEU C 41 19.95 -19.62 17.30
N MET C 42 20.69 -18.99 16.40
CA MET C 42 22.14 -19.13 16.49
C MET C 42 22.64 -18.49 17.76
N ALA C 43 22.06 -17.35 18.14
CA ALA C 43 22.48 -16.73 19.40
C ALA C 43 22.09 -17.58 20.60
N THR C 44 20.95 -18.24 20.55
CA THR C 44 20.59 -19.16 21.62
C THR C 44 21.62 -20.29 21.77
N ARG C 45 22.11 -20.82 20.65
CA ARG C 45 23.23 -21.78 20.70
C ARG C 45 24.43 -21.15 21.39
N GLU C 46 24.75 -19.91 21.01
CA GLU C 46 25.92 -19.28 21.58
C GLU C 46 25.77 -19.12 23.09
N GLU C 47 24.58 -18.72 23.54
CA GLU C 47 24.41 -18.41 24.95
C GLU C 47 24.38 -19.66 25.80
N TYR C 48 23.67 -20.70 25.34
CA TYR C 48 23.39 -21.85 26.19
C TYR C 48 24.29 -23.04 25.90
N GLY C 49 24.98 -23.05 24.77
CA GLY C 49 25.94 -24.09 24.47
C GLY C 49 26.86 -24.48 25.60
N PRO C 50 27.54 -23.52 26.23
CA PRO C 50 28.45 -23.86 27.32
C PRO C 50 27.77 -24.45 28.52
N LYS C 51 26.47 -24.22 28.69
CA LYS C 51 25.70 -24.70 29.84
C LYS C 51 25.06 -26.05 29.58
N GLN C 52 24.91 -26.44 28.32
CA GLN C 52 24.29 -27.71 27.96
C GLN C 52 22.99 -27.99 28.70
N PRO C 53 22.03 -27.05 28.67
CA PRO C 53 20.82 -27.22 29.52
C PRO C 53 20.01 -28.42 29.16
N LEU C 54 20.11 -28.92 27.94
CA LEU C 54 19.32 -30.05 27.49
C LEU C 54 20.11 -31.36 27.52
N LYS C 55 21.19 -31.41 28.29
CA LYS C 55 21.90 -32.65 28.48
C LYS C 55 21.00 -33.60 29.25
N GLY C 56 20.80 -34.81 28.72
CA GLY C 56 19.86 -35.75 29.29
C GLY C 56 18.47 -35.68 28.70
N ALA C 57 18.17 -34.65 27.90
CA ALA C 57 16.89 -34.56 27.25
C ALA C 57 16.77 -35.54 26.09
N ARG C 58 15.61 -36.17 26.00
CA ARG C 58 15.27 -37.06 24.89
C ARG C 58 14.00 -36.51 24.24
N ILE C 59 14.19 -35.62 23.25
CA ILE C 59 13.10 -34.86 22.68
C ILE C 59 12.52 -35.58 21.48
N ALA C 60 11.22 -35.86 21.55
CA ALA C 60 10.45 -36.33 20.42
C ALA C 60 9.77 -35.14 19.76
N GLY C 61 10.14 -34.86 18.52
CA GLY C 61 9.64 -33.71 17.79
C GLY C 61 8.67 -34.11 16.70
N SER C 62 7.54 -33.43 16.66
CA SER C 62 6.60 -33.54 15.56
C SER C 62 6.34 -32.13 15.00
N LEU C 63 7.05 -31.79 13.91
CA LEU C 63 6.92 -30.46 13.32
C LEU C 63 7.50 -30.50 11.91
N HIS C 64 6.77 -29.91 10.95
CA HIS C 64 7.16 -29.75 9.56
C HIS C 64 8.67 -29.82 9.33
N MET C 65 9.13 -30.87 8.63
CA MET C 65 10.55 -31.11 8.49
C MET C 65 11.10 -30.25 7.34
N THR C 66 11.17 -28.95 7.60
CA THR C 66 11.70 -27.95 6.68
C THR C 66 13.16 -27.62 7.01
N ILE C 67 13.78 -26.82 6.13
CA ILE C 67 15.10 -26.28 6.42
C ILE C 67 15.08 -25.50 7.73
N GLN C 68 13.99 -24.77 7.99
CA GLN C 68 13.95 -23.97 9.21
C GLN C 68 13.92 -24.88 10.43
N THR C 69 13.12 -25.94 10.37
CA THR C 69 13.09 -26.88 11.47
C THR C 69 14.44 -27.56 11.67
N ALA C 70 15.21 -27.74 10.59
CA ALA C 70 16.54 -28.32 10.73
C ALA C 70 17.43 -27.47 11.64
N VAL C 71 17.39 -26.14 11.48
CA VAL C 71 18.17 -25.27 12.34
C VAL C 71 17.70 -25.41 13.78
N LEU C 72 16.39 -25.54 14.01
CA LEU C 72 15.88 -25.74 15.36
C LEU C 72 16.39 -27.06 15.94
N ILE C 73 16.25 -28.17 15.18
CA ILE C 73 16.75 -29.48 15.61
C ILE C 73 18.22 -29.40 15.97
N GLU C 74 19.04 -28.80 15.09
CA GLU C 74 20.46 -28.75 15.39
C GLU C 74 20.75 -27.82 16.56
N THR C 75 19.88 -26.82 16.80
CA THR C 75 20.02 -25.98 17.97
C THR C 75 19.80 -26.78 19.25
N LEU C 76 18.71 -27.54 19.29
CA LEU C 76 18.46 -28.45 20.41
C LEU C 76 19.63 -29.42 20.61
N ALA C 77 20.12 -30.04 19.53
CA ALA C 77 21.28 -30.92 19.69
C ALA C 77 22.49 -30.18 20.26
N ALA C 78 22.73 -28.95 19.79
CA ALA C 78 23.88 -28.17 20.28
C ALA C 78 23.78 -27.85 21.76
N LEU C 79 22.58 -27.83 22.31
CA LEU C 79 22.40 -27.63 23.73
C LEU C 79 22.38 -28.93 24.53
N GLY C 80 22.56 -30.07 23.86
CA GLY C 80 22.79 -31.35 24.52
C GLY C 80 21.73 -32.39 24.25
N ALA C 81 20.65 -32.04 23.55
CA ALA C 81 19.51 -32.95 23.42
C ALA C 81 19.78 -34.16 22.52
N ASP C 82 19.29 -35.32 22.94
CA ASP C 82 19.06 -36.48 22.07
C ASP C 82 17.69 -36.34 21.42
N ILE C 83 17.56 -36.73 20.15
CA ILE C 83 16.38 -36.30 19.39
C ILE C 83 15.91 -37.40 18.45
N ARG C 84 14.60 -37.49 18.28
CA ARG C 84 13.98 -38.17 17.15
C ARG C 84 12.94 -37.22 16.61
N TRP C 85 12.71 -37.26 15.29
CA TRP C 85 11.87 -36.23 14.66
C TRP C 85 10.96 -36.79 13.58
N VAL C 86 9.76 -36.19 13.45
CA VAL C 86 8.86 -36.45 12.33
C VAL C 86 8.25 -35.13 11.86
N SER C 87 7.65 -35.15 10.68
CA SER C 87 6.91 -33.98 10.21
C SER C 87 5.51 -34.03 10.78
N CYS C 88 4.84 -32.87 10.90
CA CYS C 88 3.46 -32.90 11.37
C CYS C 88 2.47 -32.74 10.23
N ASN C 89 2.93 -32.89 9.00
CA ASN C 89 2.05 -32.81 7.84
C ASN C 89 2.65 -33.66 6.72
N ILE C 90 1.79 -34.33 5.95
CA ILE C 90 2.30 -35.28 4.96
C ILE C 90 2.98 -34.59 3.77
N TYR C 91 2.73 -33.29 3.57
CA TYR C 91 3.24 -32.56 2.41
C TYR C 91 4.26 -31.49 2.77
N SER C 92 4.54 -31.26 4.04
CA SER C 92 5.35 -30.10 4.39
C SER C 92 6.84 -30.39 4.46
N THR C 93 7.24 -31.65 4.50
CA THR C 93 8.66 -31.96 4.51
C THR C 93 9.36 -31.35 3.29
N GLN C 94 10.56 -30.84 3.52
CA GLN C 94 11.54 -30.53 2.48
C GLN C 94 12.57 -31.64 2.50
N ASP C 95 12.59 -32.44 1.45
CA ASP C 95 13.36 -33.68 1.45
C ASP C 95 14.84 -33.44 1.69
N HIS C 96 15.38 -32.35 1.15
CA HIS C 96 16.80 -32.12 1.40
C HIS C 96 17.08 -31.82 2.86
N ALA C 97 16.19 -31.06 3.54
CA ALA C 97 16.31 -30.83 4.98
C ALA C 97 16.28 -32.13 5.76
N ALA C 98 15.31 -33.00 5.43
CA ALA C 98 15.22 -34.30 6.09
C ALA C 98 16.50 -35.10 5.89
N ALA C 99 17.04 -35.08 4.67
CA ALA C 99 18.24 -35.84 4.36
C ALA C 99 19.44 -35.33 5.12
N ALA C 100 19.55 -34.01 5.24
CA ALA C 100 20.66 -33.45 6.00
C ALA C 100 20.55 -33.89 7.45
N ILE C 101 19.35 -33.84 8.00
CA ILE C 101 19.17 -34.21 9.40
C ILE C 101 19.57 -35.66 9.61
N ALA C 102 19.05 -36.55 8.75
CA ALA C 102 19.44 -37.96 8.77
C ALA C 102 20.94 -38.12 8.68
N ALA C 103 21.58 -37.39 7.78
CA ALA C 103 23.01 -37.54 7.57
C ALA C 103 23.80 -37.01 8.75
N ALA C 104 23.20 -36.17 9.57
CA ALA C 104 23.86 -35.73 10.78
C ALA C 104 23.70 -36.72 11.91
N GLY C 105 23.09 -37.85 11.66
CA GLY C 105 22.99 -38.85 12.69
C GLY C 105 21.80 -38.72 13.62
N ILE C 106 20.74 -38.04 13.20
CA ILE C 106 19.55 -37.83 14.02
C ILE C 106 18.40 -38.61 13.42
N PRO C 107 17.72 -39.49 14.16
CA PRO C 107 16.62 -40.26 13.57
C PRO C 107 15.46 -39.34 13.17
N VAL C 108 15.09 -39.42 11.91
CA VAL C 108 14.01 -38.60 11.37
C VAL C 108 13.22 -39.46 10.39
N PHE C 109 11.90 -39.32 10.40
CA PHE C 109 11.03 -40.14 9.58
C PHE C 109 10.05 -39.16 8.95
N ALA C 110 10.39 -38.70 7.75
CA ALA C 110 9.66 -37.60 7.13
C ALA C 110 9.98 -37.61 5.65
N VAL C 111 8.94 -37.75 4.84
CA VAL C 111 9.04 -37.75 3.39
C VAL C 111 7.94 -36.85 2.85
N LYS C 112 8.27 -35.96 1.91
CA LYS C 112 7.20 -35.16 1.31
C LYS C 112 6.31 -36.09 0.50
N GLY C 113 5.01 -36.08 0.76
CA GLY C 113 4.11 -36.97 0.06
C GLY C 113 3.94 -38.33 0.71
N GLU C 114 4.43 -38.51 1.93
CA GLU C 114 4.16 -39.76 2.62
C GLU C 114 2.66 -39.95 2.77
N THR C 115 2.24 -41.21 2.92
CA THR C 115 0.82 -41.47 3.11
C THR C 115 0.39 -41.14 4.54
N LEU C 116 -0.93 -41.01 4.73
CA LEU C 116 -1.47 -40.84 6.09
C LEU C 116 -1.09 -42.03 6.96
N THR C 117 -1.10 -43.23 6.40
CA THR C 117 -0.75 -44.38 7.24
C THR C 117 0.71 -44.33 7.63
N GLU C 118 1.57 -43.99 6.69
CA GLU C 118 2.98 -43.77 6.99
C GLU C 118 3.14 -42.67 8.02
N TYR C 119 2.45 -41.54 7.84
CA TYR C 119 2.54 -40.43 8.77
C TYR C 119 2.36 -40.91 10.22
N TRP C 120 1.29 -41.64 10.47
CA TRP C 120 1.01 -42.06 11.83
C TRP C 120 2.00 -43.12 12.31
N ASP C 121 2.36 -44.06 11.44
CA ASP C 121 3.37 -45.05 11.83
C ASP C 121 4.65 -44.36 12.22
N TYR C 122 5.00 -43.29 11.51
CA TYR C 122 6.21 -42.53 11.85
C TYR C 122 6.04 -41.84 13.20
N THR C 123 4.86 -41.30 13.47
CA THR C 123 4.67 -40.63 14.75
C THR C 123 4.97 -41.61 15.88
N ALA C 124 4.49 -42.84 15.73
CA ALA C 124 4.71 -43.85 16.77
C ALA C 124 6.20 -44.14 16.92
N LYS C 125 6.97 -44.09 15.82
CA LYS C 125 8.39 -44.36 15.91
C LYS C 125 9.11 -43.37 16.82
N LEU C 126 8.53 -42.19 17.06
CA LEU C 126 9.12 -41.24 17.99
C LEU C 126 9.36 -41.88 19.35
N PHE C 127 8.46 -42.75 19.76
CA PHE C 127 8.42 -43.24 21.15
C PHE C 127 9.21 -44.52 21.38
N ASP C 128 9.76 -45.10 20.30
CA ASP C 128 10.66 -46.24 20.41
C ASP C 128 12.08 -45.70 20.39
N TRP C 129 12.60 -45.33 21.56
CA TRP C 129 13.83 -44.54 21.56
C TRP C 129 15.01 -45.40 21.17
N HIS C 130 15.93 -44.82 20.38
CA HIS C 130 17.07 -45.58 19.90
C HIS C 130 17.96 -45.98 21.08
N GLY C 131 18.23 -47.28 21.20
CA GLY C 131 18.95 -47.82 22.33
C GLY C 131 18.08 -48.25 23.50
N GLY C 132 16.77 -48.14 23.39
CA GLY C 132 15.87 -48.59 24.43
C GLY C 132 15.27 -47.41 25.17
N GLY C 133 14.05 -47.61 25.68
CA GLY C 133 13.39 -46.60 26.45
C GLY C 133 12.45 -45.76 25.63
N THR C 134 12.08 -44.62 26.20
CA THR C 134 11.07 -43.71 25.67
C THR C 134 11.68 -42.32 25.64
N PRO C 135 11.02 -41.36 25.01
CA PRO C 135 11.43 -39.95 25.13
C PRO C 135 11.19 -39.44 26.55
N ASN C 136 11.74 -38.25 26.87
CA ASN C 136 11.31 -37.55 28.09
C ASN C 136 10.90 -36.08 27.83
N MET C 137 10.80 -35.67 26.57
CA MET C 137 10.26 -34.37 26.17
C MET C 137 9.53 -34.54 24.85
N ILE C 138 8.49 -33.74 24.65
CA ILE C 138 7.79 -33.66 23.37
C ILE C 138 7.84 -32.20 22.91
N LEU C 139 8.17 -32.00 21.64
CA LEU C 139 8.09 -30.69 20.99
C LEU C 139 7.07 -30.90 19.90
N ASP C 140 5.92 -30.25 20.00
CA ASP C 140 4.77 -30.64 19.20
C ASP C 140 4.26 -29.43 18.41
N ASP C 141 3.79 -29.71 17.19
CA ASP C 141 3.12 -28.72 16.36
C ASP C 141 1.81 -29.34 15.85
N GLY C 142 0.71 -28.93 16.45
CA GLY C 142 -0.58 -29.49 16.16
C GLY C 142 -1.04 -30.60 17.10
N GLY C 143 -0.25 -30.94 18.12
CA GLY C 143 -0.65 -31.92 19.14
C GLY C 143 -0.77 -33.39 18.71
N ASP C 144 -0.25 -33.79 17.54
CA ASP C 144 -0.38 -35.20 17.14
C ASP C 144 0.41 -36.14 18.04
N ALA C 145 1.64 -35.78 18.40
CA ALA C 145 2.40 -36.67 19.29
C ALA C 145 1.78 -36.74 20.67
N THR C 146 1.33 -35.59 21.16
CA THR C 146 0.64 -35.49 22.43
C THR C 146 -0.63 -36.32 22.43
N MET C 147 -1.38 -36.26 21.34
CA MET C 147 -2.63 -36.98 21.25
C MET C 147 -2.39 -38.49 21.25
N LEU C 148 -1.35 -38.96 20.56
CA LEU C 148 -1.08 -40.39 20.57
C LEU C 148 -0.83 -40.87 22.00
N VAL C 149 -0.05 -40.11 22.77
CA VAL C 149 0.21 -40.54 24.15
C VAL C 149 -1.06 -40.54 24.98
N HIS C 150 -1.91 -39.53 24.82
CA HIS C 150 -3.10 -39.43 25.68
C HIS C 150 -4.20 -40.37 25.23
N ALA C 151 -4.38 -40.55 23.93
CA ALA C 151 -5.35 -41.54 23.46
C ALA C 151 -4.96 -42.95 23.93
N GLY C 152 -3.70 -43.33 23.76
CA GLY C 152 -3.26 -44.65 24.17
C GLY C 152 -3.39 -44.87 25.67
N TYR C 153 -3.07 -43.84 26.47
CA TYR C 153 -3.24 -43.92 27.92
C TYR C 153 -4.69 -44.18 28.29
N ARG C 154 -5.60 -43.41 27.67
CA ARG C 154 -7.03 -43.50 27.94
C ARG C 154 -7.55 -44.91 27.67
N ALA C 155 -7.08 -45.55 26.60
CA ALA C 155 -7.52 -46.91 26.30
C ALA C 155 -6.89 -47.92 27.24
N GLU C 156 -5.59 -47.79 27.48
CA GLU C 156 -4.90 -48.63 28.44
C GLU C 156 -5.54 -48.58 29.82
N GLN C 157 -6.00 -47.40 30.24
CA GLN C 157 -6.71 -47.26 31.49
C GLN C 157 -8.10 -47.87 31.45
N GLY C 158 -8.59 -48.27 30.28
CA GLY C 158 -9.82 -49.04 30.19
C GLY C 158 -10.94 -48.37 29.43
N ASP C 159 -10.73 -47.19 28.85
CA ASP C 159 -11.78 -46.46 28.15
C ASP C 159 -11.46 -46.55 26.66
N THR C 160 -11.91 -47.64 26.04
CA THR C 160 -11.52 -47.93 24.68
C THR C 160 -12.63 -47.68 23.68
N ALA C 161 -13.84 -47.37 24.14
CA ALA C 161 -14.98 -47.25 23.24
C ALA C 161 -14.70 -46.27 22.10
N PHE C 162 -13.96 -45.20 22.38
CA PHE C 162 -13.81 -44.18 21.36
C PHE C 162 -13.05 -44.67 20.14
N LEU C 163 -12.22 -45.72 20.29
CA LEU C 163 -11.40 -46.15 19.15
C LEU C 163 -12.23 -46.80 18.06
N ASP C 164 -13.50 -47.12 18.32
CA ASP C 164 -14.37 -47.78 17.36
C ASP C 164 -15.36 -46.85 16.67
N LYS C 165 -15.42 -45.59 17.08
CA LYS C 165 -16.34 -44.63 16.49
C LYS C 165 -15.55 -43.57 15.72
N PRO C 166 -15.00 -43.89 14.54
CA PRO C 166 -14.27 -42.88 13.77
C PRO C 166 -15.17 -42.11 12.81
N GLY C 167 -14.67 -40.95 12.38
CA GLY C 167 -15.48 -40.06 11.58
C GLY C 167 -14.85 -39.54 10.30
N SER C 168 -13.55 -39.74 10.13
CA SER C 168 -12.84 -39.37 8.90
C SER C 168 -11.83 -40.45 8.59
N GLU C 169 -11.24 -40.39 7.39
CA GLU C 169 -10.23 -41.39 7.03
C GLU C 169 -9.04 -41.32 7.97
N GLU C 170 -8.53 -40.11 8.24
CA GLU C 170 -7.37 -40.03 9.13
C GLU C 170 -7.73 -40.49 10.54
N GLU C 171 -8.95 -40.22 11.00
CA GLU C 171 -9.35 -40.68 12.31
C GLU C 171 -9.27 -42.21 12.41
N GLU C 172 -9.78 -42.93 11.41
CA GLU C 172 -9.75 -44.38 11.46
C GLU C 172 -8.31 -44.91 11.45
N ILE C 173 -7.45 -44.28 10.66
CA ILE C 173 -6.04 -44.66 10.65
C ILE C 173 -5.43 -44.42 12.02
N PHE C 174 -5.78 -43.30 12.67
CA PHE C 174 -5.25 -43.02 13.99
C PHE C 174 -5.73 -44.05 15.01
N TYR C 175 -7.01 -44.37 15.00
CA TYR C 175 -7.48 -45.39 15.94
C TYR C 175 -6.89 -46.76 15.64
N ALA C 176 -6.72 -47.09 14.36
CA ALA C 176 -6.05 -48.33 14.00
C ALA C 176 -4.64 -48.37 14.57
N LEU C 177 -3.92 -47.26 14.49
CA LEU C 177 -2.58 -47.19 15.08
C LEU C 177 -2.63 -47.46 16.58
N VAL C 178 -3.54 -46.79 17.28
CA VAL C 178 -3.59 -46.97 18.72
C VAL C 178 -3.87 -48.43 19.05
N LYS C 179 -4.84 -49.03 18.37
CA LYS C 179 -5.14 -50.43 18.63
C LYS C 179 -3.92 -51.30 18.37
N ARG C 180 -3.22 -51.04 17.27
CA ARG C 180 -2.06 -51.88 16.94
C ARG C 180 -1.00 -51.76 18.01
N LEU C 181 -0.74 -50.55 18.50
CA LEU C 181 0.31 -50.40 19.51
C LEU C 181 -0.09 -51.07 20.82
N LEU C 182 -1.34 -50.93 21.23
CA LEU C 182 -1.81 -51.58 22.46
C LEU C 182 -1.59 -53.08 22.37
N LYS C 183 -1.96 -53.64 21.23
CA LYS C 183 -1.81 -55.08 20.98
C LYS C 183 -0.35 -55.50 20.97
N GLU C 184 0.53 -54.70 20.33
CA GLU C 184 1.91 -55.12 20.09
C GLU C 184 2.87 -54.77 21.22
N LYS C 185 2.63 -53.68 21.95
CA LYS C 185 3.63 -53.27 22.92
C LYS C 185 3.36 -53.91 24.26
N PRO C 186 4.34 -53.92 25.16
CA PRO C 186 4.08 -54.52 26.49
C PRO C 186 2.95 -53.81 27.21
N LYS C 187 2.31 -54.55 28.10
CA LYS C 187 1.27 -53.99 28.93
C LYS C 187 1.82 -52.81 29.74
N GLY C 188 1.05 -51.72 29.80
CA GLY C 188 1.48 -50.51 30.49
C GLY C 188 2.36 -49.57 29.70
N TRP C 189 2.43 -49.73 28.39
CA TRP C 189 3.39 -48.96 27.60
C TRP C 189 3.07 -47.44 27.58
N PHE C 190 1.81 -47.07 27.36
CA PHE C 190 1.49 -45.64 27.33
C PHE C 190 1.67 -45.01 28.71
N ALA C 191 1.31 -45.74 29.78
CA ALA C 191 1.57 -45.24 31.12
C ALA C 191 3.06 -45.02 31.34
N GLU C 192 3.89 -45.91 30.78
CA GLU C 192 5.33 -45.73 30.89
C GLU C 192 5.79 -44.47 30.16
N ILE C 193 5.35 -44.28 28.92
CA ILE C 193 5.66 -43.03 28.22
C ILE C 193 5.22 -41.83 29.05
N ALA C 194 3.97 -41.82 29.50
CA ALA C 194 3.45 -40.65 30.21
C ALA C 194 4.28 -40.34 31.44
N LYS C 195 4.64 -41.38 32.19
CA LYS C 195 5.50 -41.20 33.37
C LYS C 195 6.79 -40.49 33.01
N ASN C 196 7.38 -40.80 31.85
CA ASN C 196 8.70 -40.27 31.56
C ASN C 196 8.70 -38.92 30.85
N ILE C 197 7.57 -38.47 30.29
CA ILE C 197 7.51 -37.16 29.63
C ILE C 197 7.50 -36.04 30.66
N LYS C 198 8.57 -35.26 30.69
CA LYS C 198 8.75 -34.17 31.62
C LYS C 198 7.91 -32.94 31.25
N GLY C 199 7.62 -32.76 29.96
CA GLY C 199 6.85 -31.62 29.49
C GLY C 199 6.63 -31.71 28.00
N VAL C 200 5.67 -30.91 27.51
CA VAL C 200 5.49 -30.72 26.07
C VAL C 200 5.43 -29.22 25.78
N SER C 201 6.08 -28.77 24.69
CA SER C 201 5.93 -27.40 24.21
C SER C 201 5.14 -27.46 22.91
N GLU C 202 4.08 -26.66 22.81
CA GLU C 202 3.15 -26.75 21.70
C GLU C 202 3.03 -25.41 20.97
N GLU C 203 3.03 -25.53 19.65
CA GLU C 203 3.34 -24.46 18.72
C GLU C 203 2.10 -23.81 18.11
N THR C 204 0.97 -24.50 18.04
CA THR C 204 -0.13 -24.03 17.20
C THR C 204 -1.45 -23.97 17.93
N THR C 205 -2.36 -23.14 17.38
CA THR C 205 -3.69 -22.97 17.95
C THR C 205 -4.40 -24.29 18.20
N THR C 206 -4.45 -25.13 17.17
CA THR C 206 -5.11 -26.42 17.28
C THR C 206 -4.56 -27.21 18.45
N GLY C 207 -3.24 -27.24 18.58
CA GLY C 207 -2.67 -28.05 19.64
C GLY C 207 -2.94 -27.46 20.99
N VAL C 208 -2.83 -26.13 21.09
CA VAL C 208 -3.06 -25.48 22.36
C VAL C 208 -4.50 -25.66 22.80
N HIS C 209 -5.43 -25.65 21.86
CA HIS C 209 -6.83 -25.94 22.17
C HIS C 209 -6.99 -27.32 22.79
N ARG C 210 -6.38 -28.36 22.18
CA ARG C 210 -6.43 -29.68 22.81
C ARG C 210 -5.86 -29.63 24.23
N LEU C 211 -4.76 -28.90 24.43
CA LEU C 211 -4.10 -28.91 25.72
C LEU C 211 -5.00 -28.33 26.80
N TYR C 212 -5.57 -27.14 26.55
CA TYR C 212 -6.44 -26.51 27.55
C TYR C 212 -7.62 -27.41 27.87
N GLU C 213 -8.21 -28.05 26.87
CA GLU C 213 -9.31 -28.98 27.12
C GLU C 213 -8.89 -30.11 28.05
N MET C 214 -7.72 -30.71 27.80
CA MET C 214 -7.27 -31.77 28.70
C MET C 214 -6.93 -31.21 30.08
N ALA C 215 -6.36 -30.02 30.13
CA ALA C 215 -5.99 -29.45 31.41
C ALA C 215 -7.23 -29.13 32.24
N ASN C 216 -8.28 -28.64 31.59
CA ASN C 216 -9.52 -28.35 32.29
C ASN C 216 -10.25 -29.61 32.76
N LYS C 217 -10.10 -30.73 32.04
CA LYS C 217 -10.70 -31.99 32.49
C LYS C 217 -9.81 -32.74 33.48
N GLY C 218 -8.62 -32.26 33.78
CA GLY C 218 -7.74 -33.01 34.66
C GLY C 218 -7.04 -34.19 33.99
N THR C 219 -7.06 -34.27 32.66
CA THR C 219 -6.49 -35.43 31.99
C THR C 219 -5.16 -35.14 31.29
N LEU C 220 -4.69 -33.90 31.30
CA LEU C 220 -3.35 -33.62 30.80
C LEU C 220 -2.32 -34.37 31.63
N LEU C 221 -1.44 -35.13 30.97
CA LEU C 221 -0.56 -36.03 31.71
C LEU C 221 0.77 -35.42 32.13
N PHE C 222 1.13 -34.22 31.63
CA PHE C 222 2.44 -33.63 31.95
C PHE C 222 2.38 -32.12 31.72
N PRO C 223 3.29 -31.36 32.32
CA PRO C 223 3.30 -29.90 32.13
C PRO C 223 3.36 -29.51 30.66
N ALA C 224 2.70 -28.41 30.32
CA ALA C 224 2.71 -27.90 28.96
C ALA C 224 3.05 -26.41 28.91
N ILE C 225 3.84 -26.02 27.92
CA ILE C 225 4.04 -24.61 27.61
C ILE C 225 3.43 -24.33 26.24
N ASN C 226 2.54 -23.37 26.20
CA ASN C 226 1.87 -22.90 25.01
C ASN C 226 2.80 -21.88 24.35
N VAL C 227 3.54 -22.30 23.32
CA VAL C 227 4.40 -21.37 22.59
C VAL C 227 3.60 -20.53 21.59
N ASN C 228 2.44 -21.00 21.16
CA ASN C 228 1.63 -20.24 20.21
C ASN C 228 1.32 -18.83 20.71
N ASP C 229 1.07 -18.68 22.02
CA ASP C 229 0.66 -17.38 22.52
C ASP C 229 1.81 -16.55 23.08
N SER C 230 3.06 -16.94 22.86
CA SER C 230 4.10 -15.93 22.91
C SER C 230 3.71 -14.82 21.94
N VAL C 231 3.95 -13.56 22.34
CA VAL C 231 3.69 -12.46 21.42
C VAL C 231 4.57 -12.62 20.18
N THR C 232 5.84 -12.92 20.38
CA THR C 232 6.81 -13.11 19.30
C THR C 232 6.61 -14.42 18.55
N LYS C 233 5.49 -15.09 18.74
CA LYS C 233 5.03 -16.12 17.82
C LYS C 233 3.70 -15.69 17.22
N SER C 234 2.68 -15.53 18.05
CA SER C 234 1.34 -15.25 17.54
C SER C 234 1.25 -13.96 16.72
N LYS C 235 1.99 -12.91 17.08
CA LYS C 235 1.91 -11.65 16.31
C LYS C 235 2.92 -11.59 15.16
N PHE C 236 3.61 -12.67 14.88
CA PHE C 236 4.66 -12.60 13.88
C PHE C 236 4.56 -13.74 12.88
N ASP C 237 4.65 -14.96 13.43
CA ASP C 237 4.68 -16.19 12.65
C ASP C 237 3.66 -16.17 11.53
N ASN C 238 2.37 -16.14 11.82
CA ASN C 238 1.45 -16.22 10.70
C ASN C 238 1.05 -14.87 10.15
N LEU C 239 1.16 -13.81 10.95
CA LEU C 239 0.90 -12.50 10.40
C LEU C 239 1.88 -12.18 9.26
N TYR C 240 3.18 -12.18 9.53
CA TYR C 240 4.18 -11.93 8.50
C TYR C 240 4.53 -13.18 7.70
N GLY C 241 4.53 -14.35 8.33
CA GLY C 241 4.83 -15.56 7.59
C GLY C 241 3.86 -15.81 6.46
N CYS C 242 2.56 -15.84 6.75
CA CYS C 242 1.61 -16.05 5.67
C CYS C 242 1.64 -14.89 4.67
N ARG C 243 1.98 -13.69 5.13
CA ARG C 243 2.03 -12.58 4.19
C ARG C 243 3.05 -12.87 3.12
N GLU C 244 4.12 -13.55 3.48
CA GLU C 244 5.16 -13.89 2.51
C GLU C 244 4.88 -15.22 1.84
N SER C 245 4.40 -16.22 2.58
CA SER C 245 4.39 -17.58 2.04
C SER C 245 3.07 -18.00 1.39
N LEU C 246 1.93 -17.35 1.63
CA LEU C 246 0.71 -17.83 0.98
C LEU C 246 0.76 -17.59 -0.54
N VAL C 247 1.04 -16.36 -0.96
CA VAL C 247 1.12 -16.12 -2.40
C VAL C 247 2.25 -16.94 -3.02
N ASP C 248 3.37 -17.10 -2.32
CA ASP C 248 4.46 -17.97 -2.80
C ASP C 248 3.93 -19.35 -3.18
N GLY C 249 3.10 -19.94 -2.32
CA GLY C 249 2.56 -21.24 -2.64
C GLY C 249 1.66 -21.19 -3.85
N ILE C 250 0.84 -20.16 -3.94
CA ILE C 250 -0.06 -20.01 -5.07
C ILE C 250 0.72 -19.77 -6.36
N ARG C 251 1.73 -18.91 -6.32
CA ARG C 251 2.53 -18.67 -7.53
C ARG C 251 3.21 -19.95 -8.03
N ARG C 252 3.97 -20.61 -7.17
CA ARG C 252 4.63 -21.86 -7.58
C ARG C 252 3.64 -22.89 -8.12
N GLY C 253 2.46 -23.00 -7.49
CA GLY C 253 1.51 -24.01 -7.92
C GLY C 253 0.86 -23.69 -9.26
N THR C 254 0.66 -22.40 -9.59
CA THR C 254 -0.17 -22.04 -10.74
C THR C 254 0.43 -21.02 -11.68
N ASP C 255 1.38 -20.20 -11.23
CA ASP C 255 2.00 -19.16 -12.05
C ASP C 255 0.98 -18.19 -12.65
N VAL C 256 -0.04 -17.90 -11.90
CA VAL C 256 -1.15 -17.11 -12.41
C VAL C 256 -0.87 -15.64 -12.13
N MET C 257 -1.36 -14.75 -13.01
CA MET C 257 -1.27 -13.31 -12.75
C MET C 257 -2.23 -12.95 -11.63
N LEU C 258 -1.72 -12.35 -10.55
CA LEU C 258 -2.61 -11.98 -9.43
C LEU C 258 -3.28 -10.61 -9.59
N SER C 259 -2.57 -9.62 -10.15
CA SER C 259 -3.19 -8.37 -10.59
C SER C 259 -4.36 -8.62 -11.55
N GLY C 260 -5.49 -7.96 -11.30
CA GLY C 260 -6.70 -8.19 -12.04
C GLY C 260 -7.61 -9.26 -11.47
N LYS C 261 -7.13 -10.02 -10.48
CA LYS C 261 -7.90 -11.14 -9.98
C LYS C 261 -8.55 -10.75 -8.65
N VAL C 262 -9.61 -11.50 -8.34
CA VAL C 262 -10.35 -11.39 -7.10
C VAL C 262 -10.07 -12.63 -6.30
N ALA C 263 -9.70 -12.44 -5.03
CA ALA C 263 -9.47 -13.51 -4.07
C ALA C 263 -10.44 -13.45 -2.88
N MET C 264 -10.75 -14.63 -2.34
CA MET C 264 -11.60 -14.78 -1.17
C MET C 264 -10.80 -15.51 -0.09
N VAL C 265 -10.69 -14.91 1.07
CA VAL C 265 -10.04 -15.53 2.21
C VAL C 265 -11.10 -15.79 3.26
N ALA C 266 -11.26 -17.06 3.68
CA ALA C 266 -12.20 -17.38 4.77
C ALA C 266 -11.47 -17.32 6.11
N GLY C 267 -11.89 -16.39 6.95
CA GLY C 267 -11.28 -16.22 8.25
C GLY C 267 -10.39 -14.99 8.31
N PHE C 268 -10.36 -14.36 9.47
CA PHE C 268 -9.54 -13.17 9.65
C PHE C 268 -8.95 -13.13 11.03
N GLY C 269 -8.61 -14.32 11.56
CA GLY C 269 -7.61 -14.46 12.60
C GLY C 269 -6.22 -14.11 12.09
N ASP C 270 -5.17 -14.47 12.84
CA ASP C 270 -3.84 -14.07 12.42
CA ASP C 270 -3.80 -14.13 12.45
C ASP C 270 -3.46 -14.72 11.08
N VAL C 271 -3.85 -15.96 10.85
CA VAL C 271 -3.56 -16.59 9.56
C VAL C 271 -4.30 -15.88 8.42
N GLY C 272 -5.59 -15.60 8.61
CA GLY C 272 -6.35 -14.92 7.57
C GLY C 272 -5.89 -13.48 7.36
N LYS C 273 -5.52 -12.79 8.43
CA LYS C 273 -4.97 -11.44 8.27
C LYS C 273 -3.73 -11.45 7.36
N GLY C 274 -2.80 -12.38 7.62
CA GLY C 274 -1.56 -12.43 6.86
C GLY C 274 -1.81 -12.91 5.44
N SER C 275 -2.76 -13.82 5.29
CA SER C 275 -3.09 -14.37 3.98
C SER C 275 -3.76 -13.31 3.11
N ALA C 276 -4.71 -12.56 3.66
CA ALA C 276 -5.35 -11.51 2.89
C ALA C 276 -4.35 -10.44 2.49
N ALA C 277 -3.47 -10.05 3.41
CA ALA C 277 -2.39 -9.15 3.08
C ALA C 277 -1.51 -9.72 1.94
N SER C 278 -1.17 -11.01 2.00
CA SER C 278 -0.36 -11.61 0.94
C SER C 278 -0.99 -11.39 -0.41
N LEU C 279 -2.31 -11.62 -0.51
CA LEU C 279 -2.99 -11.50 -1.79
C LEU C 279 -3.17 -10.04 -2.19
N ARG C 280 -3.52 -9.17 -1.25
CA ARG C 280 -3.66 -7.77 -1.62
C ARG C 280 -2.33 -7.19 -2.07
N GLN C 281 -1.27 -7.50 -1.35
CA GLN C 281 0.03 -6.96 -1.72
C GLN C 281 0.46 -7.45 -3.09
N ALA C 282 0.07 -8.68 -3.45
CA ALA C 282 0.39 -9.22 -4.77
C ALA C 282 -0.46 -8.63 -5.89
N GLY C 283 -1.51 -7.88 -5.58
CA GLY C 283 -2.32 -7.18 -6.57
C GLY C 283 -3.76 -7.62 -6.66
N CYS C 284 -4.19 -8.64 -5.89
CA CYS C 284 -5.57 -9.08 -5.87
C CYS C 284 -6.47 -8.05 -5.17
N ARG C 285 -7.71 -7.99 -5.62
CA ARG C 285 -8.78 -7.40 -4.84
C ARG C 285 -9.32 -8.48 -3.90
N VAL C 286 -9.29 -8.23 -2.59
CA VAL C 286 -9.47 -9.31 -1.61
C VAL C 286 -10.80 -9.16 -0.86
N MET C 287 -11.60 -10.23 -0.83
CA MET C 287 -12.79 -10.34 -0.01
C MET C 287 -12.52 -11.33 1.13
N VAL C 288 -13.22 -11.17 2.26
CA VAL C 288 -12.99 -11.96 3.47
C VAL C 288 -14.34 -12.44 4.01
N SER C 289 -14.36 -13.63 4.61
CA SER C 289 -15.52 -14.04 5.41
C SER C 289 -15.12 -14.11 6.86
N GLU C 290 -16.08 -13.88 7.76
CA GLU C 290 -15.84 -14.06 9.19
C GLU C 290 -17.15 -14.36 9.91
N VAL C 291 -17.02 -15.10 11.01
CA VAL C 291 -18.15 -15.26 11.94
C VAL C 291 -18.01 -14.33 13.15
N ASP C 292 -16.80 -13.85 13.44
CA ASP C 292 -16.54 -13.04 14.62
C ASP C 292 -16.69 -11.57 14.25
N PRO C 293 -17.63 -10.81 14.84
CA PRO C 293 -17.89 -9.45 14.32
C PRO C 293 -16.75 -8.48 14.56
N ILE C 294 -15.95 -8.68 15.60
CA ILE C 294 -14.77 -7.86 15.81
C ILE C 294 -13.77 -8.10 14.69
N CYS C 295 -13.54 -9.37 14.34
CA CYS C 295 -12.58 -9.66 13.28
C CYS C 295 -13.10 -9.18 11.95
N ALA C 296 -14.41 -9.30 11.74
CA ALA C 296 -15.04 -8.77 10.53
C ALA C 296 -14.85 -7.27 10.43
N LEU C 297 -15.08 -6.57 11.54
CA LEU C 297 -14.88 -5.14 11.57
C LEU C 297 -13.45 -4.79 11.28
N GLN C 298 -12.49 -5.59 11.78
CA GLN C 298 -11.09 -5.35 11.42
C GLN C 298 -10.90 -5.45 9.91
N ALA C 299 -11.42 -6.50 9.29
CA ALA C 299 -11.21 -6.70 7.85
C ALA C 299 -11.78 -5.53 7.06
N ALA C 300 -12.96 -5.05 7.47
CA ALA C 300 -13.63 -3.97 6.78
C ALA C 300 -12.85 -2.68 6.90
N MET C 301 -12.32 -2.42 8.11
CA MET C 301 -11.48 -1.25 8.34
C MET C 301 -10.16 -1.35 7.59
N GLU C 302 -9.68 -2.55 7.30
CA GLU C 302 -8.50 -2.64 6.44
C GLU C 302 -8.84 -2.53 4.95
N GLY C 303 -10.10 -2.27 4.61
CA GLY C 303 -10.49 -2.12 3.22
C GLY C 303 -10.89 -3.38 2.50
N TYR C 304 -11.07 -4.50 3.20
CA TYR C 304 -11.52 -5.72 2.55
C TYR C 304 -13.04 -5.75 2.51
N GLU C 305 -13.61 -6.21 1.41
CA GLU C 305 -15.06 -6.45 1.38
C GLU C 305 -15.38 -7.74 2.15
N VAL C 306 -16.30 -7.68 3.10
CA VAL C 306 -16.58 -8.85 3.95
C VAL C 306 -17.89 -9.47 3.48
N VAL C 307 -17.82 -10.71 2.98
CA VAL C 307 -18.92 -11.34 2.27
C VAL C 307 -19.06 -12.78 2.77
N THR C 308 -20.16 -13.41 2.37
CA THR C 308 -20.29 -14.83 2.65
C THR C 308 -19.61 -15.64 1.55
N MET C 309 -19.38 -16.92 1.87
CA MET C 309 -18.88 -17.85 0.85
C MET C 309 -19.88 -18.03 -0.28
N GLU C 310 -21.19 -17.96 0.01
CA GLU C 310 -22.18 -18.08 -1.05
C GLU C 310 -22.08 -16.92 -2.04
N ASP C 311 -21.84 -15.72 -1.53
CA ASP C 311 -21.60 -14.56 -2.37
C ASP C 311 -20.30 -14.73 -3.18
N ALA C 312 -19.22 -15.16 -2.53
CA ALA C 312 -17.91 -15.21 -3.19
C ALA C 312 -17.82 -16.32 -4.23
N ALA C 313 -18.53 -17.43 -4.03
CA ALA C 313 -18.31 -18.63 -4.84
C ALA C 313 -18.33 -18.35 -6.35
N PRO C 314 -19.31 -17.65 -6.91
CA PRO C 314 -19.30 -17.48 -8.36
C PRO C 314 -18.41 -16.35 -8.85
N ARG C 315 -17.73 -15.59 -8.00
CA ARG C 315 -16.95 -14.49 -8.57
C ARG C 315 -15.49 -14.38 -8.16
N ALA C 316 -15.00 -15.09 -7.15
CA ALA C 316 -13.59 -15.02 -6.88
C ALA C 316 -12.80 -15.89 -7.86
N ASP C 317 -11.58 -15.45 -8.17
CA ASP C 317 -10.68 -16.26 -8.98
C ASP C 317 -9.87 -17.25 -8.13
N ILE C 318 -9.70 -16.92 -6.86
CA ILE C 318 -8.81 -17.61 -5.93
C ILE C 318 -9.55 -17.69 -4.59
N PHE C 319 -9.54 -18.88 -3.96
CA PHE C 319 -10.13 -19.12 -2.63
C PHE C 319 -9.08 -19.67 -1.70
N VAL C 320 -9.02 -19.14 -0.48
CA VAL C 320 -8.08 -19.55 0.54
C VAL C 320 -8.85 -19.73 1.85
N THR C 321 -8.80 -20.92 2.43
CA THR C 321 -9.48 -21.14 3.71
C THR C 321 -8.48 -20.96 4.85
N ALA C 322 -8.88 -20.21 5.88
CA ALA C 322 -7.96 -19.95 6.97
C ALA C 322 -8.70 -19.82 8.30
N THR C 323 -9.66 -20.73 8.54
CA THR C 323 -10.58 -20.60 9.67
C THR C 323 -10.26 -21.52 10.85
N GLY C 324 -9.60 -22.66 10.61
CA GLY C 324 -9.55 -23.68 11.65
C GLY C 324 -10.86 -24.41 11.92
N ASN C 325 -11.84 -24.29 11.04
CA ASN C 325 -13.17 -24.83 11.13
C ASN C 325 -13.36 -25.88 10.05
N LYS C 326 -14.57 -26.40 9.92
CA LYS C 326 -14.82 -27.39 8.89
C LYS C 326 -15.94 -26.92 7.99
N ASP C 327 -15.97 -27.51 6.79
CA ASP C 327 -17.06 -27.34 5.83
C ASP C 327 -17.21 -25.87 5.45
N ILE C 328 -16.06 -25.26 5.13
CA ILE C 328 -16.01 -23.85 4.73
C ILE C 328 -16.28 -23.70 3.25
N ILE C 329 -15.58 -24.48 2.44
CA ILE C 329 -15.87 -24.53 1.01
C ILE C 329 -16.45 -25.89 0.72
N THR C 330 -17.71 -25.92 0.30
CA THR C 330 -18.46 -27.14 0.09
C THR C 330 -18.50 -27.50 -1.37
N ILE C 331 -18.98 -28.72 -1.63
CA ILE C 331 -19.13 -29.16 -3.00
C ILE C 331 -20.09 -28.25 -3.73
N GLU C 332 -21.12 -27.74 -3.05
CA GLU C 332 -22.03 -26.83 -3.72
C GLU C 332 -21.32 -25.53 -4.11
N HIS C 333 -20.52 -24.99 -3.20
CA HIS C 333 -19.72 -23.81 -3.53
C HIS C 333 -18.91 -24.07 -4.77
N MET C 334 -18.18 -25.19 -4.78
CA MET C 334 -17.27 -25.47 -5.86
C MET C 334 -17.99 -25.67 -7.18
N ARG C 335 -19.18 -26.26 -7.17
CA ARG C 335 -19.98 -26.37 -8.40
C ARG C 335 -20.32 -25.02 -8.99
N ALA C 336 -20.40 -23.97 -8.16
CA ALA C 336 -20.77 -22.63 -8.61
C ALA C 336 -19.55 -21.78 -8.97
N MET C 337 -18.34 -22.24 -8.69
CA MET C 337 -17.15 -21.49 -9.05
C MET C 337 -16.99 -21.39 -10.57
N LYS C 338 -16.30 -20.35 -11.01
CA LYS C 338 -16.01 -20.18 -12.42
C LYS C 338 -14.98 -21.22 -12.85
N ASP C 339 -14.97 -21.52 -14.15
CA ASP C 339 -14.04 -22.53 -14.65
C ASP C 339 -12.60 -22.14 -14.31
N ARG C 340 -11.90 -23.08 -13.70
CA ARG C 340 -10.49 -23.00 -13.36
C ARG C 340 -10.19 -22.06 -12.19
N ALA C 341 -11.19 -21.75 -11.37
CA ALA C 341 -10.93 -21.15 -10.07
C ALA C 341 -9.86 -21.93 -9.33
N ILE C 342 -9.03 -21.22 -8.58
CA ILE C 342 -7.98 -21.80 -7.75
C ILE C 342 -8.49 -21.92 -6.32
N VAL C 343 -8.35 -23.12 -5.73
CA VAL C 343 -8.82 -23.40 -4.38
C VAL C 343 -7.68 -23.96 -3.54
N CYS C 344 -7.49 -23.41 -2.34
CA CYS C 344 -6.43 -23.92 -1.47
C CYS C 344 -6.76 -23.59 -0.01
N ASN C 345 -5.99 -24.24 0.88
CA ASN C 345 -6.20 -24.20 2.30
C ASN C 345 -4.88 -23.87 2.98
N ILE C 346 -4.91 -22.94 3.92
CA ILE C 346 -3.77 -22.67 4.78
C ILE C 346 -4.12 -22.85 6.26
N GLY C 347 -5.31 -23.43 6.56
CA GLY C 347 -5.58 -23.95 7.89
C GLY C 347 -4.98 -25.35 8.05
N HIS C 348 -5.08 -25.88 9.27
CA HIS C 348 -4.20 -27.00 9.60
C HIS C 348 -4.72 -28.37 9.18
N PHE C 349 -6.01 -28.56 8.97
CA PHE C 349 -6.52 -29.82 8.46
C PHE C 349 -7.19 -29.61 7.13
N ASP C 350 -7.39 -30.74 6.46
CA ASP C 350 -7.92 -30.79 5.11
C ASP C 350 -9.44 -30.87 5.08
N ASN C 351 -10.12 -30.45 6.16
CA ASN C 351 -11.57 -30.49 6.12
C ASN C 351 -12.18 -29.10 6.05
N GLU C 352 -11.37 -28.04 5.90
CA GLU C 352 -11.99 -26.76 5.62
C GLU C 352 -12.64 -26.78 4.26
N ILE C 353 -11.97 -27.40 3.28
CA ILE C 353 -12.55 -27.69 1.98
C ILE C 353 -13.06 -29.12 2.02
N GLN C 354 -14.19 -29.36 1.37
CA GLN C 354 -14.78 -30.70 1.34
C GLN C 354 -14.10 -31.54 0.25
N ILE C 355 -12.81 -31.80 0.48
CA ILE C 355 -12.01 -32.61 -0.44
C ILE C 355 -12.65 -33.98 -0.64
N ALA C 356 -13.04 -34.66 0.45
CA ALA C 356 -13.56 -36.01 0.32
C ALA C 356 -14.73 -36.06 -0.67
N SER C 357 -15.56 -35.03 -0.68
CA SER C 357 -16.71 -35.04 -1.56
C SER C 357 -16.30 -34.94 -3.02
N LEU C 358 -15.06 -34.54 -3.28
CA LEU C 358 -14.55 -34.45 -4.63
C LEU C 358 -13.94 -35.77 -5.11
N ARG C 359 -13.81 -36.78 -4.26
CA ARG C 359 -13.07 -37.96 -4.70
C ARG C 359 -13.82 -38.78 -5.74
N ASN C 360 -15.05 -38.43 -6.07
CA ASN C 360 -15.77 -39.15 -7.10
C ASN C 360 -15.65 -38.52 -8.48
N LEU C 361 -15.08 -37.32 -8.57
CA LEU C 361 -14.92 -36.65 -9.86
C LEU C 361 -13.59 -37.00 -10.50
N LYS C 362 -13.40 -36.52 -11.74
CA LYS C 362 -12.15 -36.73 -12.46
C LYS C 362 -11.07 -35.79 -11.93
N TRP C 363 -10.01 -36.35 -11.37
CA TRP C 363 -8.83 -35.61 -10.98
C TRP C 363 -7.73 -35.83 -12.02
N THR C 364 -7.16 -34.75 -12.55
CA THR C 364 -6.03 -34.79 -13.48
C THR C 364 -4.86 -34.11 -12.80
N ASN C 365 -3.79 -34.85 -12.52
CA ASN C 365 -2.64 -34.24 -11.87
C ASN C 365 -1.87 -33.37 -12.86
N ILE C 366 -1.59 -32.13 -12.46
CA ILE C 366 -0.75 -31.25 -13.26
C ILE C 366 0.70 -31.46 -12.91
N LYS C 367 1.00 -31.43 -11.65
CA LYS C 367 2.33 -31.66 -11.15
C LYS C 367 2.17 -31.93 -9.66
N PRO C 368 3.23 -32.28 -8.93
CA PRO C 368 3.06 -32.53 -7.48
C PRO C 368 2.32 -31.40 -6.81
N GLN C 369 1.27 -31.76 -6.06
CA GLN C 369 0.47 -30.86 -5.26
C GLN C 369 -0.41 -29.93 -6.09
N VAL C 370 -0.65 -30.26 -7.35
CA VAL C 370 -1.55 -29.44 -8.16
C VAL C 370 -2.40 -30.37 -9.00
N ASP C 371 -3.71 -30.26 -8.86
CA ASP C 371 -4.65 -31.14 -9.52
C ASP C 371 -5.78 -30.33 -10.11
N GLU C 372 -6.22 -30.73 -11.27
CA GLU C 372 -7.40 -30.16 -11.91
C GLU C 372 -8.57 -31.12 -11.72
N ILE C 373 -9.64 -30.63 -11.12
CA ILE C 373 -10.81 -31.46 -10.80
C ILE C 373 -11.94 -31.05 -11.72
N GLU C 374 -12.50 -32.02 -12.44
CA GLU C 374 -13.53 -31.76 -13.43
C GLU C 374 -14.89 -32.17 -12.89
N PHE C 375 -15.84 -31.32 -13.03
CA PHE C 375 -17.22 -31.62 -12.66
C PHE C 375 -17.94 -32.19 -13.87
N PRO C 376 -19.10 -32.82 -13.70
CA PRO C 376 -19.75 -33.44 -14.86
C PRO C 376 -20.09 -32.44 -15.95
N ASP C 377 -20.42 -31.21 -15.60
CA ASP C 377 -20.69 -30.19 -16.61
C ASP C 377 -19.41 -29.65 -17.25
N LYS C 378 -18.27 -30.30 -16.98
CA LYS C 378 -16.95 -30.02 -17.56
C LYS C 378 -16.31 -28.76 -17.00
N HIS C 379 -16.93 -28.07 -16.04
CA HIS C 379 -16.22 -26.97 -15.41
C HIS C 379 -15.22 -27.55 -14.42
N ARG C 380 -14.15 -26.81 -14.21
CA ARG C 380 -12.98 -27.32 -13.52
C ARG C 380 -12.60 -26.36 -12.41
N ILE C 381 -11.89 -26.89 -11.42
CA ILE C 381 -11.20 -26.09 -10.43
C ILE C 381 -9.78 -26.61 -10.31
N ILE C 382 -8.88 -25.74 -9.87
CA ILE C 382 -7.49 -26.08 -9.64
C ILE C 382 -7.30 -26.22 -8.14
N MET C 383 -7.00 -27.43 -7.68
CA MET C 383 -6.82 -27.71 -6.25
C MET C 383 -5.33 -27.81 -5.92
N LEU C 384 -4.92 -27.12 -4.88
CA LEU C 384 -3.53 -27.10 -4.45
C LEU C 384 -3.35 -27.98 -3.21
N SER C 385 -2.36 -28.87 -3.25
CA SER C 385 -1.94 -29.68 -2.11
C SER C 385 -3.08 -30.50 -1.52
N GLU C 386 -4.00 -30.92 -2.39
CA GLU C 386 -5.22 -31.66 -2.06
C GLU C 386 -5.92 -31.08 -0.83
N GLY C 387 -5.94 -29.75 -0.74
CA GLY C 387 -6.58 -29.06 0.35
C GLY C 387 -5.81 -28.99 1.64
N ARG C 388 -4.53 -29.32 1.64
CA ARG C 388 -3.67 -29.22 2.82
C ARG C 388 -2.76 -28.00 2.68
N LEU C 389 -2.11 -27.65 3.80
CA LEU C 389 -1.29 -26.46 3.96
C LEU C 389 -0.59 -26.03 2.66
N VAL C 390 -1.13 -25.02 1.97
CA VAL C 390 -0.65 -24.65 0.64
C VAL C 390 0.77 -24.05 0.67
N ASN C 391 1.09 -23.24 1.67
CA ASN C 391 2.42 -22.64 1.70
C ASN C 391 3.52 -23.70 1.83
N LEU C 392 3.29 -24.71 2.65
CA LEU C 392 4.26 -25.78 2.82
C LEU C 392 4.15 -26.85 1.75
N GLY C 393 2.96 -27.12 1.25
CA GLY C 393 2.79 -28.11 0.19
C GLY C 393 3.25 -27.65 -1.19
N ASN C 394 2.95 -26.40 -1.58
CA ASN C 394 3.32 -25.95 -2.93
C ASN C 394 4.58 -25.11 -2.99
N ALA C 395 5.08 -24.66 -1.84
CA ALA C 395 6.32 -23.88 -1.81
C ALA C 395 7.19 -24.29 -0.62
N MET C 396 7.73 -23.33 0.12
CA MET C 396 8.73 -23.64 1.12
C MET C 396 8.31 -23.19 2.53
N GLY C 397 7.02 -22.98 2.75
CA GLY C 397 6.48 -22.44 3.97
C GLY C 397 7.00 -21.03 4.24
N HIS C 398 6.88 -20.61 5.51
CA HIS C 398 7.37 -19.32 5.96
C HIS C 398 8.89 -19.24 5.77
N PRO C 399 9.42 -18.06 5.45
CA PRO C 399 10.88 -17.88 5.40
C PRO C 399 11.54 -18.05 6.76
N SER C 400 12.86 -18.22 6.71
CA SER C 400 13.63 -18.57 7.90
C SER C 400 13.55 -17.50 8.99
N PHE C 401 13.61 -16.22 8.61
CA PHE C 401 13.77 -15.20 9.65
C PHE C 401 12.60 -15.22 10.64
N VAL C 402 11.37 -15.31 10.15
CA VAL C 402 10.24 -15.26 11.08
C VAL C 402 10.15 -16.55 11.88
N MET C 403 10.49 -17.70 11.27
CA MET C 403 10.52 -18.97 12.00
C MET C 403 11.57 -18.98 13.11
N SER C 404 12.64 -18.21 12.96
CA SER C 404 13.64 -18.07 14.02
C SER C 404 13.00 -17.57 15.32
N ALA C 405 12.05 -16.64 15.22
CA ALA C 405 11.37 -16.17 16.41
C ALA C 405 10.51 -17.27 17.02
N SER C 406 9.65 -17.89 16.21
CA SER C 406 8.87 -19.04 16.68
C SER C 406 9.76 -20.09 17.36
N PHE C 407 10.82 -20.48 16.68
CA PHE C 407 11.67 -21.58 17.10
C PHE C 407 12.60 -21.19 18.24
N THR C 408 12.92 -19.89 18.40
CA THR C 408 13.64 -19.49 19.59
C THR C 408 12.74 -19.64 20.83
N ASN C 409 11.45 -19.33 20.67
CA ASN C 409 10.48 -19.59 21.73
C ASN C 409 10.44 -21.08 22.08
N GLN C 410 10.39 -21.94 21.06
CA GLN C 410 10.36 -23.39 21.30
C GLN C 410 11.57 -23.84 22.13
N THR C 411 12.77 -23.38 21.73
CA THR C 411 13.98 -23.77 22.43
C THR C 411 13.93 -23.32 23.88
N LEU C 412 13.56 -22.06 24.14
CA LEU C 412 13.39 -21.59 25.51
C LEU C 412 12.31 -22.35 26.26
N ALA C 413 11.24 -22.77 25.59
CA ALA C 413 10.23 -23.59 26.28
C ALA C 413 10.80 -24.93 26.71
N GLN C 414 11.51 -25.61 25.80
CA GLN C 414 12.14 -26.88 26.15
C GLN C 414 13.11 -26.69 27.31
N ILE C 415 13.93 -25.63 27.29
CA ILE C 415 14.80 -25.36 28.43
C ILE C 415 13.99 -25.18 29.71
N GLU C 416 12.94 -24.36 29.65
CA GLU C 416 12.09 -24.18 30.81
C GLU C 416 11.63 -25.52 31.40
N LEU C 417 11.03 -26.37 30.58
CA LEU C 417 10.37 -27.58 31.10
C LEU C 417 11.39 -28.63 31.49
N PHE C 418 12.49 -28.70 30.75
CA PHE C 418 13.42 -29.77 31.02
C PHE C 418 14.42 -29.39 32.10
N ALA C 419 14.81 -28.13 32.13
CA ALA C 419 15.92 -27.69 32.95
C ALA C 419 15.54 -26.73 34.05
N ASN C 420 14.38 -26.08 33.99
CA ASN C 420 14.00 -25.08 34.98
C ASN C 420 12.70 -25.45 35.67
N ASN C 421 12.51 -26.74 35.99
CA ASN C 421 11.34 -27.20 36.76
C ASN C 421 11.76 -27.91 38.04
N LYS C 422 12.92 -27.56 38.58
CA LYS C 422 13.37 -28.20 39.81
C LYS C 422 12.43 -27.92 40.98
N ASP C 423 11.79 -26.76 41.01
CA ASP C 423 10.88 -26.35 42.06
C ASP C 423 9.42 -26.67 41.75
N SER C 424 9.14 -27.47 40.72
CA SER C 424 7.78 -27.77 40.27
C SER C 424 6.96 -26.52 39.97
N LYS C 425 7.60 -25.46 39.48
CA LYS C 425 6.81 -24.29 39.09
C LYS C 425 5.85 -24.63 37.96
N TYR C 426 6.14 -25.65 37.16
CA TYR C 426 5.23 -26.06 36.10
C TYR C 426 4.59 -27.38 36.54
N ALA C 427 3.32 -27.30 36.89
CA ALA C 427 2.52 -28.46 37.25
C ALA C 427 1.87 -29.00 35.98
N LYS C 428 0.87 -29.88 36.09
CA LYS C 428 0.23 -30.47 34.92
C LYS C 428 -0.86 -29.56 34.36
N LYS C 429 -0.44 -28.36 33.94
CA LYS C 429 -1.31 -27.34 33.39
C LYS C 429 -0.58 -26.71 32.22
N VAL C 430 -1.24 -25.76 31.55
CA VAL C 430 -0.68 -25.02 30.42
C VAL C 430 -0.17 -23.67 30.89
N TYR C 431 1.06 -23.32 30.49
CA TYR C 431 1.71 -22.06 30.80
C TYR C 431 2.17 -21.33 29.53
N VAL C 432 2.41 -20.03 29.63
CA VAL C 432 3.14 -19.32 28.57
C VAL C 432 4.47 -18.86 29.12
N LEU C 433 5.39 -18.55 28.22
CA LEU C 433 6.67 -18.03 28.63
C LEU C 433 6.48 -16.64 29.28
N PRO C 434 7.35 -16.28 30.23
CA PRO C 434 7.28 -14.92 30.80
C PRO C 434 7.57 -13.83 29.77
N LYS C 435 6.99 -12.64 30.03
CA LYS C 435 7.14 -11.53 29.09
C LYS C 435 8.60 -11.17 28.88
N THR C 436 9.44 -11.27 29.90
CA THR C 436 10.85 -10.94 29.71
C THR C 436 11.51 -11.85 28.68
N LEU C 437 11.13 -13.13 28.66
CA LEU C 437 11.68 -14.04 27.66
C LEU C 437 11.09 -13.77 26.30
N ASP C 438 9.81 -13.45 26.25
CA ASP C 438 9.18 -13.03 25.01
C ASP C 438 9.92 -11.81 24.43
N GLU C 439 10.20 -10.81 25.27
CA GLU C 439 10.94 -9.63 24.85
C GLU C 439 12.35 -9.99 24.39
N LYS C 440 13.01 -10.87 25.11
CA LYS C 440 14.34 -11.30 24.68
C LYS C 440 14.28 -11.93 23.29
N VAL C 441 13.25 -12.73 23.00
CA VAL C 441 13.19 -13.31 21.67
C VAL C 441 13.23 -12.21 20.62
N ALA C 442 12.40 -11.16 20.78
CA ALA C 442 12.42 -10.07 19.81
C ALA C 442 13.77 -9.38 19.77
N ARG C 443 14.34 -9.15 20.95
CA ARG C 443 15.62 -8.46 21.04
C ARG C 443 16.70 -9.16 20.20
N LEU C 444 16.73 -10.49 20.23
CA LEU C 444 17.79 -11.24 19.55
C LEU C 444 17.73 -11.11 18.03
N HIS C 445 16.62 -10.65 17.49
CA HIS C 445 16.44 -10.50 16.05
C HIS C 445 16.66 -9.09 15.54
N LEU C 446 16.91 -8.10 16.42
CA LEU C 446 16.88 -6.72 15.97
C LEU C 446 18.12 -6.34 15.17
N ALA C 447 19.30 -6.73 15.67
CA ALA C 447 20.56 -6.33 15.01
C ALA C 447 20.60 -6.80 13.58
N LYS C 448 20.09 -8.01 13.30
CA LYS C 448 20.22 -8.59 11.98
C LYS C 448 19.50 -7.75 10.91
N ILE C 449 18.44 -7.07 11.29
CA ILE C 449 17.73 -6.19 10.37
C ILE C 449 18.01 -4.71 10.68
N GLY C 450 19.10 -4.41 11.37
CA GLY C 450 19.50 -3.02 11.52
C GLY C 450 18.59 -2.15 12.36
N VAL C 451 17.77 -2.73 13.23
CA VAL C 451 16.96 -1.94 14.15
C VAL C 451 17.87 -1.34 15.22
N LYS C 452 17.65 -0.07 15.56
CA LYS C 452 18.39 0.60 16.63
C LYS C 452 17.39 0.95 17.72
N LEU C 453 17.46 0.24 18.85
CA LEU C 453 16.50 0.38 19.91
C LEU C 453 16.91 1.54 20.82
N THR C 454 15.94 2.36 21.20
CA THR C 454 16.21 3.44 22.14
C THR C 454 16.32 2.89 23.56
N GLU C 455 17.24 3.44 24.34
CA GLU C 455 17.34 3.11 25.77
C GLU C 455 16.61 4.17 26.60
N LEU C 456 15.66 3.72 27.41
CA LEU C 456 15.05 4.58 28.41
C LEU C 456 16.09 5.12 29.38
N ARG C 457 16.03 6.42 29.65
CA ARG C 457 16.71 6.94 30.81
C ARG C 457 15.94 6.53 32.07
N LYS C 458 16.65 6.55 33.18
CA LYS C 458 16.05 6.21 34.46
C LYS C 458 14.80 7.05 34.72
N ASP C 459 14.89 8.37 34.55
CA ASP C 459 13.71 9.18 34.85
C ASP C 459 12.57 8.86 33.90
N GLN C 460 12.88 8.47 32.66
CA GLN C 460 11.85 8.13 31.67
C GLN C 460 11.19 6.80 32.00
N ALA C 461 11.96 5.83 32.49
CA ALA C 461 11.36 4.55 32.84
C ALA C 461 10.45 4.70 34.05
N ASP C 462 10.90 5.42 35.08
CA ASP C 462 10.05 5.75 36.22
C ASP C 462 8.74 6.38 35.75
N TYR C 463 8.84 7.38 34.87
CA TYR C 463 7.68 8.10 34.39
C TYR C 463 6.60 7.20 33.81
N ILE C 464 6.99 6.12 33.11
CA ILE C 464 6.01 5.22 32.53
C ILE C 464 5.85 3.91 33.33
N GLY C 465 6.54 3.77 34.45
CA GLY C 465 6.25 2.68 35.35
C GLY C 465 6.86 1.35 34.98
N VAL C 466 8.02 1.35 34.32
CA VAL C 466 8.67 0.11 33.93
C VAL C 466 10.13 0.22 34.33
N LYS C 467 10.79 -0.94 34.39
CA LYS C 467 12.24 -1.00 34.51
C LYS C 467 12.88 -0.73 33.15
N GLN C 468 14.09 -0.16 33.17
CA GLN C 468 14.77 0.14 31.91
C GLN C 468 14.97 -1.12 31.06
N GLU C 469 15.19 -2.25 31.71
CA GLU C 469 15.39 -3.52 31.02
C GLU C 469 14.07 -4.21 30.75
N GLY C 470 12.96 -3.54 31.01
CA GLY C 470 11.67 -4.17 30.80
C GLY C 470 11.39 -5.20 31.88
N PRO C 471 10.24 -5.85 31.86
CA PRO C 471 9.16 -5.93 30.85
C PRO C 471 8.54 -4.56 30.61
N TYR C 472 8.17 -4.24 29.36
CA TYR C 472 7.65 -2.91 29.02
C TYR C 472 6.12 -2.84 28.98
N LYS C 473 5.43 -3.97 29.02
CA LYS C 473 3.98 -3.97 28.86
C LYS C 473 3.37 -4.87 29.93
N SER C 474 2.13 -4.57 30.31
CA SER C 474 1.44 -5.47 31.21
C SER C 474 1.13 -6.77 30.48
N ASP C 475 0.85 -7.81 31.28
CA ASP C 475 0.60 -9.11 30.69
C ASP C 475 -0.66 -9.13 29.84
N HIS C 476 -1.56 -8.17 29.99
CA HIS C 476 -2.76 -8.16 29.14
C HIS C 476 -2.63 -7.31 27.86
N TYR C 477 -1.50 -6.65 27.66
CA TYR C 477 -1.31 -5.81 26.46
C TYR C 477 -1.42 -6.66 25.18
N ARG C 478 -2.23 -6.22 24.23
CA ARG C 478 -2.47 -6.97 23.00
C ARG C 478 -1.50 -6.65 21.86
N TYR C 479 -0.67 -5.62 21.97
CA TYR C 479 0.23 -5.24 20.88
C TYR C 479 -0.50 -5.02 19.54
N GLY D 12 -35.74 29.06 32.46
CA GLY D 12 -35.02 28.79 31.23
C GLY D 12 -33.62 28.20 31.43
N PHE D 13 -32.72 28.38 30.45
CA PHE D 13 -31.41 27.71 30.51
C PHE D 13 -30.28 28.67 30.12
N THR D 14 -29.37 28.90 31.06
CA THR D 14 -28.23 29.81 30.89
C THR D 14 -26.95 29.17 31.44
N ASP D 15 -27.01 27.90 31.84
CA ASP D 15 -25.96 27.27 32.63
C ASP D 15 -24.93 26.62 31.72
N TYR D 16 -24.06 27.44 31.14
CA TYR D 16 -23.04 26.97 30.21
C TYR D 16 -21.99 28.05 30.01
N ILE D 17 -20.83 27.64 29.47
CA ILE D 17 -19.77 28.55 29.04
C ILE D 17 -19.25 27.97 27.73
N VAL D 18 -19.45 28.70 26.64
CA VAL D 18 -19.01 28.29 25.32
C VAL D 18 -18.43 29.53 24.62
N LYS D 19 -17.64 29.31 23.57
CA LYS D 19 -17.05 30.45 22.87
C LYS D 19 -18.15 31.38 22.31
N ASP D 20 -19.15 30.81 21.66
CA ASP D 20 -20.13 31.63 20.95
C ASP D 20 -21.35 30.79 20.65
N ILE D 21 -22.45 31.07 21.36
CA ILE D 21 -23.70 30.33 21.20
C ILE D 21 -24.26 30.43 19.79
N ALA D 22 -23.88 31.46 19.02
CA ALA D 22 -24.41 31.61 17.67
C ALA D 22 -23.87 30.53 16.73
N LEU D 23 -22.90 29.74 17.16
CA LEU D 23 -22.40 28.62 16.38
C LEU D 23 -23.29 27.38 16.50
N ALA D 24 -24.34 27.42 17.32
CA ALA D 24 -25.17 26.24 17.54
C ALA D 24 -25.79 25.68 16.27
N ASP D 25 -26.26 26.53 15.35
CA ASP D 25 -26.91 25.99 14.15
C ASP D 25 -25.92 25.14 13.34
N PHE D 26 -24.69 25.65 13.17
CA PHE D 26 -23.64 24.93 12.44
C PHE D 26 -23.30 23.64 13.18
N GLY D 27 -23.31 23.68 14.52
CA GLY D 27 -23.05 22.49 15.31
C GLY D 27 -24.12 21.44 15.12
N ARG D 28 -25.37 21.86 15.12
CA ARG D 28 -26.44 20.91 14.95
C ARG D 28 -26.37 20.25 13.58
N LYS D 29 -26.04 21.03 12.53
CA LYS D 29 -25.93 20.44 11.20
C LYS D 29 -24.85 19.36 11.16
N GLU D 30 -23.69 19.63 11.75
CA GLU D 30 -22.64 18.61 11.69
C GLU D 30 -22.93 17.44 12.65
N ILE D 31 -23.60 17.71 13.78
CA ILE D 31 -24.05 16.61 14.65
C ILE D 31 -24.97 15.69 13.88
N SER D 32 -25.96 16.26 13.19
CA SER D 32 -26.90 15.44 12.44
C SER D 32 -26.16 14.54 11.44
N LEU D 33 -25.19 15.12 10.73
CA LEU D 33 -24.41 14.33 9.78
C LEU D 33 -23.62 13.25 10.50
N ALA D 34 -23.06 13.58 11.66
CA ALA D 34 -22.33 12.59 12.42
C ALA D 34 -23.23 11.44 12.85
N GLU D 35 -24.50 11.71 13.12
CA GLU D 35 -25.40 10.66 13.56
C GLU D 35 -25.44 9.53 12.53
N THR D 36 -25.49 9.89 11.24
CA THR D 36 -25.50 8.86 10.22
C THR D 36 -24.21 8.06 10.24
N GLU D 37 -23.13 8.68 10.67
CA GLU D 37 -21.82 8.04 10.69
C GLU D 37 -21.56 7.30 12.00
N MET D 38 -22.51 7.30 12.92
CA MET D 38 -22.31 6.70 14.25
C MET D 38 -23.42 5.69 14.52
N PRO D 39 -23.53 4.66 13.68
CA PRO D 39 -24.66 3.72 13.81
C PRO D 39 -24.71 3.02 15.15
N GLY D 40 -23.59 2.79 15.79
CA GLY D 40 -23.62 2.12 17.08
C GLY D 40 -24.34 2.95 18.13
N LEU D 41 -24.06 4.26 18.17
CA LEU D 41 -24.75 5.10 19.14
C LEU D 41 -26.23 5.23 18.80
N MET D 42 -26.54 5.39 17.52
CA MET D 42 -27.94 5.49 17.14
C MET D 42 -28.68 4.18 17.40
N ALA D 43 -28.06 3.02 17.12
CA ALA D 43 -28.76 1.78 17.41
C ALA D 43 -28.94 1.62 18.91
N THR D 44 -27.97 2.10 19.69
CA THR D 44 -28.08 2.02 21.14
C THR D 44 -29.27 2.83 21.62
N ARG D 45 -29.48 4.01 21.04
CA ARG D 45 -30.68 4.79 21.35
C ARG D 45 -31.94 3.98 21.11
N GLU D 46 -32.01 3.34 19.94
CA GLU D 46 -33.23 2.60 19.59
C GLU D 46 -33.45 1.44 20.54
N GLU D 47 -32.39 0.72 20.89
CA GLU D 47 -32.57 -0.46 21.71
C GLU D 47 -33.00 -0.10 23.13
N TYR D 48 -32.29 0.87 23.76
CA TYR D 48 -32.49 1.16 25.16
C TYR D 48 -33.43 2.34 25.43
N GLY D 49 -33.75 3.13 24.40
CA GLY D 49 -34.66 4.25 24.54
C GLY D 49 -35.91 3.92 25.33
N PRO D 50 -36.61 2.85 24.94
CA PRO D 50 -37.83 2.48 25.67
C PRO D 50 -37.61 2.14 27.13
N LYS D 51 -36.48 1.57 27.51
CA LYS D 51 -36.32 1.16 28.89
C LYS D 51 -35.74 2.27 29.75
N GLN D 52 -35.23 3.34 29.15
CA GLN D 52 -34.68 4.48 29.89
C GLN D 52 -33.76 4.02 31.03
N PRO D 53 -32.73 3.21 30.74
CA PRO D 53 -31.93 2.65 31.84
C PRO D 53 -31.12 3.67 32.60
N LEU D 54 -30.85 4.84 32.01
CA LEU D 54 -30.15 5.89 32.71
C LEU D 54 -31.08 6.95 33.30
N LYS D 55 -32.39 6.70 33.33
CA LYS D 55 -33.26 7.61 34.07
C LYS D 55 -32.88 7.58 35.54
N GLY D 56 -32.61 8.77 36.12
CA GLY D 56 -32.05 8.88 37.46
C GLY D 56 -30.54 9.07 37.51
N ALA D 57 -29.84 8.77 36.41
CA ALA D 57 -28.40 9.06 36.33
C ALA D 57 -28.13 10.55 36.21
N ARG D 58 -27.09 10.99 36.89
CA ARG D 58 -26.60 12.36 36.86
C ARG D 58 -25.11 12.27 36.49
N ILE D 59 -24.85 12.38 35.19
CA ILE D 59 -23.55 12.06 34.64
C ILE D 59 -22.72 13.33 34.54
N ALA D 60 -21.60 13.36 35.25
CA ALA D 60 -20.55 14.35 35.00
C ALA D 60 -19.59 13.79 33.96
N GLY D 61 -19.50 14.45 32.80
CA GLY D 61 -18.66 13.98 31.70
C GLY D 61 -17.48 14.90 31.46
N SER D 62 -16.29 14.32 31.30
CA SER D 62 -15.09 15.09 31.01
C SER D 62 -14.41 14.41 29.81
N LEU D 63 -14.66 14.94 28.62
CA LEU D 63 -14.13 14.31 27.41
C LEU D 63 -14.21 15.33 26.29
N HIS D 64 -13.13 15.42 25.51
CA HIS D 64 -13.06 16.29 24.32
C HIS D 64 -14.44 16.65 23.78
N MET D 65 -14.79 17.94 23.83
CA MET D 65 -16.11 18.42 23.45
C MET D 65 -16.16 18.64 21.93
N THR D 66 -16.14 17.52 21.22
CA THR D 66 -16.25 17.48 19.77
C THR D 66 -17.67 17.16 19.34
N ILE D 67 -17.85 17.23 18.02
CA ILE D 67 -19.07 16.77 17.36
C ILE D 67 -19.35 15.31 17.68
N GLN D 68 -18.32 14.49 17.70
CA GLN D 68 -18.53 13.09 18.03
C GLN D 68 -19.01 12.94 19.48
N THR D 69 -18.37 13.65 20.39
CA THR D 69 -18.81 13.59 21.78
C THR D 69 -20.22 14.13 21.93
N ALA D 70 -20.62 15.10 21.11
CA ALA D 70 -22.00 15.55 21.17
C ALA D 70 -22.97 14.41 20.91
N VAL D 71 -22.68 13.53 19.95
CA VAL D 71 -23.59 12.44 19.68
C VAL D 71 -23.65 11.49 20.89
N LEU D 72 -22.51 11.26 21.55
CA LEU D 72 -22.48 10.50 22.79
C LEU D 72 -23.36 11.15 23.85
N ILE D 73 -23.13 12.44 24.13
CA ILE D 73 -23.93 13.17 25.13
C ILE D 73 -25.43 12.99 24.90
N GLU D 74 -25.87 13.23 23.67
CA GLU D 74 -27.29 13.15 23.35
C GLU D 74 -27.81 11.69 23.38
N THR D 75 -26.92 10.70 23.14
CA THR D 75 -27.30 9.31 23.34
C THR D 75 -27.59 9.04 24.81
N LEU D 76 -26.69 9.50 25.68
CA LEU D 76 -26.90 9.33 27.11
C LEU D 76 -28.20 10.00 27.53
N ALA D 77 -28.44 11.21 27.03
CA ALA D 77 -29.70 11.90 27.35
C ALA D 77 -30.89 11.13 26.82
N ALA D 78 -30.77 10.60 25.60
CA ALA D 78 -31.86 9.85 25.00
C ALA D 78 -32.25 8.67 25.86
N LEU D 79 -31.32 8.20 26.67
CA LEU D 79 -31.53 7.06 27.55
C LEU D 79 -31.97 7.47 28.95
N GLY D 80 -32.22 8.75 29.17
CA GLY D 80 -32.74 9.24 30.43
C GLY D 80 -31.75 10.02 31.27
N ALA D 81 -30.47 10.14 30.87
CA ALA D 81 -29.51 10.73 31.79
C ALA D 81 -29.64 12.24 31.89
N ASP D 82 -29.38 12.74 33.09
CA ASP D 82 -29.13 14.14 33.38
C ASP D 82 -27.62 14.35 33.34
N ILE D 83 -27.15 15.48 32.78
CA ILE D 83 -25.76 15.58 32.32
C ILE D 83 -25.22 16.99 32.54
N ARG D 84 -23.95 17.07 32.96
CA ARG D 84 -23.09 18.25 32.84
C ARG D 84 -21.80 17.79 32.16
N TRP D 85 -21.20 18.67 31.35
CA TRP D 85 -20.08 18.22 30.52
C TRP D 85 -18.97 19.26 30.47
N VAL D 86 -17.73 18.78 30.38
CA VAL D 86 -16.59 19.64 30.08
C VAL D 86 -15.69 18.91 29.07
N SER D 87 -14.81 19.66 28.41
CA SER D 87 -13.78 18.97 27.65
C SER D 87 -12.70 18.48 28.59
N CYS D 88 -11.95 17.45 28.15
CA CYS D 88 -10.77 16.97 28.88
C CYS D 88 -9.47 17.52 28.33
N ASN D 89 -9.51 18.50 27.43
CA ASN D 89 -8.29 19.11 26.91
C ASN D 89 -8.63 20.54 26.46
N ILE D 90 -7.69 21.47 26.65
CA ILE D 90 -7.92 22.89 26.38
C ILE D 90 -8.09 23.20 24.90
N TYR D 91 -7.54 22.40 24.00
CA TYR D 91 -7.56 22.74 22.59
C TYR D 91 -8.50 21.88 21.77
N SER D 92 -9.07 20.83 22.34
CA SER D 92 -9.77 19.87 21.52
C SER D 92 -11.22 20.22 21.27
N THR D 93 -11.80 21.10 22.09
CA THR D 93 -13.18 21.49 21.87
C THR D 93 -13.39 21.99 20.45
N GLN D 94 -14.51 21.59 19.88
CA GLN D 94 -15.03 22.17 18.64
C GLN D 94 -16.14 23.11 19.07
N ASP D 95 -15.93 24.41 18.86
CA ASP D 95 -16.83 25.37 19.49
C ASP D 95 -18.26 25.21 18.99
N HIS D 96 -18.46 24.82 17.73
CA HIS D 96 -19.84 24.67 17.31
C HIS D 96 -20.52 23.47 17.99
N ALA D 97 -19.76 22.39 18.26
CA ALA D 97 -20.30 21.27 19.04
C ALA D 97 -20.73 21.72 20.43
N ALA D 98 -19.87 22.46 21.14
CA ALA D 98 -20.22 22.98 22.47
C ALA D 98 -21.49 23.86 22.42
N ALA D 99 -21.61 24.72 21.40
CA ALA D 99 -22.77 25.61 21.37
C ALA D 99 -24.03 24.83 21.11
N ALA D 100 -23.96 23.80 20.28
CA ALA D 100 -25.15 23.01 20.04
C ALA D 100 -25.61 22.30 21.30
N ILE D 101 -24.68 21.75 22.06
CA ILE D 101 -25.07 21.08 23.32
C ILE D 101 -25.69 22.09 24.28
N ALA D 102 -25.06 23.25 24.42
CA ALA D 102 -25.62 24.31 25.26
C ALA D 102 -27.03 24.69 24.79
N ALA D 103 -27.22 24.79 23.48
CA ALA D 103 -28.54 25.19 22.98
C ALA D 103 -29.59 24.10 23.21
N ALA D 104 -29.17 22.85 23.34
CA ALA D 104 -30.06 21.75 23.67
C ALA D 104 -30.38 21.70 25.16
N GLY D 105 -29.89 22.65 25.95
CA GLY D 105 -30.24 22.73 27.35
C GLY D 105 -29.42 21.83 28.23
N ILE D 106 -28.21 21.47 27.81
CA ILE D 106 -27.32 20.65 28.61
C ILE D 106 -26.14 21.50 29.10
N PRO D 107 -25.91 21.59 30.41
CA PRO D 107 -24.75 22.37 30.88
C PRO D 107 -23.44 21.84 30.32
N VAL D 108 -22.67 22.75 29.73
CA VAL D 108 -21.36 22.40 29.15
C VAL D 108 -20.41 23.57 29.36
N PHE D 109 -19.18 23.29 29.79
CA PHE D 109 -18.20 24.36 30.02
C PHE D 109 -16.95 23.96 29.26
N ALA D 110 -16.85 24.45 28.02
CA ALA D 110 -15.84 24.00 27.07
C ALA D 110 -15.66 25.06 25.99
N VAL D 111 -14.43 25.56 25.85
CA VAL D 111 -14.04 26.56 24.87
C VAL D 111 -12.70 26.14 24.26
N LYS D 112 -12.60 26.14 22.92
CA LYS D 112 -11.31 25.89 22.27
C LYS D 112 -10.35 27.02 22.65
N GLY D 113 -9.24 26.66 23.28
CA GLY D 113 -8.26 27.59 23.77
C GLY D 113 -8.49 28.15 25.15
N GLU D 114 -9.36 27.58 25.95
CA GLU D 114 -9.44 27.98 27.35
C GLU D 114 -8.06 27.81 28.01
N THR D 115 -7.82 28.57 29.06
CA THR D 115 -6.58 28.46 29.79
C THR D 115 -6.59 27.20 30.66
N LEU D 116 -5.41 26.81 31.15
CA LEU D 116 -5.37 25.71 32.10
C LEU D 116 -6.12 26.04 33.39
N THR D 117 -6.09 27.29 33.82
CA THR D 117 -6.85 27.69 35.01
C THR D 117 -8.33 27.57 34.77
N GLU D 118 -8.78 27.99 33.59
CA GLU D 118 -10.18 27.86 33.24
C GLU D 118 -10.58 26.40 33.19
N TYR D 119 -9.73 25.59 32.55
CA TYR D 119 -9.99 24.17 32.38
C TYR D 119 -10.35 23.53 33.71
N TRP D 120 -9.54 23.77 34.73
CA TRP D 120 -9.76 23.17 36.04
C TRP D 120 -10.97 23.77 36.74
N ASP D 121 -11.19 25.08 36.62
CA ASP D 121 -12.42 25.65 37.19
C ASP D 121 -13.65 25.07 36.52
N TYR D 122 -13.59 24.80 35.22
CA TYR D 122 -14.73 24.15 34.57
C TYR D 122 -14.94 22.74 35.09
N THR D 123 -13.85 21.98 35.26
CA THR D 123 -13.97 20.62 35.81
C THR D 123 -14.73 20.63 37.13
N ALA D 124 -14.43 21.59 38.00
CA ALA D 124 -15.12 21.66 39.27
C ALA D 124 -16.60 21.98 39.09
N LYS D 125 -16.97 22.71 38.03
CA LYS D 125 -18.38 22.99 37.82
C LYS D 125 -19.20 21.73 37.54
N LEU D 126 -18.56 20.63 37.12
CA LEU D 126 -19.28 19.38 36.94
C LEU D 126 -20.00 18.96 38.21
N PHE D 127 -19.43 19.30 39.37
CA PHE D 127 -19.92 18.74 40.62
C PHE D 127 -20.93 19.63 41.32
N ASP D 128 -21.14 20.84 40.76
CA ASP D 128 -22.15 21.80 41.19
CA ASP D 128 -22.16 21.77 41.25
C ASP D 128 -23.44 21.50 40.46
N TRP D 129 -24.14 20.43 40.85
CA TRP D 129 -25.26 19.99 40.01
C TRP D 129 -26.37 21.05 39.94
N HIS D 130 -26.95 21.19 38.76
CA HIS D 130 -28.01 22.16 38.56
C HIS D 130 -29.24 21.75 39.36
N GLY D 131 -29.72 22.64 40.19
CA GLY D 131 -30.86 22.35 41.04
C GLY D 131 -30.50 21.86 42.42
N GLY D 132 -29.21 21.76 42.75
CA GLY D 132 -28.66 21.28 44.01
C GLY D 132 -28.04 19.89 43.88
N GLY D 133 -27.11 19.60 44.78
CA GLY D 133 -26.57 18.24 44.90
C GLY D 133 -25.36 18.01 44.01
N THR D 134 -25.05 16.74 43.77
CA THR D 134 -23.84 16.32 43.07
C THR D 134 -24.16 15.24 42.03
N PRO D 135 -23.19 14.86 41.19
CA PRO D 135 -23.43 13.79 40.20
C PRO D 135 -23.50 12.44 40.91
N ASN D 136 -24.03 11.43 40.20
CA ASN D 136 -23.91 10.06 40.70
C ASN D 136 -23.23 9.12 39.69
N MET D 137 -22.67 9.67 38.60
CA MET D 137 -21.89 8.90 37.62
C MET D 137 -20.80 9.84 37.09
N ILE D 138 -19.65 9.28 36.70
CA ILE D 138 -18.60 10.02 36.00
C ILE D 138 -18.27 9.30 34.70
N LEU D 139 -18.14 10.06 33.63
CA LEU D 139 -17.62 9.52 32.37
C LEU D 139 -16.35 10.31 32.12
N ASP D 140 -15.20 9.64 32.18
CA ASP D 140 -13.90 10.31 32.27
C ASP D 140 -13.00 9.91 31.10
N ASP D 141 -12.26 10.87 30.57
CA ASP D 141 -11.27 10.60 29.55
C ASP D 141 -9.99 11.26 30.05
N GLY D 142 -9.11 10.45 30.61
CA GLY D 142 -7.88 10.91 31.23
C GLY D 142 -7.93 11.00 32.74
N GLY D 143 -9.09 10.77 33.34
CA GLY D 143 -9.14 10.67 34.78
C GLY D 143 -9.10 11.98 35.53
N ASP D 144 -9.26 13.12 34.85
CA ASP D 144 -9.16 14.39 35.55
C ASP D 144 -10.33 14.62 36.53
N ALA D 145 -11.56 14.29 36.13
CA ALA D 145 -12.68 14.49 37.05
C ALA D 145 -12.57 13.56 38.25
N THR D 146 -12.19 12.31 37.97
CA THR D 146 -11.94 11.29 38.99
C THR D 146 -10.86 11.73 39.96
N MET D 147 -9.81 12.38 39.43
CA MET D 147 -8.73 12.83 40.30
C MET D 147 -9.16 13.97 41.20
N LEU D 148 -9.96 14.92 40.68
CA LEU D 148 -10.50 15.96 41.56
C LEU D 148 -11.20 15.37 42.76
N VAL D 149 -12.06 14.39 42.53
CA VAL D 149 -12.79 13.80 43.66
C VAL D 149 -11.82 13.15 44.65
N HIS D 150 -10.93 12.30 44.15
CA HIS D 150 -10.02 11.54 45.01
C HIS D 150 -9.04 12.46 45.74
N ALA D 151 -8.45 13.43 45.04
CA ALA D 151 -7.53 14.34 45.70
C ALA D 151 -8.24 15.18 46.78
N GLY D 152 -9.42 15.70 46.47
CA GLY D 152 -10.14 16.49 47.46
C GLY D 152 -10.60 15.65 48.64
N TYR D 153 -11.02 14.42 48.39
CA TYR D 153 -11.38 13.52 49.47
C TYR D 153 -10.17 13.28 50.37
N ARG D 154 -9.04 12.95 49.74
CA ARG D 154 -7.83 12.69 50.48
C ARG D 154 -7.49 13.84 51.41
N ALA D 155 -7.57 15.06 50.90
CA ALA D 155 -7.17 16.24 51.66
C ALA D 155 -8.21 16.56 52.73
N GLU D 156 -9.50 16.40 52.39
CA GLU D 156 -10.58 16.71 53.31
C GLU D 156 -10.51 15.81 54.53
N GLN D 157 -10.01 14.59 54.37
CA GLN D 157 -9.83 13.70 55.48
C GLN D 157 -8.68 14.10 56.39
N GLY D 158 -7.85 15.06 55.97
CA GLY D 158 -6.76 15.58 56.80
C GLY D 158 -5.36 15.41 56.23
N ASP D 159 -5.16 14.67 55.16
CA ASP D 159 -3.86 14.50 54.54
C ASP D 159 -3.73 15.59 53.48
N THR D 160 -3.21 16.75 53.88
CA THR D 160 -3.12 17.89 52.97
C THR D 160 -1.70 18.18 52.50
N ALA D 161 -0.71 17.43 52.99
CA ALA D 161 0.68 17.75 52.70
C ALA D 161 0.97 17.75 51.21
N PHE D 162 0.41 16.80 50.47
CA PHE D 162 0.73 16.67 49.05
C PHE D 162 0.36 17.91 48.24
N LEU D 163 -0.63 18.67 48.69
CA LEU D 163 -1.08 19.87 47.99
C LEU D 163 -0.05 20.98 48.01
N ASP D 164 0.88 20.96 48.96
CA ASP D 164 1.82 22.06 49.11
C ASP D 164 2.98 22.00 48.14
N LYS D 165 3.22 20.85 47.51
CA LYS D 165 4.40 20.65 46.68
C LYS D 165 4.00 20.13 45.29
N PRO D 166 3.43 21.00 44.46
CA PRO D 166 3.09 20.60 43.08
C PRO D 166 4.31 20.29 42.23
N GLY D 167 4.15 19.30 41.34
CA GLY D 167 5.25 18.86 40.49
C GLY D 167 5.35 19.52 39.13
N SER D 168 4.31 20.21 38.69
CA SER D 168 4.36 20.88 37.40
C SER D 168 3.49 22.11 37.43
N GLU D 169 3.57 22.92 36.38
CA GLU D 169 2.68 24.06 36.22
C GLU D 169 1.21 23.65 36.29
N GLU D 170 0.82 22.58 35.58
CA GLU D 170 -0.58 22.20 35.63
C GLU D 170 -0.96 21.66 37.00
N GLU D 171 -0.06 20.91 37.63
CA GLU D 171 -0.36 20.40 38.96
C GLU D 171 -0.48 21.54 39.96
N GLU D 172 0.29 22.60 39.78
CA GLU D 172 0.13 23.77 40.63
C GLU D 172 -1.29 24.33 40.57
N ILE D 173 -1.84 24.41 39.37
CA ILE D 173 -3.20 24.95 39.23
C ILE D 173 -4.20 23.98 39.83
N PHE D 174 -3.97 22.68 39.63
CA PHE D 174 -4.92 21.69 40.11
C PHE D 174 -4.97 21.70 41.63
N TYR D 175 -3.81 21.64 42.27
CA TYR D 175 -3.76 21.68 43.73
C TYR D 175 -4.36 22.97 44.27
N ALA D 176 -4.11 24.10 43.59
CA ALA D 176 -4.72 25.35 44.02
C ALA D 176 -6.24 25.25 43.97
N LEU D 177 -6.77 24.59 42.93
CA LEU D 177 -8.21 24.35 42.86
C LEU D 177 -8.70 23.56 44.07
N VAL D 178 -8.01 22.48 44.40
CA VAL D 178 -8.46 21.64 45.51
C VAL D 178 -8.48 22.46 46.80
N LYS D 179 -7.43 23.26 47.04
CA LYS D 179 -7.41 24.13 48.21
C LYS D 179 -8.60 25.09 48.22
N ARG D 180 -8.87 25.74 47.09
CA ARG D 180 -9.96 26.70 47.02
C ARG D 180 -11.28 26.03 47.35
N LEU D 181 -11.55 24.88 46.72
CA LEU D 181 -12.77 24.14 46.99
C LEU D 181 -12.90 23.78 48.46
N LEU D 182 -11.80 23.34 49.08
CA LEU D 182 -11.83 23.02 50.51
C LEU D 182 -12.18 24.26 51.35
N LYS D 183 -11.68 25.44 50.95
CA LYS D 183 -12.02 26.69 51.63
C LYS D 183 -13.49 27.06 51.41
N GLU D 184 -13.98 26.93 50.20
CA GLU D 184 -15.24 27.56 49.81
C GLU D 184 -16.46 26.66 50.00
N LYS D 185 -16.32 25.37 49.80
CA LYS D 185 -17.45 24.45 49.85
C LYS D 185 -17.78 24.07 51.28
N PRO D 186 -19.00 23.56 51.52
CA PRO D 186 -19.36 23.13 52.87
C PRO D 186 -18.43 22.03 53.34
N LYS D 187 -18.17 22.00 54.64
CA LYS D 187 -17.35 20.93 55.20
C LYS D 187 -17.94 19.56 54.86
N GLY D 188 -17.09 18.69 54.35
CA GLY D 188 -17.52 17.37 53.92
C GLY D 188 -17.95 17.26 52.47
N TRP D 189 -17.76 18.31 51.66
CA TRP D 189 -18.26 18.31 50.28
C TRP D 189 -17.68 17.14 49.47
N PHE D 190 -16.38 16.87 49.61
CA PHE D 190 -15.78 15.80 48.82
C PHE D 190 -16.27 14.42 49.25
N ALA D 191 -16.48 14.21 50.55
CA ALA D 191 -17.04 12.93 50.99
C ALA D 191 -18.47 12.76 50.46
N GLU D 192 -19.23 13.85 50.38
CA GLU D 192 -20.56 13.78 49.81
C GLU D 192 -20.51 13.34 48.35
N ILE D 193 -19.64 13.98 47.56
CA ILE D 193 -19.47 13.58 46.17
C ILE D 193 -19.10 12.10 46.07
N ALA D 194 -18.06 11.70 46.78
CA ALA D 194 -17.54 10.33 46.64
C ALA D 194 -18.58 9.29 46.99
N LYS D 195 -19.35 9.52 48.05
CA LYS D 195 -20.41 8.56 48.38
C LYS D 195 -21.54 8.52 47.36
N ASN D 196 -21.76 9.61 46.62
CA ASN D 196 -22.86 9.63 45.67
C ASN D 196 -22.51 9.01 44.31
N ILE D 197 -21.21 8.92 43.97
CA ILE D 197 -20.83 8.42 42.66
C ILE D 197 -21.02 6.92 42.64
N LYS D 198 -21.89 6.44 41.76
CA LYS D 198 -22.11 5.01 41.64
C LYS D 198 -21.00 4.33 40.83
N GLY D 199 -20.25 5.08 40.04
CA GLY D 199 -19.24 4.46 39.20
C GLY D 199 -18.62 5.47 38.24
N VAL D 200 -17.53 5.06 37.59
CA VAL D 200 -16.86 5.92 36.62
C VAL D 200 -16.26 5.10 35.46
N SER D 201 -16.66 5.41 34.23
CA SER D 201 -16.13 4.70 33.08
C SER D 201 -15.03 5.56 32.45
N GLU D 202 -13.86 4.95 32.22
CA GLU D 202 -12.65 5.68 31.90
C GLU D 202 -12.16 5.28 30.52
N GLU D 203 -11.88 6.30 29.71
CA GLU D 203 -11.68 6.12 28.27
C GLU D 203 -10.25 5.76 27.90
N THR D 204 -9.24 6.18 28.68
CA THR D 204 -7.93 6.47 28.11
C THR D 204 -6.82 5.91 28.99
N THR D 205 -5.66 5.60 28.38
CA THR D 205 -4.61 4.88 29.10
C THR D 205 -4.14 5.61 30.34
N THR D 206 -4.04 6.94 30.29
CA THR D 206 -3.53 7.69 31.43
C THR D 206 -4.51 7.63 32.61
N GLY D 207 -5.79 7.57 32.35
CA GLY D 207 -6.74 7.51 33.46
C GLY D 207 -6.83 6.11 34.03
N VAL D 208 -6.76 5.12 33.13
CA VAL D 208 -6.76 3.72 33.55
C VAL D 208 -5.58 3.44 34.47
N HIS D 209 -4.40 3.94 34.09
CA HIS D 209 -3.25 3.88 34.97
C HIS D 209 -3.55 4.43 36.36
N ARG D 210 -4.14 5.64 36.43
CA ARG D 210 -4.50 6.22 37.73
C ARG D 210 -5.48 5.33 38.49
N LEU D 211 -6.44 4.73 37.79
CA LEU D 211 -7.38 3.85 38.47
C LEU D 211 -6.68 2.64 39.07
N TYR D 212 -5.82 1.99 38.29
CA TYR D 212 -5.17 0.78 38.80
C TYR D 212 -4.27 1.13 39.97
N GLU D 213 -3.63 2.29 39.93
CA GLU D 213 -2.84 2.71 41.08
C GLU D 213 -3.70 2.88 42.33
N MET D 214 -4.81 3.61 42.20
CA MET D 214 -5.70 3.82 43.34
C MET D 214 -6.29 2.50 43.81
N ALA D 215 -6.71 1.66 42.85
CA ALA D 215 -7.29 0.37 43.23
C ALA D 215 -6.29 -0.45 44.02
N ASN D 216 -5.01 -0.34 43.68
CA ASN D 216 -4.02 -1.18 44.36
C ASN D 216 -3.58 -0.63 45.70
N LYS D 217 -3.80 0.64 45.98
CA LYS D 217 -3.54 1.15 47.32
C LYS D 217 -4.79 1.17 48.19
N GLY D 218 -5.92 0.69 47.70
CA GLY D 218 -7.14 0.69 48.47
C GLY D 218 -7.81 2.03 48.60
N THR D 219 -7.46 3.00 47.75
CA THR D 219 -8.03 4.33 47.81
C THR D 219 -9.07 4.63 46.75
N LEU D 220 -9.27 3.75 45.77
CA LEU D 220 -10.35 3.95 44.80
C LEU D 220 -11.69 4.02 45.52
N LEU D 221 -12.49 5.04 45.22
CA LEU D 221 -13.67 5.34 46.02
C LEU D 221 -14.97 4.79 45.46
N PHE D 222 -14.97 4.30 44.23
CA PHE D 222 -16.20 3.79 43.60
C PHE D 222 -15.77 2.86 42.48
N PRO D 223 -16.71 2.06 41.97
CA PRO D 223 -16.35 1.11 40.92
C PRO D 223 -15.96 1.83 39.65
N ALA D 224 -15.06 1.20 38.89
CA ALA D 224 -14.60 1.74 37.61
C ALA D 224 -14.65 0.67 36.53
N ILE D 225 -15.06 1.09 35.32
CA ILE D 225 -14.97 0.26 34.13
C ILE D 225 -13.94 0.88 33.18
N ASN D 226 -12.97 0.05 32.81
CA ASN D 226 -11.88 0.38 31.90
C ASN D 226 -12.40 0.17 30.49
N VAL D 227 -12.85 1.27 29.85
CA VAL D 227 -13.33 1.20 28.48
C VAL D 227 -12.15 1.15 27.49
N ASN D 228 -11.01 1.73 27.88
CA ASN D 228 -9.82 1.71 27.06
C ASN D 228 -9.46 0.32 26.59
N ASP D 229 -9.58 -0.69 27.47
CA ASP D 229 -9.16 -2.02 27.10
C ASP D 229 -10.27 -2.87 26.50
N SER D 230 -11.45 -2.29 26.20
CA SER D 230 -12.35 -2.98 25.30
C SER D 230 -11.61 -3.20 23.99
N VAL D 231 -11.84 -4.36 23.35
CA VAL D 231 -11.22 -4.66 22.05
C VAL D 231 -11.64 -3.64 20.99
N THR D 232 -12.94 -3.36 20.94
CA THR D 232 -13.51 -2.43 19.96
C THR D 232 -13.27 -0.97 20.36
N LYS D 233 -12.40 -0.74 21.33
CA LYS D 233 -11.81 0.55 21.55
C LYS D 233 -10.32 0.46 21.23
N SER D 234 -9.58 -0.33 22.01
CA SER D 234 -8.13 -0.28 21.91
C SER D 234 -7.58 -0.84 20.60
N LYS D 235 -8.36 -1.64 19.85
CA LYS D 235 -7.86 -2.10 18.55
C LYS D 235 -8.45 -1.32 17.39
N PHE D 236 -9.21 -0.26 17.65
CA PHE D 236 -9.83 0.50 16.57
C PHE D 236 -9.56 1.99 16.71
N ASP D 237 -9.88 2.52 17.90
CA ASP D 237 -9.86 3.96 18.16
C ASP D 237 -8.58 4.62 17.68
N ASN D 238 -7.46 4.29 18.28
CA ASN D 238 -6.27 4.99 17.82
C ASN D 238 -5.59 4.33 16.65
N LEU D 239 -5.70 3.02 16.51
CA LEU D 239 -5.13 2.37 15.33
C LEU D 239 -5.66 2.99 14.04
N TYR D 240 -6.97 2.95 13.85
CA TYR D 240 -7.59 3.50 12.66
C TYR D 240 -7.85 4.99 12.77
N GLY D 241 -8.15 5.48 13.97
CA GLY D 241 -8.40 6.92 14.15
C GLY D 241 -7.18 7.76 13.81
N CYS D 242 -6.02 7.38 14.35
CA CYS D 242 -4.80 8.13 14.08
C CYS D 242 -4.38 8.00 12.62
N ARG D 243 -4.59 6.82 12.03
CA ARG D 243 -4.34 6.64 10.61
C ARG D 243 -5.08 7.71 9.80
N GLU D 244 -6.30 8.04 10.21
CA GLU D 244 -7.03 9.06 9.47
C GLU D 244 -6.73 10.47 9.96
N SER D 245 -6.57 10.69 11.26
CA SER D 245 -6.57 12.06 11.73
C SER D 245 -5.19 12.66 11.92
N LEU D 246 -4.13 11.85 11.99
CA LEU D 246 -2.81 12.46 12.18
C LEU D 246 -2.41 13.28 10.94
N VAL D 247 -2.45 12.68 9.76
CA VAL D 247 -2.06 13.46 8.58
C VAL D 247 -3.04 14.62 8.33
N ASP D 248 -4.32 14.44 8.65
CA ASP D 248 -5.29 15.52 8.54
C ASP D 248 -4.83 16.74 9.35
N GLY D 249 -4.46 16.53 10.61
CA GLY D 249 -3.88 17.62 11.40
C GLY D 249 -2.70 18.29 10.72
N ILE D 250 -1.73 17.49 10.27
CA ILE D 250 -0.53 18.04 9.66
C ILE D 250 -0.87 18.80 8.38
N ARG D 251 -1.76 18.28 7.54
CA ARG D 251 -2.13 19.00 6.32
C ARG D 251 -2.80 20.32 6.65
N ARG D 252 -3.75 20.32 7.58
CA ARG D 252 -4.42 21.57 7.85
C ARG D 252 -3.45 22.58 8.45
N GLY D 253 -2.48 22.10 9.23
CA GLY D 253 -1.54 23.00 9.87
C GLY D 253 -0.55 23.63 8.92
N THR D 254 -0.12 22.87 7.89
CA THR D 254 1.05 23.25 7.10
C THR D 254 0.86 23.22 5.59
N ASP D 255 -0.09 22.46 5.05
CA ASP D 255 -0.33 22.28 3.62
C ASP D 255 0.92 21.82 2.87
N VAL D 256 1.77 21.07 3.53
CA VAL D 256 2.99 20.63 2.91
C VAL D 256 2.73 19.40 2.03
N MET D 257 3.56 19.22 1.02
CA MET D 257 3.57 17.98 0.24
CA MET D 257 3.54 17.98 0.26
C MET D 257 4.18 16.85 1.08
N LEU D 258 3.44 15.77 1.26
CA LEU D 258 3.95 14.66 2.05
C LEU D 258 4.78 13.67 1.23
N SER D 259 4.46 13.46 -0.04
CA SER D 259 5.30 12.63 -0.89
C SER D 259 6.67 13.28 -1.06
N GLY D 260 7.73 12.50 -0.89
CA GLY D 260 9.06 13.03 -0.94
C GLY D 260 9.65 13.44 0.40
N LYS D 261 8.84 13.45 1.46
CA LYS D 261 9.31 13.80 2.79
C LYS D 261 9.58 12.57 3.65
N VAL D 262 10.47 12.76 4.61
CA VAL D 262 10.82 11.75 5.61
C VAL D 262 10.16 12.15 6.92
N ALA D 263 9.48 11.21 7.57
CA ALA D 263 8.79 11.48 8.83
C ALA D 263 9.36 10.54 9.89
N MET D 264 9.44 11.04 11.13
CA MET D 264 9.85 10.28 12.30
C MET D 264 8.69 10.19 13.29
N VAL D 265 8.31 8.97 13.66
CA VAL D 265 7.30 8.71 14.69
C VAL D 265 7.97 8.04 15.89
N ALA D 266 7.91 8.69 17.05
CA ALA D 266 8.44 8.11 18.27
C ALA D 266 7.35 7.29 18.95
N GLY D 267 7.62 5.99 19.11
CA GLY D 267 6.65 5.10 19.71
C GLY D 267 5.89 4.28 18.68
N PHE D 268 5.61 3.02 19.00
CA PHE D 268 4.92 2.11 18.08
C PHE D 268 3.94 1.22 18.86
N GLY D 269 3.26 1.83 19.83
CA GLY D 269 2.00 1.34 20.35
C GLY D 269 0.87 1.62 19.40
N ASP D 270 -0.35 1.59 19.90
N ASP D 270 -0.36 1.56 19.92
CA ASP D 270 -1.45 1.72 18.95
CA ASP D 270 -1.53 1.77 19.07
C ASP D 270 -1.55 3.13 18.37
C ASP D 270 -1.46 3.12 18.37
N VAL D 271 -1.11 4.17 19.10
CA VAL D 271 -1.07 5.52 18.54
C VAL D 271 0.04 5.64 17.48
N GLY D 272 1.25 5.22 17.82
CA GLY D 272 2.36 5.26 16.87
C GLY D 272 2.09 4.40 15.64
N LYS D 273 1.45 3.24 15.82
CA LYS D 273 1.12 2.36 14.71
C LYS D 273 0.20 3.08 13.74
N GLY D 274 -0.88 3.66 14.26
CA GLY D 274 -1.81 4.39 13.42
C GLY D 274 -1.17 5.63 12.84
N SER D 275 -0.31 6.27 13.60
CA SER D 275 0.33 7.48 13.12
C SER D 275 1.35 7.17 12.02
N ALA D 276 2.17 6.13 12.20
CA ALA D 276 3.11 5.80 11.12
C ALA D 276 2.37 5.42 9.86
N ALA D 277 1.29 4.65 9.98
CA ALA D 277 0.49 4.30 8.81
C ALA D 277 -0.11 5.54 8.15
N SER D 278 -0.58 6.49 8.94
CA SER D 278 -1.14 7.71 8.35
C SER D 278 -0.12 8.39 7.44
N LEU D 279 1.10 8.52 7.93
CA LEU D 279 2.14 9.23 7.19
C LEU D 279 2.62 8.42 6.00
N ARG D 280 2.77 7.11 6.16
CA ARG D 280 3.21 6.30 5.03
CA ARG D 280 3.19 6.27 5.04
C ARG D 280 2.14 6.24 3.95
N GLN D 281 0.88 6.06 4.34
CA GLN D 281 -0.21 6.05 3.36
C GLN D 281 -0.27 7.36 2.57
N ALA D 282 0.11 8.47 3.19
CA ALA D 282 0.12 9.78 2.56
C ALA D 282 1.36 10.04 1.72
N GLY D 283 2.35 9.16 1.77
CA GLY D 283 3.50 9.19 0.88
C GLY D 283 4.84 9.47 1.54
N CYS D 284 4.88 9.70 2.85
CA CYS D 284 6.16 9.84 3.52
C CYS D 284 6.93 8.54 3.59
N ARG D 285 8.22 8.66 3.68
CA ARG D 285 9.11 7.57 4.06
CA ARG D 285 9.09 7.56 4.07
C ARG D 285 9.28 7.68 5.58
N VAL D 286 8.76 6.70 6.31
CA VAL D 286 8.53 6.82 7.75
C VAL D 286 9.56 6.03 8.55
N MET D 287 10.20 6.69 9.48
CA MET D 287 11.06 6.06 10.46
C MET D 287 10.36 6.06 11.83
N VAL D 288 10.82 5.18 12.71
CA VAL D 288 10.14 4.95 13.99
C VAL D 288 11.19 4.76 15.09
N SER D 289 10.90 5.22 16.31
CA SER D 289 11.74 4.86 17.44
C SER D 289 10.93 4.03 18.44
N GLU D 290 11.63 3.19 19.21
CA GLU D 290 10.91 2.39 20.21
C GLU D 290 11.89 1.99 21.30
N VAL D 291 11.37 1.78 22.50
CA VAL D 291 12.18 1.20 23.58
C VAL D 291 11.84 -0.26 23.77
N ASP D 292 10.67 -0.68 23.32
CA ASP D 292 10.19 -2.03 23.51
C ASP D 292 10.66 -2.89 22.34
N PRO D 293 11.45 -3.95 22.58
CA PRO D 293 11.99 -4.73 21.43
C PRO D 293 10.92 -5.42 20.60
N ILE D 294 9.80 -5.84 21.20
CA ILE D 294 8.70 -6.42 20.43
C ILE D 294 8.05 -5.37 19.54
N CYS D 295 7.75 -4.19 20.09
CA CYS D 295 7.13 -3.16 19.28
C CYS D 295 8.06 -2.73 18.17
N ALA D 296 9.37 -2.62 18.47
CA ALA D 296 10.38 -2.31 17.47
C ALA D 296 10.39 -3.37 16.38
N LEU D 297 10.24 -4.64 16.76
CA LEU D 297 10.28 -5.66 15.74
C LEU D 297 9.07 -5.57 14.82
N GLN D 298 7.89 -5.32 15.39
CA GLN D 298 6.70 -5.09 14.58
C GLN D 298 6.96 -3.99 13.56
N ALA D 299 7.51 -2.88 14.02
CA ALA D 299 7.79 -1.76 13.14
C ALA D 299 8.71 -2.17 11.99
N ALA D 300 9.81 -2.82 12.30
CA ALA D 300 10.70 -3.26 11.23
C ALA D 300 10.01 -4.22 10.26
N MET D 301 9.18 -5.13 10.79
CA MET D 301 8.48 -6.08 9.93
C MET D 301 7.42 -5.41 9.05
N GLU D 302 6.85 -4.28 9.50
CA GLU D 302 5.95 -3.48 8.66
C GLU D 302 6.70 -2.61 7.68
N GLY D 303 8.02 -2.63 7.71
CA GLY D 303 8.80 -1.95 6.70
C GLY D 303 9.26 -0.58 7.10
N TYR D 304 9.22 -0.24 8.38
CA TYR D 304 9.71 1.04 8.85
C TYR D 304 11.15 0.90 9.34
N GLU D 305 12.00 1.86 8.95
CA GLU D 305 13.33 1.94 9.55
C GLU D 305 13.25 2.41 11.00
N VAL D 306 13.83 1.63 11.92
CA VAL D 306 13.79 1.93 13.35
C VAL D 306 15.10 2.53 13.80
N VAL D 307 15.06 3.76 14.29
CA VAL D 307 16.24 4.58 14.53
C VAL D 307 16.04 5.34 15.83
N THR D 308 17.11 5.94 16.33
CA THR D 308 17.04 6.80 17.49
C THR D 308 16.65 8.22 17.07
N MET D 309 16.16 8.99 18.04
CA MET D 309 15.89 10.40 17.79
C MET D 309 17.16 11.18 17.43
N GLU D 310 18.30 10.80 17.99
CA GLU D 310 19.53 11.48 17.58
C GLU D 310 19.83 11.25 16.10
N ASP D 311 19.56 10.03 15.62
CA ASP D 311 19.72 9.71 14.21
C ASP D 311 18.74 10.50 13.35
N ALA D 312 17.48 10.57 13.79
CA ALA D 312 16.42 11.22 13.02
C ALA D 312 16.54 12.73 13.01
N ALA D 313 17.02 13.32 14.11
CA ALA D 313 16.91 14.77 14.29
C ALA D 313 17.42 15.58 13.11
N PRO D 314 18.62 15.33 12.57
CA PRO D 314 19.11 16.19 11.49
C PRO D 314 18.50 15.91 10.13
N ARG D 315 17.70 14.86 9.96
CA ARG D 315 17.32 14.49 8.63
C ARG D 315 15.82 14.42 8.37
N ALA D 316 14.99 14.21 9.37
CA ALA D 316 13.57 14.10 9.09
C ALA D 316 12.96 15.47 8.76
N ASP D 317 11.93 15.45 7.90
CA ASP D 317 11.14 16.64 7.60
C ASP D 317 10.03 16.89 8.58
N ILE D 318 9.55 15.84 9.25
CA ILE D 318 8.34 15.83 10.05
C ILE D 318 8.59 14.89 11.24
N PHE D 319 8.27 15.37 12.45
CA PHE D 319 8.43 14.60 13.69
C PHE D 319 7.09 14.52 14.40
N VAL D 320 6.75 13.33 14.88
CA VAL D 320 5.51 13.10 15.59
C VAL D 320 5.86 12.29 16.81
N THR D 321 5.62 12.82 18.01
CA THR D 321 5.79 12.02 19.22
C THR D 321 4.51 11.26 19.53
N ALA D 322 4.65 9.98 19.87
CA ALA D 322 3.50 9.13 20.14
C ALA D 322 3.84 8.12 21.23
N THR D 323 4.62 8.52 22.24
CA THR D 323 5.16 7.61 23.24
C THR D 323 4.40 7.59 24.56
N GLY D 324 3.71 8.66 24.92
CA GLY D 324 3.24 8.83 26.27
C GLY D 324 4.33 8.95 27.32
N ASN D 325 5.57 9.16 26.92
CA ASN D 325 6.68 9.37 27.83
C ASN D 325 7.03 10.88 27.85
N LYS D 326 8.11 11.25 28.55
CA LYS D 326 8.51 12.64 28.58
C LYS D 326 9.89 12.83 27.92
N ASP D 327 10.16 14.05 27.45
CA ASP D 327 11.49 14.43 26.96
C ASP D 327 11.95 13.53 25.80
N ILE D 328 11.02 13.27 24.87
CA ILE D 328 11.29 12.53 23.64
C ILE D 328 12.03 13.39 22.63
N ILE D 329 11.59 14.63 22.44
CA ILE D 329 12.27 15.56 21.53
C ILE D 329 12.76 16.73 22.36
N THR D 330 14.07 16.82 22.52
CA THR D 330 14.66 17.80 23.42
C THR D 330 15.05 19.07 22.66
N ILE D 331 15.50 20.07 23.40
CA ILE D 331 16.04 21.28 22.79
C ILE D 331 17.22 20.93 21.89
N GLU D 332 18.06 19.99 22.31
CA GLU D 332 19.22 19.60 21.53
C GLU D 332 18.81 18.97 20.19
N HIS D 333 17.75 18.17 20.21
CA HIS D 333 17.21 17.62 18.95
C HIS D 333 16.79 18.74 18.01
N MET D 334 16.06 19.72 18.54
CA MET D 334 15.46 20.74 17.68
C MET D 334 16.50 21.73 17.18
N ARG D 335 17.59 21.90 17.89
CA ARG D 335 18.69 22.68 17.35
C ARG D 335 19.35 22.00 16.17
N ALA D 336 19.33 20.68 16.13
CA ALA D 336 19.93 19.92 15.04
C ALA D 336 18.99 19.75 13.86
N MET D 337 17.72 20.08 14.00
CA MET D 337 16.71 19.84 12.99
C MET D 337 16.94 20.76 11.78
N LYS D 338 16.47 20.31 10.62
CA LYS D 338 16.64 21.11 9.42
C LYS D 338 15.71 22.32 9.47
N ASP D 339 16.03 23.34 8.68
CA ASP D 339 15.22 24.54 8.71
C ASP D 339 13.79 24.21 8.25
N ARG D 340 12.81 24.64 9.05
CA ARG D 340 11.36 24.53 8.82
C ARG D 340 10.87 23.07 8.83
N ALA D 341 11.62 22.20 9.49
CA ALA D 341 11.10 20.92 9.98
C ALA D 341 9.80 21.14 10.75
N ILE D 342 8.87 20.21 10.60
CA ILE D 342 7.58 20.25 11.30
C ILE D 342 7.63 19.31 12.50
N VAL D 343 7.11 19.77 13.64
CA VAL D 343 7.17 19.02 14.90
C VAL D 343 5.78 19.00 15.53
N CYS D 344 5.31 17.83 15.94
CA CYS D 344 4.01 17.77 16.61
C CYS D 344 3.93 16.56 17.53
N ASN D 345 2.83 16.52 18.29
CA ASN D 345 2.62 15.52 19.33
C ASN D 345 1.19 15.01 19.25
N ILE D 346 1.03 13.69 19.27
CA ILE D 346 -0.29 13.10 19.35
C ILE D 346 -0.42 12.20 20.58
N GLY D 347 0.55 12.27 21.52
CA GLY D 347 0.39 11.74 22.86
C GLY D 347 -0.38 12.72 23.74
N HIS D 348 -0.78 12.27 24.93
CA HIS D 348 -1.79 13.03 25.63
C HIS D 348 -1.27 14.23 26.42
N PHE D 349 0.03 14.32 26.72
CA PHE D 349 0.59 15.44 27.45
C PHE D 349 1.62 16.20 26.62
N ASP D 350 1.80 17.47 26.95
CA ASP D 350 2.65 18.37 26.17
C ASP D 350 4.09 18.39 26.70
N ASN D 351 4.51 17.37 27.40
CA ASN D 351 5.90 17.26 27.78
C ASN D 351 6.68 16.23 26.93
N GLU D 352 6.06 15.59 25.92
CA GLU D 352 6.84 14.72 25.02
C GLU D 352 7.91 15.52 24.27
N ILE D 353 7.53 16.64 23.70
CA ILE D 353 8.42 17.67 23.18
C ILE D 353 8.77 18.59 24.33
N GLN D 354 10.01 19.08 24.37
CA GLN D 354 10.43 20.04 25.39
C GLN D 354 9.96 21.45 25.00
N ILE D 355 8.64 21.65 25.06
CA ILE D 355 8.04 22.94 24.69
C ILE D 355 8.54 24.06 25.61
N ALA D 356 8.61 23.80 26.91
CA ALA D 356 8.98 24.84 27.88
C ALA D 356 10.36 25.42 27.58
N SER D 357 11.29 24.58 27.12
CA SER D 357 12.62 25.01 26.73
C SER D 357 12.64 25.86 25.46
N LEU D 358 11.54 25.94 24.70
CA LEU D 358 11.45 26.79 23.51
C LEU D 358 10.85 28.16 23.80
N ARG D 359 10.31 28.36 25.02
CA ARG D 359 9.49 29.53 25.27
C ARG D 359 10.27 30.83 25.34
N ASN D 360 11.59 30.77 25.39
CA ASN D 360 12.39 31.98 25.40
C ASN D 360 13.06 32.23 24.07
N LEU D 361 12.70 31.47 23.05
CA LEU D 361 13.03 31.70 21.66
C LEU D 361 11.94 32.58 21.06
N LYS D 362 12.22 33.12 19.88
CA LYS D 362 11.23 33.93 19.19
C LYS D 362 10.18 33.03 18.53
N TRP D 363 8.93 33.17 18.97
CA TRP D 363 7.78 32.55 18.33
C TRP D 363 7.10 33.55 17.42
N THR D 364 6.71 33.09 16.23
CA THR D 364 5.93 33.87 15.29
C THR D 364 4.70 33.05 14.97
N ASN D 365 3.53 33.53 15.36
CA ASN D 365 2.31 32.81 15.08
C ASN D 365 1.98 32.89 13.58
N ILE D 366 1.66 31.74 12.99
CA ILE D 366 1.23 31.72 11.59
C ILE D 366 -0.28 31.83 11.49
N LYS D 367 -0.99 31.05 12.29
CA LYS D 367 -2.44 30.98 12.40
C LYS D 367 -2.72 30.19 13.68
N PRO D 368 -3.97 30.02 14.11
CA PRO D 368 -4.22 29.24 15.33
C PRO D 368 -3.57 27.85 15.29
N GLN D 369 -2.89 27.51 16.38
CA GLN D 369 -2.20 26.25 16.59
C GLN D 369 -1.06 26.01 15.62
N VAL D 370 -0.50 27.06 15.01
CA VAL D 370 0.67 26.89 14.15
C VAL D 370 1.63 28.02 14.46
N ASP D 371 2.82 27.68 14.96
CA ASP D 371 3.82 28.68 15.27
C ASP D 371 5.17 28.32 14.67
N GLU D 372 5.88 29.34 14.23
CA GLU D 372 7.25 29.19 13.76
C GLU D 372 8.15 29.69 14.87
N ILE D 373 9.15 28.89 15.20
CA ILE D 373 10.06 29.16 16.30
C ILE D 373 11.45 29.31 15.71
N GLU D 374 12.14 30.39 16.05
CA GLU D 374 13.42 30.70 15.43
C GLU D 374 14.54 30.59 16.45
N PHE D 375 15.62 29.93 16.05
CA PHE D 375 16.75 29.66 16.92
C PHE D 375 17.82 30.72 16.72
N PRO D 376 18.78 30.81 17.65
CA PRO D 376 19.86 31.79 17.49
C PRO D 376 20.58 31.72 16.15
N ASP D 377 20.86 30.53 15.63
CA ASP D 377 21.50 30.46 14.33
C ASP D 377 20.52 30.71 13.19
N LYS D 378 19.28 31.09 13.52
CA LYS D 378 18.20 31.51 12.61
C LYS D 378 17.54 30.37 11.85
N HIS D 379 17.89 29.11 12.10
CA HIS D 379 17.03 28.08 11.57
C HIS D 379 15.75 28.05 12.38
N ARG D 380 14.70 27.54 11.76
CA ARG D 380 13.37 27.58 12.35
C ARG D 380 12.75 26.20 12.38
N ILE D 381 11.73 26.05 13.20
CA ILE D 381 10.90 24.85 13.14
C ILE D 381 9.45 25.30 13.20
N ILE D 382 8.58 24.50 12.63
CA ILE D 382 7.15 24.70 12.67
C ILE D 382 6.60 23.81 13.76
N MET D 383 6.07 24.42 14.81
CA MET D 383 5.44 23.71 15.91
C MET D 383 3.94 23.72 15.71
N LEU D 384 3.30 22.57 15.85
CA LEU D 384 1.85 22.48 15.77
C LEU D 384 1.23 22.32 17.15
N SER D 385 0.16 23.08 17.41
CA SER D 385 -0.69 22.98 18.61
C SER D 385 0.13 23.06 19.88
N GLU D 386 1.23 23.81 19.83
CA GLU D 386 2.05 24.05 21.00
C GLU D 386 2.46 22.73 21.64
N GLY D 387 2.60 21.71 20.80
CA GLY D 387 3.01 20.42 21.29
C GLY D 387 1.95 19.62 22.03
N ARG D 388 0.68 19.90 21.77
CA ARG D 388 -0.41 19.08 22.27
C ARG D 388 -1.15 18.45 21.10
N LEU D 389 -1.95 17.44 21.42
CA LEU D 389 -2.71 16.63 20.45
C LEU D 389 -2.93 17.31 19.11
N VAL D 390 -2.12 16.94 18.09
CA VAL D 390 -2.11 17.64 16.81
C VAL D 390 -3.39 17.39 16.01
N ASN D 391 -3.98 16.20 16.16
CA ASN D 391 -5.19 15.86 15.41
C ASN D 391 -6.39 16.69 15.86
N LEU D 392 -6.55 16.86 17.16
CA LEU D 392 -7.67 17.65 17.69
C LEU D 392 -7.37 19.15 17.72
N GLY D 393 -6.11 19.53 17.83
CA GLY D 393 -5.75 20.92 17.86
C GLY D 393 -5.75 21.58 16.48
N ASN D 394 -5.20 20.89 15.48
CA ASN D 394 -5.10 21.45 14.14
C ASN D 394 -6.18 20.95 13.20
N ALA D 395 -6.88 19.88 13.52
CA ALA D 395 -7.95 19.47 12.63
C ALA D 395 -9.14 19.07 13.49
N MET D 396 -9.84 17.98 13.16
CA MET D 396 -11.09 17.67 13.84
C MET D 396 -11.01 16.36 14.65
N GLY D 397 -9.81 15.92 14.99
CA GLY D 397 -9.67 14.62 15.65
C GLY D 397 -10.05 13.41 14.76
N HIS D 398 -10.26 12.26 15.43
CA HIS D 398 -10.73 11.07 14.73
C HIS D 398 -12.10 11.32 14.09
N PRO D 399 -12.37 10.72 12.92
CA PRO D 399 -13.70 10.80 12.32
C PRO D 399 -14.75 10.05 13.13
N SER D 400 -16.03 10.36 12.84
CA SER D 400 -17.14 9.91 13.69
C SER D 400 -17.27 8.38 13.76
N PHE D 401 -17.07 7.67 12.63
CA PHE D 401 -17.37 6.24 12.61
C PHE D 401 -16.55 5.49 13.64
N VAL D 402 -15.25 5.76 13.72
CA VAL D 402 -14.49 5.01 14.72
C VAL D 402 -14.84 5.46 16.14
N MET D 403 -15.13 6.75 16.34
CA MET D 403 -15.51 7.19 17.67
C MET D 403 -16.82 6.57 18.12
N SER D 404 -17.69 6.21 17.18
CA SER D 404 -18.93 5.51 17.51
C SER D 404 -18.64 4.20 18.24
N ALA D 405 -17.58 3.50 17.85
CA ALA D 405 -17.25 2.27 18.55
C ALA D 405 -16.80 2.57 19.97
N SER D 406 -15.91 3.54 20.13
CA SER D 406 -15.46 3.85 21.48
C SER D 406 -16.62 4.30 22.36
N PHE D 407 -17.50 5.11 21.81
CA PHE D 407 -18.53 5.75 22.57
C PHE D 407 -19.71 4.83 22.82
N THR D 408 -19.86 3.80 22.01
CA THR D 408 -20.84 2.77 22.31
C THR D 408 -20.38 1.97 23.52
N ASN D 409 -19.09 1.68 23.60
CA ASN D 409 -18.51 1.08 24.80
C ASN D 409 -18.81 1.94 26.04
N GLN D 410 -18.59 3.25 25.94
CA GLN D 410 -18.88 4.16 27.04
C GLN D 410 -20.34 4.08 27.46
N THR D 411 -21.24 4.12 26.50
CA THR D 411 -22.64 4.04 26.82
C THR D 411 -22.97 2.73 27.53
N LEU D 412 -22.45 1.61 27.02
CA LEU D 412 -22.74 0.32 27.67
C LEU D 412 -22.12 0.27 29.06
N ALA D 413 -20.96 0.91 29.22
CA ALA D 413 -20.30 0.96 30.52
C ALA D 413 -21.10 1.76 31.54
N GLN D 414 -21.67 2.88 31.13
CA GLN D 414 -22.55 3.63 32.02
C GLN D 414 -23.78 2.80 32.41
N ILE D 415 -24.34 2.07 31.46
CA ILE D 415 -25.50 1.24 31.76
C ILE D 415 -25.11 0.15 32.74
N GLU D 416 -23.91 -0.42 32.55
CA GLU D 416 -23.45 -1.47 33.43
C GLU D 416 -23.39 -0.99 34.86
N LEU D 417 -22.74 0.17 35.08
CA LEU D 417 -22.46 0.66 36.42
C LEU D 417 -23.71 1.21 37.05
N PHE D 418 -24.53 1.90 36.25
CA PHE D 418 -25.69 2.57 36.81
C PHE D 418 -26.87 1.64 36.92
N ALA D 419 -27.05 0.74 35.96
CA ALA D 419 -28.25 -0.07 35.92
C ALA D 419 -28.03 -1.54 36.20
N ASN D 420 -26.80 -2.03 36.20
CA ASN D 420 -26.60 -3.47 36.33
C ASN D 420 -25.68 -3.78 37.49
N ASN D 421 -25.83 -3.07 38.61
CA ASN D 421 -24.99 -3.35 39.76
C ASN D 421 -25.81 -3.66 41.00
N LYS D 422 -27.04 -4.17 40.82
CA LYS D 422 -27.93 -4.42 41.95
C LYS D 422 -27.35 -5.44 42.92
N ASP D 423 -26.53 -6.36 42.42
CA ASP D 423 -25.88 -7.38 43.22
C ASP D 423 -24.47 -6.98 43.65
N SER D 424 -24.09 -5.71 43.43
CA SER D 424 -22.72 -5.25 43.67
C SER D 424 -21.69 -6.19 43.03
N LYS D 425 -21.97 -6.64 41.80
CA LYS D 425 -20.94 -7.33 41.06
C LYS D 425 -19.75 -6.41 40.77
N TYR D 426 -19.95 -5.09 40.73
CA TYR D 426 -18.85 -4.15 40.57
C TYR D 426 -18.56 -3.55 41.94
N ALA D 427 -17.44 -3.99 42.56
CA ALA D 427 -16.96 -3.44 43.81
C ALA D 427 -16.05 -2.26 43.50
N LYS D 428 -15.28 -1.79 44.49
CA LYS D 428 -14.37 -0.66 44.26
C LYS D 428 -13.07 -1.19 43.66
N LYS D 429 -13.20 -1.68 42.43
CA LYS D 429 -12.09 -2.19 41.66
C LYS D 429 -12.34 -1.84 40.18
N VAL D 430 -11.37 -2.17 39.32
CA VAL D 430 -11.41 -1.89 37.89
C VAL D 430 -11.84 -3.12 37.10
N TYR D 431 -12.87 -2.97 36.28
CA TYR D 431 -13.46 -4.05 35.49
C TYR D 431 -13.37 -3.68 34.03
N VAL D 432 -13.52 -4.69 33.16
CA VAL D 432 -13.70 -4.47 31.73
C VAL D 432 -15.03 -5.04 31.32
N LEU D 433 -15.57 -4.53 30.23
CA LEU D 433 -16.82 -5.07 29.71
C LEU D 433 -16.64 -6.54 29.31
N PRO D 434 -17.68 -7.36 29.44
CA PRO D 434 -17.58 -8.75 28.99
C PRO D 434 -17.42 -8.85 27.48
N LYS D 435 -16.79 -9.94 27.04
CA LYS D 435 -16.52 -10.08 25.61
C LYS D 435 -17.81 -10.02 24.77
N THR D 436 -18.92 -10.52 25.26
CA THR D 436 -20.10 -10.49 24.39
C THR D 436 -20.60 -9.06 24.13
N LEU D 437 -20.42 -8.14 25.09
CA LEU D 437 -20.79 -6.75 24.81
C LEU D 437 -19.79 -6.10 23.86
N ASP D 438 -18.52 -6.39 24.06
CA ASP D 438 -17.46 -5.99 23.13
C ASP D 438 -17.80 -6.41 21.69
N GLU D 439 -18.11 -7.68 21.50
CA GLU D 439 -18.56 -8.16 20.20
C GLU D 439 -19.83 -7.45 19.75
N LYS D 440 -20.74 -7.12 20.68
CA LYS D 440 -21.95 -6.41 20.30
C LYS D 440 -21.61 -5.05 19.68
N VAL D 441 -20.68 -4.33 20.28
CA VAL D 441 -20.28 -3.04 19.73
C VAL D 441 -19.91 -3.21 18.26
N ALA D 442 -19.02 -4.18 17.96
CA ALA D 442 -18.63 -4.43 16.57
C ALA D 442 -19.84 -4.74 15.70
N ARG D 443 -20.68 -5.65 16.16
CA ARG D 443 -21.86 -6.04 15.41
C ARG D 443 -22.68 -4.83 14.96
N LEU D 444 -22.89 -3.88 15.86
CA LEU D 444 -23.74 -2.73 15.58
C LEU D 444 -23.19 -1.86 14.46
N HIS D 445 -21.92 -2.02 14.10
CA HIS D 445 -21.28 -1.18 13.10
C HIS D 445 -21.09 -1.85 11.74
N LEU D 446 -21.55 -3.11 11.58
CA LEU D 446 -21.30 -3.86 10.36
C LEU D 446 -22.23 -3.45 9.23
N ALA D 447 -23.52 -3.24 9.51
CA ALA D 447 -24.47 -3.01 8.41
C ALA D 447 -24.14 -1.71 7.67
N LYS D 448 -23.74 -0.68 8.41
CA LYS D 448 -23.51 0.63 7.84
C LYS D 448 -22.37 0.62 6.82
N ILE D 449 -21.42 -0.31 6.96
CA ILE D 449 -20.33 -0.40 6.01
C ILE D 449 -20.44 -1.65 5.13
N GLY D 450 -21.63 -2.24 5.04
CA GLY D 450 -21.87 -3.33 4.11
C GLY D 450 -21.18 -4.63 4.42
N VAL D 451 -20.81 -4.87 5.65
CA VAL D 451 -20.25 -6.14 6.05
C VAL D 451 -21.39 -7.15 6.18
N LYS D 452 -21.16 -8.37 5.70
CA LYS D 452 -22.13 -9.45 5.85
C LYS D 452 -21.41 -10.58 6.57
N LEU D 453 -21.79 -10.74 7.83
CA LEU D 453 -21.18 -11.70 8.72
C LEU D 453 -21.75 -13.08 8.44
N THR D 454 -20.88 -14.08 8.43
CA THR D 454 -21.28 -15.49 8.28
C THR D 454 -21.82 -16.00 9.61
N GLU D 455 -22.87 -16.82 9.57
CA GLU D 455 -23.43 -17.46 10.75
C GLU D 455 -22.90 -18.89 10.87
N LEU D 456 -22.34 -19.24 12.02
CA LEU D 456 -21.95 -20.62 12.28
C LEU D 456 -23.15 -21.55 12.30
N ARG D 457 -23.08 -22.64 11.56
CA ARG D 457 -23.94 -23.78 11.89
C ARG D 457 -23.57 -24.40 13.25
N LYS D 458 -24.54 -25.13 13.84
CA LYS D 458 -24.29 -25.70 15.15
C LYS D 458 -23.08 -26.62 15.12
N ASP D 459 -22.98 -27.46 14.08
CA ASP D 459 -21.86 -28.39 14.00
C ASP D 459 -20.54 -27.62 13.93
N GLN D 460 -20.51 -26.51 13.17
CA GLN D 460 -19.30 -25.69 13.09
C GLN D 460 -18.94 -25.05 14.43
N ALA D 461 -19.95 -24.56 15.18
CA ALA D 461 -19.65 -23.90 16.44
C ALA D 461 -19.11 -24.90 17.46
N ASP D 462 -19.76 -26.06 17.55
CA ASP D 462 -19.23 -27.11 18.40
C ASP D 462 -17.82 -27.50 17.97
N TYR D 463 -17.57 -27.54 16.66
CA TYR D 463 -16.27 -27.98 16.17
C TYR D 463 -15.14 -27.09 16.65
N ILE D 464 -15.39 -25.78 16.82
CA ILE D 464 -14.37 -24.87 17.33
C ILE D 464 -14.59 -24.49 18.80
N GLY D 465 -15.60 -25.05 19.45
CA GLY D 465 -15.71 -24.87 20.89
C GLY D 465 -16.35 -23.57 21.33
N VAL D 466 -17.21 -23.00 20.49
CA VAL D 466 -17.88 -21.74 20.80
C VAL D 466 -19.38 -21.92 20.62
N LYS D 467 -20.15 -21.04 21.26
CA LYS D 467 -21.56 -20.91 20.95
C LYS D 467 -21.77 -20.13 19.66
N GLN D 468 -22.85 -20.47 18.94
CA GLN D 468 -23.14 -19.77 17.69
C GLN D 468 -23.17 -18.27 17.89
N GLU D 469 -23.69 -17.81 19.04
CA GLU D 469 -23.82 -16.39 19.28
C GLU D 469 -22.63 -15.79 20.01
N GLY D 470 -21.53 -16.52 20.11
CA GLY D 470 -20.36 -16.01 20.83
C GLY D 470 -20.47 -16.15 22.34
N PRO D 471 -19.43 -15.75 23.07
CA PRO D 471 -18.23 -15.11 22.53
C PRO D 471 -17.37 -16.08 21.72
N TYR D 472 -16.66 -15.54 20.73
CA TYR D 472 -15.92 -16.35 19.75
C TYR D 472 -14.48 -16.61 20.12
N LYS D 473 -13.92 -15.89 21.08
CA LYS D 473 -12.49 -15.94 21.35
C LYS D 473 -12.33 -16.02 22.84
N SER D 474 -11.20 -16.56 23.29
CA SER D 474 -10.92 -16.53 24.71
C SER D 474 -10.64 -15.11 25.19
N ASP D 475 -10.67 -14.93 26.52
CA ASP D 475 -10.36 -13.60 27.01
C ASP D 475 -8.91 -13.22 26.84
N HIS D 476 -8.01 -14.14 26.53
CA HIS D 476 -6.62 -13.74 26.32
C HIS D 476 -6.28 -13.47 24.86
N TYR D 477 -7.25 -13.61 23.97
CA TYR D 477 -7.00 -13.44 22.54
C TYR D 477 -6.62 -12.00 22.24
N ARG D 478 -5.60 -11.82 21.40
CA ARG D 478 -5.06 -10.48 21.17
C ARG D 478 -5.60 -9.78 19.91
N TYR D 479 -6.31 -10.50 19.04
CA TYR D 479 -6.82 -9.95 17.81
C TYR D 479 -5.69 -9.33 16.92
#